data_8X83
#
_entry.id   8X83
#
_cell.length_a   1.00
_cell.length_b   1.00
_cell.length_c   1.00
_cell.angle_alpha   90.00
_cell.angle_beta   90.00
_cell.angle_gamma   90.00
#
_symmetry.space_group_name_H-M   'P 1'
#
loop_
_entity.id
_entity.type
_entity.pdbx_description
1 polymer 'Gustatory receptor for sugar taste 43a'
2 non-polymer 'SODIUM ION'
3 non-polymer beta-D-fructofuranose
4 water water
#
_entity_poly.entity_id   1
_entity_poly.type   'polypeptide(L)'
_entity_poly.pdbx_seq_one_letter_code
;MEISQPSIGIFYISKVLALAPYATVRNSKGRVEIGRSWLFTVYSATLTVVMVFLTYRGLLFDANSEIPVRMKSATSKVVT
ALDVSVVVMAIVSGVYCGLFSLNDTLELNDRLNKIDNTLNAYNNFRRDRWRALGMAAVSLLAISILVGLDVGTWMRIAQD
MNIAQSDTELNVHWYIPFYSLYFILTGLQVNIANTAYGLGRRFGRLNRMLSSSFLAENNATSAIKPQKVSTVKNVSVNRP
AMPSALHASLTKLNGETLPSEAAAKNKGLLLKSLADSHESLGKCVHLLSNSFGIAVLFILVSCLLHLVATAYFLFLELLS
KRDNGYLWVQMLWICFHFLRLLMVVEPCHLAARESRKTIQIVCEIERKVHEPILAEAVKKFWQQLLVVDADFSACGLCRV
NRTILTSFASAIATYLVALIQFQRTNGLEGGSSGGWSHPQFEK
;
_entity_poly.pdbx_strand_id   A,B,C,D
#
loop_
_chem_comp.id
_chem_comp.type
_chem_comp.name
_chem_comp.formula
FRU D-saccharide, beta linking beta-D-fructofuranose 'C6 H12 O6'
NA non-polymer 'SODIUM ION' 'Na 1'
#
# COMPACT_ATOMS: atom_id res chain seq x y z
N MET A 1 7.04 24.80 -15.39
CA MET A 1 8.07 25.66 -14.75
C MET A 1 7.58 27.09 -14.59
N GLU A 2 7.90 27.69 -13.45
CA GLU A 2 7.48 29.05 -13.14
C GLU A 2 8.63 30.02 -13.39
N ILE A 3 8.37 31.04 -14.19
CA ILE A 3 9.36 32.08 -14.49
C ILE A 3 8.68 33.41 -14.22
N SER A 4 8.89 33.94 -13.01
CA SER A 4 8.31 35.20 -12.59
C SER A 4 9.41 36.16 -12.13
N GLN A 5 9.06 37.44 -12.10
CA GLN A 5 10.03 38.49 -11.77
C GLN A 5 10.58 38.29 -10.35
N PRO A 6 9.73 38.01 -9.35
CA PRO A 6 10.27 37.77 -8.01
C PRO A 6 11.28 36.63 -7.97
N SER A 7 11.03 35.56 -8.71
CA SER A 7 11.90 34.39 -8.74
C SER A 7 12.74 34.32 -10.00
N ILE A 8 13.04 35.47 -10.62
CA ILE A 8 13.83 35.47 -11.84
C ILE A 8 15.27 35.07 -11.56
N GLY A 9 15.74 35.28 -10.33
CA GLY A 9 17.08 34.84 -9.98
C GLY A 9 17.22 33.34 -10.05
N ILE A 10 16.23 32.61 -9.55
CA ILE A 10 16.23 31.15 -9.66
C ILE A 10 16.22 30.75 -11.13
N PHE A 11 15.47 31.47 -11.95
CA PHE A 11 15.44 31.17 -13.37
C PHE A 11 16.81 31.34 -14.00
N TYR A 12 17.52 32.42 -13.66
CA TYR A 12 18.84 32.64 -14.22
C TYR A 12 19.82 31.57 -13.74
N ILE A 13 19.72 31.19 -12.46
CA ILE A 13 20.57 30.13 -11.93
C ILE A 13 20.34 28.83 -12.71
N SER A 14 19.07 28.49 -12.94
CA SER A 14 18.77 27.28 -13.69
C SER A 14 19.21 27.40 -15.14
N LYS A 15 19.18 28.61 -15.69
CA LYS A 15 19.56 28.83 -17.08
C LYS A 15 21.06 28.63 -17.28
N VAL A 16 21.88 29.24 -16.43
CA VAL A 16 23.32 29.03 -16.53
C VAL A 16 23.70 27.61 -16.16
N LEU A 17 22.86 26.91 -15.40
CA LEU A 17 23.11 25.53 -15.02
C LEU A 17 22.51 24.53 -16.01
N ALA A 18 22.13 24.98 -17.21
CA ALA A 18 21.67 24.13 -18.30
C ALA A 18 20.30 23.51 -18.04
N LEU A 19 19.43 24.18 -17.27
CA LEU A 19 18.13 23.63 -16.92
C LEU A 19 16.95 24.44 -17.44
N ALA A 20 17.15 25.71 -17.77
CA ALA A 20 16.07 26.58 -18.26
C ALA A 20 16.53 27.28 -19.52
N PRO A 21 16.57 26.57 -20.64
CA PRO A 21 17.01 27.17 -21.91
C PRO A 21 15.93 28.02 -22.57
N TYR A 22 15.57 29.11 -21.89
CA TYR A 22 14.53 30.01 -22.36
C TYR A 22 15.03 31.45 -22.32
N ALA A 23 14.58 32.23 -23.30
CA ALA A 23 14.83 33.66 -23.34
C ALA A 23 13.57 34.39 -22.87
N THR A 24 13.72 35.25 -21.87
CA THR A 24 12.59 35.94 -21.26
C THR A 24 12.80 37.44 -21.41
N VAL A 25 11.74 38.14 -21.79
CA VAL A 25 11.75 39.59 -21.92
C VAL A 25 10.62 40.15 -21.06
N ARG A 26 10.96 41.13 -20.23
CA ARG A 26 9.96 41.74 -19.35
C ARG A 26 9.23 42.85 -20.08
N ASN A 27 7.92 42.73 -20.16
CA ASN A 27 7.10 43.73 -20.85
C ASN A 27 7.03 45.02 -20.05
N SER A 28 6.51 46.08 -20.67
CA SER A 28 6.27 47.31 -19.93
C SER A 28 5.17 47.13 -18.90
N LYS A 29 4.36 46.08 -19.01
CA LYS A 29 3.32 45.78 -18.03
C LYS A 29 3.85 44.99 -16.84
N GLY A 30 5.14 44.66 -16.83
CA GLY A 30 5.70 43.82 -15.79
C GLY A 30 5.60 42.33 -16.05
N ARG A 31 5.03 41.94 -17.19
CA ARG A 31 4.88 40.53 -17.53
C ARG A 31 6.14 40.02 -18.21
N VAL A 32 6.43 38.74 -18.03
CA VAL A 32 7.65 38.12 -18.53
C VAL A 32 7.24 37.18 -19.67
N GLU A 33 7.48 37.60 -20.91
CA GLU A 33 7.24 36.75 -22.06
C GLU A 33 8.42 35.81 -22.25
N ILE A 34 8.11 34.54 -22.51
CA ILE A 34 9.09 33.46 -22.55
C ILE A 34 9.10 32.88 -23.95
N GLY A 35 10.30 32.54 -24.44
CA GLY A 35 10.43 31.86 -25.71
C GLY A 35 11.65 30.96 -25.69
N ARG A 36 11.80 30.18 -26.75
CA ARG A 36 12.95 29.29 -26.84
C ARG A 36 14.22 30.08 -27.15
N SER A 37 15.31 29.69 -26.50
CA SER A 37 16.63 30.28 -26.72
C SER A 37 17.53 29.18 -27.25
N TRP A 38 17.71 29.14 -28.57
CA TRP A 38 18.48 28.07 -29.19
C TRP A 38 19.94 28.09 -28.75
N LEU A 39 20.51 29.28 -28.57
CA LEU A 39 21.87 29.37 -28.05
C LEU A 39 21.99 28.64 -26.73
N PHE A 40 21.12 28.98 -25.77
CA PHE A 40 21.15 28.33 -24.47
C PHE A 40 20.65 26.89 -24.53
N THR A 41 19.79 26.55 -25.49
CA THR A 41 19.39 25.17 -25.67
C THR A 41 20.61 24.29 -26.00
N VAL A 42 21.36 24.68 -27.03
CA VAL A 42 22.54 23.91 -27.40
C VAL A 42 23.60 23.99 -26.32
N TYR A 43 23.73 25.14 -25.64
CA TYR A 43 24.68 25.24 -24.53
C TYR A 43 24.33 24.24 -23.44
N SER A 44 23.06 24.16 -23.06
CA SER A 44 22.64 23.23 -22.03
C SER A 44 22.91 21.79 -22.44
N ALA A 45 22.53 21.42 -23.66
CA ALA A 45 22.75 20.05 -24.11
C ALA A 45 24.24 19.71 -24.12
N THR A 46 25.06 20.60 -24.70
CA THR A 46 26.48 20.34 -24.80
C THR A 46 27.13 20.27 -23.43
N LEU A 47 26.75 21.17 -22.52
CA LEU A 47 27.33 21.16 -21.18
C LEU A 47 26.94 19.87 -20.45
N THR A 48 25.69 19.44 -20.56
CA THR A 48 25.28 18.21 -19.92
C THR A 48 26.08 17.02 -20.44
N VAL A 49 26.18 16.89 -21.77
CA VAL A 49 26.92 15.76 -22.33
C VAL A 49 28.38 15.82 -21.92
N VAL A 50 29.00 16.99 -22.01
CA VAL A 50 30.42 17.12 -21.71
C VAL A 50 30.69 16.78 -20.26
N MET A 51 29.85 17.29 -19.35
CA MET A 51 30.11 17.05 -17.93
C MET A 51 29.83 15.61 -17.54
N VAL A 52 28.82 14.98 -18.15
CA VAL A 52 28.60 13.56 -17.89
C VAL A 52 29.80 12.75 -18.38
N PHE A 53 30.30 13.06 -19.58
CA PHE A 53 31.46 12.35 -20.11
C PHE A 53 32.67 12.53 -19.20
N LEU A 54 32.91 13.77 -18.75
CA LEU A 54 34.04 14.03 -17.87
C LEU A 54 33.88 13.31 -16.53
N THR A 55 32.67 13.29 -15.98
CA THR A 55 32.44 12.60 -14.71
C THR A 55 32.76 11.11 -14.85
N TYR A 56 32.23 10.47 -15.89
CA TYR A 56 32.49 9.04 -16.07
C TYR A 56 33.95 8.78 -16.45
N ARG A 57 34.59 9.70 -17.16
CA ARG A 57 36.01 9.55 -17.47
C ARG A 57 36.85 9.60 -16.20
N GLY A 58 36.55 10.54 -15.30
CA GLY A 58 37.22 10.57 -14.02
C GLY A 58 36.96 9.33 -13.20
N LEU A 59 35.73 8.82 -13.25
CA LEU A 59 35.42 7.57 -12.55
C LEU A 59 36.31 6.44 -13.06
N LEU A 60 36.37 6.28 -14.39
CA LEU A 60 37.20 5.22 -14.96
C LEU A 60 38.67 5.43 -14.63
N PHE A 61 39.13 6.68 -14.69
CA PHE A 61 40.52 6.97 -14.36
C PHE A 61 40.84 6.57 -12.93
N ASP A 62 39.96 6.89 -11.98
CA ASP A 62 40.15 6.46 -10.61
C ASP A 62 40.17 4.94 -10.51
N ALA A 63 39.23 4.28 -11.21
CA ALA A 63 39.17 2.83 -11.15
C ALA A 63 40.40 2.18 -11.78
N ASN A 64 40.97 2.80 -12.82
CA ASN A 64 42.11 2.25 -13.53
C ASN A 64 43.44 2.86 -13.08
N SER A 65 43.43 3.64 -12.01
CA SER A 65 44.66 4.27 -11.53
C SER A 65 45.49 3.27 -10.72
N GLU A 66 46.75 3.65 -10.48
CA GLU A 66 47.64 2.79 -9.72
C GLU A 66 47.16 2.65 -8.27
N ILE A 67 46.79 3.77 -7.65
CA ILE A 67 46.22 3.75 -6.31
C ILE A 67 44.85 4.43 -6.36
N PRO A 68 43.76 3.68 -6.60
CA PRO A 68 42.43 4.30 -6.57
C PRO A 68 42.15 4.93 -5.21
N VAL A 69 41.48 6.08 -5.25
CA VAL A 69 41.14 6.79 -4.02
C VAL A 69 39.77 6.38 -3.51
N ARG A 70 38.78 6.39 -4.39
CA ARG A 70 37.40 6.04 -4.04
C ARG A 70 36.96 4.69 -4.59
N MET A 71 37.33 4.38 -5.83
CA MET A 71 36.93 3.13 -6.48
C MET A 71 38.04 2.11 -6.28
N LYS A 72 38.09 1.55 -5.07
CA LYS A 72 39.12 0.59 -4.68
C LYS A 72 38.57 -0.82 -4.58
N SER A 73 37.57 -1.04 -3.74
CA SER A 73 36.98 -2.35 -3.56
C SER A 73 35.76 -2.51 -4.45
N ALA A 74 35.45 -3.77 -4.77
CA ALA A 74 34.27 -4.05 -5.59
C ALA A 74 33.03 -3.39 -4.99
N THR A 75 32.84 -3.51 -3.69
CA THR A 75 31.71 -2.85 -3.03
C THR A 75 31.82 -1.34 -3.17
N SER A 76 33.00 -0.79 -2.90
CA SER A 76 33.20 0.64 -3.05
C SER A 76 33.03 1.08 -4.49
N LYS A 77 33.57 0.32 -5.44
CA LYS A 77 33.40 0.63 -6.85
C LYS A 77 31.93 0.71 -7.22
N VAL A 78 31.16 -0.31 -6.84
CA VAL A 78 29.74 -0.34 -7.20
C VAL A 78 28.99 0.80 -6.54
N VAL A 79 29.26 1.06 -5.26
CA VAL A 79 28.54 2.11 -4.55
C VAL A 79 28.85 3.48 -5.16
N THR A 80 30.13 3.76 -5.43
CA THR A 80 30.48 5.04 -6.03
C THR A 80 29.93 5.19 -7.43
N ALA A 81 29.93 4.11 -8.21
CA ALA A 81 29.36 4.17 -9.55
C ALA A 81 27.86 4.45 -9.49
N LEU A 82 27.15 3.80 -8.56
CA LEU A 82 25.73 4.09 -8.39
C LEU A 82 25.49 5.52 -7.95
N ASP A 83 26.32 6.02 -7.03
CA ASP A 83 26.18 7.39 -6.55
C ASP A 83 26.36 8.38 -7.70
N VAL A 84 27.36 8.15 -8.55
CA VAL A 84 27.58 9.05 -9.68
C VAL A 84 26.48 8.91 -10.71
N SER A 85 26.01 7.68 -10.96
CA SER A 85 24.99 7.45 -11.98
C SER A 85 23.65 8.05 -11.60
N VAL A 86 23.27 7.99 -10.33
CA VAL A 86 22.00 8.60 -9.93
C VAL A 86 22.03 10.10 -10.17
N VAL A 87 23.15 10.75 -9.83
CA VAL A 87 23.26 12.19 -10.09
C VAL A 87 23.21 12.47 -11.58
N VAL A 88 23.94 11.67 -12.37
CA VAL A 88 23.95 11.89 -13.82
C VAL A 88 22.54 11.76 -14.39
N MET A 89 21.82 10.72 -13.97
CA MET A 89 20.47 10.50 -14.49
C MET A 89 19.53 11.60 -14.03
N ALA A 90 19.65 12.06 -12.79
CA ALA A 90 18.80 13.14 -12.30
C ALA A 90 19.02 14.42 -13.10
N ILE A 91 20.28 14.80 -13.28
CA ILE A 91 20.56 16.04 -14.02
C ILE A 91 20.17 15.90 -15.48
N VAL A 92 20.34 14.72 -16.06
CA VAL A 92 19.97 14.51 -17.45
C VAL A 92 18.47 14.61 -17.62
N SER A 93 17.71 14.01 -16.69
CA SER A 93 16.26 14.13 -16.74
C SER A 93 15.82 15.58 -16.56
N GLY A 94 16.46 16.32 -15.65
CA GLY A 94 16.11 17.72 -15.49
C GLY A 94 16.40 18.54 -16.74
N VAL A 95 17.55 18.31 -17.35
CA VAL A 95 17.92 19.03 -18.57
C VAL A 95 16.94 18.70 -19.70
N TYR A 96 16.62 17.41 -19.86
CA TYR A 96 15.67 17.00 -20.89
C TYR A 96 14.30 17.63 -20.64
N CYS A 97 13.87 17.67 -19.39
CA CYS A 97 12.58 18.28 -19.06
C CYS A 97 12.59 19.77 -19.41
N GLY A 98 13.65 20.47 -19.03
CA GLY A 98 13.76 21.88 -19.37
C GLY A 98 13.86 22.14 -20.86
N LEU A 99 14.40 21.18 -21.62
CA LEU A 99 14.51 21.33 -23.06
C LEU A 99 13.17 21.19 -23.76
N PHE A 100 12.36 20.23 -23.31
CA PHE A 100 11.10 19.87 -23.97
C PHE A 100 9.88 20.19 -23.11
N SER A 101 9.90 21.32 -22.42
CA SER A 101 8.78 21.76 -21.58
C SER A 101 8.53 23.25 -21.76
N LEU A 102 8.71 23.75 -22.99
CA LEU A 102 8.45 25.17 -23.25
C LEU A 102 6.96 25.45 -23.29
N ASN A 103 6.19 24.59 -23.96
CA ASN A 103 4.75 24.81 -24.04
C ASN A 103 4.11 24.72 -22.66
N ASP A 104 4.51 23.72 -21.87
CA ASP A 104 4.00 23.61 -20.51
C ASP A 104 4.39 24.82 -19.68
N THR A 105 5.63 25.31 -19.84
CA THR A 105 6.05 26.49 -19.11
C THR A 105 5.21 27.70 -19.47
N LEU A 106 4.96 27.91 -20.77
CA LEU A 106 4.14 29.04 -21.21
C LEU A 106 2.73 28.93 -20.63
N GLU A 107 2.11 27.76 -20.73
CA GLU A 107 0.77 27.58 -20.21
C GLU A 107 0.74 27.83 -18.70
N LEU A 108 1.72 27.28 -17.97
CA LEU A 108 1.76 27.45 -16.53
C LEU A 108 1.90 28.91 -16.15
N ASN A 109 2.78 29.64 -16.84
CA ASN A 109 2.96 31.05 -16.51
C ASN A 109 1.76 31.89 -16.87
N ASP A 110 1.07 31.59 -17.98
CA ASP A 110 -0.17 32.30 -18.30
C ASP A 110 -1.21 32.06 -17.21
N ARG A 111 -1.38 30.80 -16.81
CA ARG A 111 -2.35 30.47 -15.78
C ARG A 111 -2.00 31.16 -14.47
N LEU A 112 -0.71 31.16 -14.10
CA LEU A 112 -0.29 31.82 -12.88
C LEU A 112 -0.52 33.32 -12.97
N ASN A 113 -0.36 33.91 -14.16
CA ASN A 113 -0.67 35.33 -14.32
C ASN A 113 -2.14 35.61 -14.04
N LYS A 114 -3.04 34.82 -14.63
CA LYS A 114 -4.46 35.07 -14.38
C LYS A 114 -4.81 34.83 -12.91
N ILE A 115 -4.20 33.80 -12.29
CA ILE A 115 -4.47 33.52 -10.89
C ILE A 115 -3.99 34.66 -10.01
N ASP A 116 -2.79 35.18 -10.27
CA ASP A 116 -2.27 36.29 -9.50
C ASP A 116 -3.13 37.54 -9.67
N ASN A 117 -3.63 37.78 -10.90
CA ASN A 117 -4.58 38.87 -11.09
C ASN A 117 -5.82 38.65 -10.22
N THR A 118 -6.30 37.40 -10.16
CA THR A 118 -7.44 37.10 -9.31
C THR A 118 -7.09 37.27 -7.83
N LEU A 119 -5.89 36.84 -7.43
CA LEU A 119 -5.42 36.91 -6.06
C LEU A 119 -4.49 38.09 -5.80
N ASN A 120 -4.73 39.23 -6.46
CA ASN A 120 -3.85 40.37 -6.30
C ASN A 120 -3.85 40.89 -4.86
N ALA A 121 -4.90 40.59 -4.10
CA ALA A 121 -5.00 41.09 -2.73
C ALA A 121 -3.98 40.46 -1.80
N TYR A 122 -3.45 39.27 -2.12
CA TYR A 122 -2.53 38.57 -1.25
C TYR A 122 -1.14 38.41 -1.87
N ASN A 123 -0.88 39.06 -2.99
CA ASN A 123 0.43 38.99 -3.62
C ASN A 123 1.44 39.83 -2.86
N ASN A 124 2.60 39.24 -2.57
CA ASN A 124 3.69 39.93 -1.86
C ASN A 124 4.94 39.75 -2.72
N PHE A 125 5.20 40.74 -3.58
CA PHE A 125 6.37 40.65 -4.46
C PHE A 125 7.65 40.59 -3.65
N ARG A 126 7.77 41.45 -2.63
CA ARG A 126 9.00 41.50 -1.85
C ARG A 126 9.23 40.20 -1.10
N ARG A 127 8.19 39.71 -0.40
CA ARG A 127 8.34 38.47 0.36
C ARG A 127 8.62 37.29 -0.54
N ASP A 128 7.92 37.19 -1.68
CA ASP A 128 8.16 36.08 -2.60
C ASP A 128 9.58 36.13 -3.16
N ARG A 129 10.04 37.31 -3.57
CA ARG A 129 11.40 37.44 -4.08
C ARG A 129 12.41 37.04 -3.03
N TRP A 130 12.24 37.51 -1.79
CA TRP A 130 13.19 37.19 -0.75
C TRP A 130 13.18 35.72 -0.38
N ARG A 131 12.01 35.09 -0.33
CA ARG A 131 11.96 33.65 -0.08
C ARG A 131 12.65 32.87 -1.19
N ALA A 132 12.41 33.24 -2.45
CA ALA A 132 13.05 32.53 -3.56
C ALA A 132 14.56 32.70 -3.52
N LEU A 133 15.03 33.93 -3.35
CA LEU A 133 16.46 34.17 -3.28
C LEU A 133 17.09 33.49 -2.07
N GLY A 134 16.41 33.48 -0.93
CA GLY A 134 16.93 32.79 0.23
C GLY A 134 17.05 31.30 0.02
N MET A 135 16.03 30.68 -0.58
CA MET A 135 16.10 29.26 -0.86
C MET A 135 17.25 28.96 -1.80
N ALA A 136 17.36 29.73 -2.89
CA ALA A 136 18.44 29.49 -3.85
C ALA A 136 19.80 29.67 -3.20
N ALA A 137 19.99 30.76 -2.45
CA ALA A 137 21.27 31.03 -1.84
C ALA A 137 21.63 29.99 -0.80
N VAL A 138 20.67 29.58 0.03
CA VAL A 138 20.94 28.56 1.04
C VAL A 138 21.32 27.24 0.37
N SER A 139 20.57 26.83 -0.66
CA SER A 139 20.90 25.58 -1.34
C SER A 139 22.29 25.64 -1.96
N LEU A 140 22.59 26.71 -2.69
CA LEU A 140 23.89 26.82 -3.35
C LEU A 140 25.03 26.91 -2.35
N LEU A 141 24.86 27.68 -1.27
CA LEU A 141 25.89 27.77 -0.25
C LEU A 141 26.11 26.44 0.44
N ALA A 142 25.01 25.72 0.74
CA ALA A 142 25.14 24.42 1.37
C ALA A 142 25.90 23.45 0.48
N ILE A 143 25.53 23.38 -0.80
CA ILE A 143 26.22 22.45 -1.69
C ILE A 143 27.67 22.87 -1.90
N SER A 144 27.95 24.17 -1.94
CA SER A 144 29.32 24.63 -2.10
C SER A 144 30.17 24.26 -0.90
N ILE A 145 29.66 24.54 0.31
CA ILE A 145 30.39 24.19 1.53
C ILE A 145 30.60 22.68 1.60
N LEU A 146 29.57 21.91 1.27
CA LEU A 146 29.66 20.46 1.36
C LEU A 146 30.66 19.91 0.34
N VAL A 147 30.67 20.46 -0.87
CA VAL A 147 31.65 20.06 -1.87
C VAL A 147 33.06 20.42 -1.43
N GLY A 148 33.24 21.61 -0.85
CA GLY A 148 34.56 21.97 -0.34
C GLY A 148 35.04 21.03 0.73
N LEU A 149 34.17 20.72 1.69
CA LEU A 149 34.53 19.78 2.76
C LEU A 149 34.86 18.41 2.18
N ASP A 150 34.03 17.92 1.25
CA ASP A 150 34.25 16.59 0.67
C ASP A 150 35.57 16.55 -0.09
N VAL A 151 35.86 17.58 -0.89
CA VAL A 151 37.08 17.57 -1.68
C VAL A 151 38.30 17.71 -0.79
N GLY A 152 38.23 18.53 0.26
CA GLY A 152 39.34 18.60 1.19
C GLY A 152 39.59 17.30 1.91
N THR A 153 38.52 16.66 2.40
CA THR A 153 38.66 15.37 3.07
C THR A 153 39.26 14.34 2.13
N TRP A 154 38.78 14.28 0.88
CA TRP A 154 39.30 13.30 -0.06
C TRP A 154 40.73 13.61 -0.49
N MET A 155 41.10 14.89 -0.54
CA MET A 155 42.48 15.24 -0.84
C MET A 155 43.40 14.78 0.29
N ARG A 156 43.00 15.01 1.54
CA ARG A 156 43.77 14.51 2.67
C ARG A 156 43.87 12.99 2.62
N ILE A 157 42.76 12.31 2.34
CA ILE A 157 42.75 10.85 2.29
C ILE A 157 43.67 10.34 1.19
N ALA A 158 43.61 10.94 0.01
CA ALA A 158 44.50 10.57 -1.09
C ALA A 158 45.96 10.82 -0.77
N GLN A 159 46.28 11.95 -0.13
CA GLN A 159 47.66 12.21 0.28
C GLN A 159 48.12 11.21 1.33
N ASP A 160 47.19 10.69 2.14
CA ASP A 160 47.56 9.68 3.13
C ASP A 160 47.99 8.37 2.46
N MET A 161 47.43 8.06 1.30
CA MET A 161 47.81 6.85 0.57
C MET A 161 48.86 7.13 -0.49
N ASN A 162 49.37 8.36 -0.59
CA ASN A 162 50.27 8.72 -1.66
C ASN A 162 51.57 7.92 -1.56
N ILE A 163 51.97 7.32 -2.67
CA ILE A 163 53.25 6.62 -2.78
C ILE A 163 54.11 7.40 -3.75
N ALA A 164 55.42 7.38 -3.51
CA ALA A 164 56.34 8.22 -4.28
C ALA A 164 56.27 7.94 -5.77
N GLN A 165 55.77 6.77 -6.16
CA GLN A 165 55.72 6.36 -7.56
C GLN A 165 54.38 6.67 -8.22
N SER A 166 53.58 7.57 -7.64
CA SER A 166 52.29 7.91 -8.23
C SER A 166 51.69 9.08 -7.47
N ASP A 167 50.76 9.78 -8.12
CA ASP A 167 50.06 10.91 -7.53
C ASP A 167 48.58 10.56 -7.39
N THR A 168 48.07 10.61 -6.16
CA THR A 168 46.67 10.30 -5.89
C THR A 168 45.79 11.54 -5.79
N GLU A 169 46.38 12.74 -5.87
CA GLU A 169 45.58 13.97 -5.82
C GLU A 169 44.86 14.24 -7.14
N LEU A 170 45.48 13.87 -8.27
CA LEU A 170 44.80 14.00 -9.55
C LEU A 170 43.53 13.16 -9.59
N ASN A 171 43.52 12.04 -8.87
CA ASN A 171 42.30 11.23 -8.77
C ASN A 171 41.17 12.04 -8.16
N VAL A 172 41.45 12.80 -7.11
CA VAL A 172 40.43 13.66 -6.52
C VAL A 172 40.07 14.80 -7.46
N HIS A 173 41.07 15.41 -8.11
CA HIS A 173 40.79 16.48 -9.05
C HIS A 173 39.86 16.04 -10.17
N TRP A 174 39.95 14.77 -10.58
CA TRP A 174 39.10 14.25 -11.65
C TRP A 174 37.66 14.02 -11.20
N TYR A 175 37.33 14.29 -9.94
CA TYR A 175 35.97 14.15 -9.44
C TYR A 175 35.24 15.49 -9.36
N ILE A 176 35.81 16.54 -9.95
CA ILE A 176 35.22 17.87 -9.93
C ILE A 176 33.97 17.92 -10.81
N PRO A 177 33.98 17.27 -11.98
CA PRO A 177 32.74 17.23 -12.78
C PRO A 177 31.56 16.65 -12.02
N PHE A 178 31.80 15.69 -11.13
CA PHE A 178 30.71 15.15 -10.33
C PHE A 178 30.13 16.20 -9.40
N TYR A 179 30.99 17.05 -8.83
CA TYR A 179 30.50 18.14 -8.00
C TYR A 179 29.76 19.19 -8.82
N SER A 180 30.20 19.41 -10.07
CA SER A 180 29.45 20.29 -10.96
C SER A 180 28.06 19.72 -11.23
N LEU A 181 27.98 18.40 -11.44
CA LEU A 181 26.69 17.76 -11.58
C LEU A 181 25.84 17.96 -10.33
N TYR A 182 26.49 17.93 -9.17
CA TYR A 182 25.77 18.20 -7.91
C TYR A 182 25.22 19.62 -7.90
N PHE A 183 26.00 20.59 -8.37
CA PHE A 183 25.48 21.96 -8.45
C PHE A 183 24.28 22.04 -9.40
N ILE A 184 24.36 21.38 -10.55
CA ILE A 184 23.24 21.38 -11.48
C ILE A 184 22.01 20.74 -10.84
N LEU A 185 22.21 19.63 -10.11
CA LEU A 185 21.11 18.98 -9.42
C LEU A 185 20.49 19.90 -8.38
N THR A 186 21.33 20.62 -7.63
CA THR A 186 20.82 21.56 -6.64
C THR A 186 19.98 22.65 -7.31
N GLY A 187 20.46 23.18 -8.43
CA GLY A 187 19.68 24.19 -9.15
C GLY A 187 18.36 23.67 -9.65
N LEU A 188 18.37 22.46 -10.21
CA LEU A 188 17.12 21.85 -10.69
C LEU A 188 16.13 21.64 -9.56
N GLN A 189 16.61 21.12 -8.43
CA GLN A 189 15.74 20.92 -7.28
C GLN A 189 15.20 22.24 -6.76
N VAL A 190 16.03 23.28 -6.73
CA VAL A 190 15.58 24.59 -6.27
C VAL A 190 14.48 25.12 -7.19
N ASN A 191 14.65 24.96 -8.50
CA ASN A 191 13.63 25.44 -9.44
C ASN A 191 12.32 24.68 -9.26
N ILE A 192 12.38 23.35 -9.19
CA ILE A 192 11.17 22.56 -9.00
C ILE A 192 10.49 22.93 -7.70
N ALA A 193 11.27 23.09 -6.63
CA ALA A 193 10.71 23.44 -5.33
C ALA A 193 10.06 24.81 -5.37
N ASN A 194 10.69 25.78 -6.04
CA ASN A 194 10.10 27.10 -6.16
C ASN A 194 8.75 27.03 -6.88
N THR A 195 8.70 26.29 -7.98
CA THR A 195 7.43 26.18 -8.71
C THR A 195 6.35 25.52 -7.85
N ALA A 196 6.67 24.40 -7.22
CA ALA A 196 5.67 23.67 -6.44
C ALA A 196 5.23 24.48 -5.22
N TYR A 197 6.17 25.16 -4.56
CA TYR A 197 5.82 26.00 -3.43
C TYR A 197 4.96 27.18 -3.86
N GLY A 198 5.23 27.74 -5.05
CA GLY A 198 4.35 28.78 -5.57
C GLY A 198 2.94 28.29 -5.80
N LEU A 199 2.81 27.09 -6.37
CA LEU A 199 1.48 26.51 -6.57
C LEU A 199 0.76 26.31 -5.24
N GLY A 200 1.44 25.74 -4.25
CA GLY A 200 0.82 25.55 -2.94
C GLY A 200 0.47 26.86 -2.26
N ARG A 201 1.34 27.86 -2.37
CA ARG A 201 1.08 29.15 -1.79
C ARG A 201 -0.13 29.82 -2.44
N ARG A 202 -0.27 29.68 -3.75
CA ARG A 202 -1.44 30.22 -4.44
C ARG A 202 -2.71 29.48 -4.02
N PHE A 203 -2.62 28.16 -3.82
CA PHE A 203 -3.76 27.43 -3.27
C PHE A 203 -4.15 27.97 -1.91
N GLY A 204 -3.16 28.21 -1.04
CA GLY A 204 -3.45 28.75 0.27
C GLY A 204 -4.05 30.14 0.20
N ARG A 205 -3.55 30.98 -0.70
CA ARG A 205 -4.12 32.32 -0.88
C ARG A 205 -5.56 32.23 -1.36
N LEU A 206 -5.84 31.31 -2.27
CA LEU A 206 -7.21 31.12 -2.75
C LEU A 206 -8.13 30.69 -1.61
N ASN A 207 -7.68 29.76 -0.78
CA ASN A 207 -8.49 29.34 0.37
C ASN A 207 -8.70 30.49 1.35
N ARG A 208 -7.66 31.28 1.60
CA ARG A 208 -7.78 32.43 2.48
C ARG A 208 -8.80 33.43 1.93
N MET A 209 -8.75 33.69 0.62
CA MET A 209 -9.72 34.59 0.00
C MET A 209 -11.12 34.03 0.13
N LEU A 210 -11.29 32.73 -0.09
CA LEU A 210 -12.59 32.10 0.08
C LEU A 210 -13.13 32.32 1.49
N SER A 211 -12.28 32.06 2.49
CA SER A 211 -12.73 32.17 3.88
C SER A 211 -12.97 33.62 4.30
N SER A 212 -12.25 34.58 3.70
CA SER A 212 -12.37 35.97 4.08
C SER A 212 -13.48 36.71 3.33
N SER A 213 -13.89 36.21 2.17
CA SER A 213 -14.93 36.84 1.38
C SER A 213 -16.27 36.13 1.50
N PHE A 214 -16.32 34.95 2.12
CA PHE A 214 -17.56 34.21 2.23
C PHE A 214 -17.81 33.63 3.62
N LEU A 215 -16.89 33.81 4.56
CA LEU A 215 -17.10 33.37 5.94
C LEU A 215 -16.60 34.40 6.95
N ALA A 216 -16.43 35.65 6.55
CA ALA A 216 -15.95 36.69 7.45
C ALA A 216 -16.71 37.99 7.21
N ALA A 262 -27.34 42.66 -7.09
CA ALA A 262 -26.35 43.73 -7.19
C ALA A 262 -25.03 43.30 -6.53
N ALA A 263 -24.98 43.36 -5.21
CA ALA A 263 -23.78 42.97 -4.49
C ALA A 263 -23.58 41.46 -4.53
N ALA A 264 -24.66 40.71 -4.34
CA ALA A 264 -24.56 39.25 -4.43
C ALA A 264 -24.11 38.79 -5.81
N LYS A 265 -24.48 39.52 -6.86
CA LYS A 265 -23.99 39.18 -8.20
C LYS A 265 -22.48 39.31 -8.28
N ASN A 266 -21.92 40.39 -7.74
CA ASN A 266 -20.48 40.56 -7.73
C ASN A 266 -19.81 39.50 -6.85
N LYS A 267 -20.44 39.13 -5.74
CA LYS A 267 -19.88 38.08 -4.89
C LYS A 267 -19.85 36.74 -5.62
N GLY A 268 -20.91 36.44 -6.37
CA GLY A 268 -20.92 35.23 -7.17
C GLY A 268 -19.89 35.27 -8.30
N LEU A 269 -19.69 36.44 -8.90
CA LEU A 269 -18.63 36.59 -9.89
C LEU A 269 -17.27 36.30 -9.26
N LEU A 270 -17.05 36.80 -8.04
CA LEU A 270 -15.80 36.54 -7.34
C LEU A 270 -15.63 35.05 -7.06
N LEU A 271 -16.71 34.38 -6.65
CA LEU A 271 -16.65 32.94 -6.43
C LEU A 271 -16.34 32.18 -7.71
N LYS A 272 -16.93 32.60 -8.83
CA LYS A 272 -16.62 31.97 -10.11
C LYS A 272 -15.15 32.15 -10.46
N SER A 273 -14.61 33.35 -10.23
CA SER A 273 -13.19 33.57 -10.47
C SER A 273 -12.33 32.69 -9.57
N LEU A 274 -12.72 32.52 -8.30
CA LEU A 274 -11.96 31.66 -7.40
C LEU A 274 -12.00 30.20 -7.86
N ALA A 275 -13.16 29.74 -8.33
CA ALA A 275 -13.25 28.37 -8.84
C ALA A 275 -12.38 28.20 -10.08
N ASP A 276 -12.39 29.18 -10.97
CA ASP A 276 -11.53 29.13 -12.14
C ASP A 276 -10.07 29.09 -11.73
N SER A 277 -9.70 29.88 -10.72
CA SER A 277 -8.31 29.89 -10.24
C SER A 277 -7.93 28.54 -9.64
N HIS A 278 -8.85 27.91 -8.91
CA HIS A 278 -8.57 26.59 -8.35
C HIS A 278 -8.36 25.56 -9.46
N GLU A 279 -9.22 25.58 -10.48
CA GLU A 279 -9.06 24.66 -11.60
C GLU A 279 -7.75 24.91 -12.34
N SER A 280 -7.41 26.17 -12.53
CA SER A 280 -6.16 26.52 -13.19
C SER A 280 -4.95 26.10 -12.36
N LEU A 281 -5.04 26.18 -11.03
CA LEU A 281 -3.94 25.72 -10.19
C LEU A 281 -3.78 24.21 -10.26
N GLY A 282 -4.91 23.49 -10.29
CA GLY A 282 -4.83 22.05 -10.51
C GLY A 282 -4.18 21.71 -11.84
N LYS A 283 -4.57 22.42 -12.90
CA LYS A 283 -3.95 22.18 -14.21
C LYS A 283 -2.48 22.58 -14.20
N CYS A 284 -2.10 23.60 -13.44
CA CYS A 284 -0.69 23.95 -13.32
C CYS A 284 0.10 22.86 -12.61
N VAL A 285 -0.48 22.27 -11.56
CA VAL A 285 0.16 21.14 -10.91
C VAL A 285 0.33 19.99 -11.89
N HIS A 286 -0.70 19.72 -12.69
CA HIS A 286 -0.60 18.65 -13.68
C HIS A 286 0.43 18.96 -14.76
N LEU A 287 0.57 20.24 -15.13
CA LEU A 287 1.59 20.63 -16.09
C LEU A 287 2.98 20.42 -15.52
N LEU A 288 3.20 20.88 -14.29
CA LEU A 288 4.48 20.65 -13.64
C LEU A 288 4.80 19.17 -13.57
N SER A 289 3.79 18.34 -13.25
CA SER A 289 3.99 16.89 -13.27
C SER A 289 4.38 16.41 -14.66
N ASN A 290 3.55 16.67 -15.67
CA ASN A 290 3.84 16.16 -17.00
C ASN A 290 5.19 16.64 -17.51
N SER A 291 5.70 17.75 -16.96
CA SER A 291 6.96 18.30 -17.46
C SER A 291 8.17 17.75 -16.70
N PHE A 292 8.08 17.63 -15.37
CA PHE A 292 9.24 17.29 -14.56
C PHE A 292 9.01 16.07 -13.67
N GLY A 293 8.08 15.19 -14.03
CA GLY A 293 7.86 14.01 -13.23
C GLY A 293 9.01 13.02 -13.30
N ILE A 294 9.59 12.84 -14.48
CA ILE A 294 10.76 11.98 -14.60
C ILE A 294 11.92 12.56 -13.80
N ALA A 295 12.07 13.89 -13.83
CA ALA A 295 13.11 14.54 -13.04
C ALA A 295 12.89 14.32 -11.55
N VAL A 296 11.65 14.47 -11.08
CA VAL A 296 11.35 14.26 -9.67
C VAL A 296 11.58 12.80 -9.29
N LEU A 297 11.21 11.88 -10.17
CA LEU A 297 11.42 10.46 -9.89
C LEU A 297 12.90 10.14 -9.75
N PHE A 298 13.72 10.65 -10.67
CA PHE A 298 15.15 10.40 -10.56
C PHE A 298 15.77 11.13 -9.37
N ILE A 299 15.22 12.29 -9.00
CA ILE A 299 15.68 12.95 -7.78
C ILE A 299 15.39 12.09 -6.57
N LEU A 300 14.21 11.49 -6.51
CA LEU A 300 13.87 10.63 -5.38
C LEU A 300 14.75 9.39 -5.35
N VAL A 301 14.97 8.77 -6.50
CA VAL A 301 15.87 7.62 -6.58
C VAL A 301 17.27 8.01 -6.11
N SER A 302 17.73 9.18 -6.54
CA SER A 302 19.05 9.66 -6.13
C SER A 302 19.11 9.87 -4.63
N CYS A 303 18.07 10.47 -4.06
CA CYS A 303 18.05 10.68 -2.61
C CYS A 303 18.12 9.36 -1.87
N LEU A 304 17.31 8.38 -2.29
CA LEU A 304 17.31 7.07 -1.63
C LEU A 304 18.70 6.43 -1.71
N LEU A 305 19.24 6.33 -2.93
CA LEU A 305 20.52 5.65 -3.09
C LEU A 305 21.64 6.40 -2.39
N HIS A 306 21.59 7.73 -2.41
CA HIS A 306 22.61 8.52 -1.73
C HIS A 306 22.55 8.33 -0.22
N LEU A 307 21.35 8.34 0.35
CA LEU A 307 21.23 8.09 1.77
C LEU A 307 21.80 6.72 2.12
N VAL A 308 21.42 5.69 1.35
CA VAL A 308 21.92 4.35 1.64
C VAL A 308 23.45 4.30 1.54
N ALA A 309 24.01 4.80 0.45
CA ALA A 309 25.45 4.73 0.24
C ALA A 309 26.22 5.55 1.27
N THR A 310 25.73 6.74 1.59
CA THR A 310 26.43 7.59 2.55
C THR A 310 26.37 6.98 3.94
N ALA A 311 25.24 6.39 4.31
CA ALA A 311 25.16 5.72 5.60
C ALA A 311 26.09 4.50 5.64
N TYR A 312 26.19 3.78 4.53
CA TYR A 312 27.11 2.64 4.47
C TYR A 312 28.56 3.10 4.63
N PHE A 313 28.93 4.18 3.95
CA PHE A 313 30.28 4.70 4.08
C PHE A 313 30.55 5.20 5.50
N LEU A 314 29.56 5.86 6.10
CA LEU A 314 29.69 6.32 7.47
C LEU A 314 29.89 5.16 8.43
N PHE A 315 29.13 4.08 8.22
CA PHE A 315 29.27 2.91 9.09
C PHE A 315 30.65 2.28 8.91
N LEU A 316 31.13 2.20 7.67
CA LEU A 316 32.48 1.70 7.44
C LEU A 316 33.53 2.53 8.16
N GLU A 317 33.46 3.86 8.01
CA GLU A 317 34.43 4.72 8.66
C GLU A 317 34.29 4.67 10.17
N LEU A 318 33.08 4.40 10.67
CA LEU A 318 32.88 4.32 12.10
C LEU A 318 33.47 3.03 12.67
N LEU A 319 33.42 1.95 11.90
CA LEU A 319 34.12 0.73 12.30
C LEU A 319 35.63 0.94 12.27
N SER A 320 36.14 1.44 11.14
CA SER A 320 37.59 1.61 11.01
C SER A 320 38.08 2.82 11.78
N LYS A 321 37.29 3.89 11.81
CA LYS A 321 37.66 5.12 12.50
C LYS A 321 38.98 5.68 11.99
N ARG A 322 39.23 5.54 10.68
CA ARG A 322 40.46 6.08 10.12
C ARG A 322 40.47 7.60 10.17
N ASP A 323 39.32 8.24 9.94
CA ASP A 323 39.21 9.69 9.93
C ASP A 323 37.90 10.11 10.58
N ASN A 324 37.92 11.27 11.24
CA ASN A 324 36.71 11.80 11.85
C ASN A 324 36.06 12.87 10.96
N GLY A 325 36.88 13.66 10.28
CA GLY A 325 36.35 14.61 9.33
C GLY A 325 35.53 13.93 8.25
N TYR A 326 35.97 12.75 7.82
CA TYR A 326 35.18 11.97 6.87
C TYR A 326 33.82 11.62 7.45
N LEU A 327 33.78 11.20 8.72
CA LEU A 327 32.51 10.87 9.35
C LEU A 327 31.59 12.09 9.39
N TRP A 328 32.12 13.24 9.79
CA TRP A 328 31.28 14.43 9.86
C TRP A 328 30.81 14.87 8.48
N VAL A 329 31.66 14.72 7.46
CA VAL A 329 31.25 15.04 6.10
C VAL A 329 30.13 14.10 5.65
N GLN A 330 30.21 12.82 6.04
CA GLN A 330 29.13 11.90 5.70
C GLN A 330 27.84 12.26 6.42
N MET A 331 27.92 12.70 7.67
CA MET A 331 26.72 13.17 8.36
C MET A 331 26.13 14.38 7.66
N LEU A 332 26.98 15.31 7.24
CA LEU A 332 26.50 16.48 6.51
C LEU A 332 25.85 16.08 5.20
N TRP A 333 26.42 15.09 4.51
CA TRP A 333 25.83 14.59 3.28
C TRP A 333 24.46 13.97 3.53
N ILE A 334 24.33 13.21 4.62
CA ILE A 334 23.03 12.65 4.98
C ILE A 334 22.03 13.77 5.22
N CYS A 335 22.43 14.79 5.96
CA CYS A 335 21.55 15.92 6.22
C CYS A 335 21.14 16.61 4.92
N PHE A 336 22.10 16.81 4.01
CA PHE A 336 21.80 17.46 2.74
C PHE A 336 20.84 16.64 1.89
N HIS A 337 21.07 15.33 1.81
CA HIS A 337 20.17 14.47 1.04
C HIS A 337 18.78 14.43 1.63
N PHE A 338 18.66 14.33 2.96
CA PHE A 338 17.35 14.37 3.59
C PHE A 338 16.66 15.70 3.36
N LEU A 339 17.42 16.80 3.44
CA LEU A 339 16.83 18.12 3.25
C LEU A 339 16.33 18.31 1.83
N ARG A 340 17.06 17.81 0.84
CA ARG A 340 16.59 17.93 -0.54
C ARG A 340 15.44 16.97 -0.84
N LEU A 341 15.43 15.79 -0.22
CA LEU A 341 14.25 14.94 -0.29
C LEU A 341 13.02 15.66 0.22
N LEU A 342 13.15 16.33 1.37
CA LEU A 342 12.05 17.15 1.87
C LEU A 342 11.73 18.29 0.91
N MET A 343 12.75 18.92 0.35
CA MET A 343 12.57 19.99 -0.62
C MET A 343 11.72 19.55 -1.81
N VAL A 344 11.85 18.29 -2.24
CA VAL A 344 11.05 17.78 -3.34
C VAL A 344 9.72 17.19 -2.88
N VAL A 345 9.60 16.79 -1.62
CA VAL A 345 8.38 16.14 -1.16
C VAL A 345 7.36 17.12 -0.57
N GLU A 346 7.79 18.01 0.32
CA GLU A 346 6.91 18.92 1.04
C GLU A 346 6.12 19.84 0.12
N PRO A 347 6.70 20.35 -0.96
CA PRO A 347 5.91 21.23 -1.85
C PRO A 347 4.67 20.56 -2.39
N CYS A 348 4.79 19.35 -2.94
CA CYS A 348 3.63 18.65 -3.48
C CYS A 348 2.62 18.32 -2.39
N HIS A 349 3.12 17.90 -1.23
CA HIS A 349 2.24 17.59 -0.11
C HIS A 349 1.44 18.82 0.31
N LEU A 350 2.10 19.97 0.42
CA LEU A 350 1.42 21.21 0.77
C LEU A 350 0.40 21.60 -0.29
N ALA A 351 0.77 21.47 -1.56
CA ALA A 351 -0.17 21.81 -2.63
C ALA A 351 -1.43 20.96 -2.54
N ALA A 352 -1.25 19.64 -2.41
CA ALA A 352 -2.40 18.75 -2.33
C ALA A 352 -3.23 19.03 -1.08
N ARG A 353 -2.57 19.28 0.05
CA ARG A 353 -3.28 19.55 1.30
C ARG A 353 -4.10 20.83 1.19
N GLU A 354 -3.54 21.88 0.57
CA GLU A 354 -4.25 23.14 0.45
C GLU A 354 -5.39 23.04 -0.56
N SER A 355 -5.20 22.25 -1.61
CA SER A 355 -6.27 22.08 -2.59
C SER A 355 -7.40 21.20 -2.08
N ARG A 356 -7.11 20.25 -1.20
CA ARG A 356 -8.11 19.33 -0.69
C ARG A 356 -8.88 19.89 0.50
N LYS A 357 -8.43 21.00 1.08
CA LYS A 357 -9.15 21.63 2.17
C LYS A 357 -10.12 22.71 1.71
N THR A 358 -10.20 22.95 0.40
CA THR A 358 -11.13 23.95 -0.11
C THR A 358 -12.56 23.43 -0.13
N ILE A 359 -12.74 22.12 -0.27
CA ILE A 359 -14.08 21.56 -0.33
C ILE A 359 -14.81 21.72 1.00
N GLN A 360 -14.08 21.68 2.11
CA GLN A 360 -14.72 21.92 3.41
C GLN A 360 -15.18 23.36 3.53
N ILE A 361 -14.35 24.30 3.06
CA ILE A 361 -14.76 25.70 3.05
C ILE A 361 -16.00 25.88 2.18
N VAL A 362 -16.03 25.23 1.02
CA VAL A 362 -17.18 25.35 0.14
C VAL A 362 -18.43 24.75 0.79
N CYS A 363 -18.28 23.63 1.52
CA CYS A 363 -19.41 23.09 2.26
C CYS A 363 -19.90 24.08 3.30
N GLU A 364 -18.98 24.77 3.97
CA GLU A 364 -19.38 25.80 4.93
C GLU A 364 -20.18 26.90 4.25
N ILE A 365 -19.72 27.37 3.09
CA ILE A 365 -20.47 28.38 2.35
C ILE A 365 -21.85 27.86 1.99
N GLU A 366 -21.93 26.62 1.50
CA GLU A 366 -23.23 26.01 1.20
C GLU A 366 -24.15 26.10 2.41
N ARG A 367 -23.63 25.68 3.57
CA ARG A 367 -24.42 25.65 4.80
C ARG A 367 -24.79 27.05 5.26
N LYS A 368 -24.05 28.06 4.81
CA LYS A 368 -24.28 29.42 5.25
C LYS A 368 -24.88 30.31 4.16
N VAL A 369 -24.77 29.92 2.89
CA VAL A 369 -25.26 30.72 1.77
C VAL A 369 -26.75 30.45 1.57
N HIS A 370 -27.48 31.46 1.13
CA HIS A 370 -28.91 31.33 0.88
C HIS A 370 -29.30 31.92 -0.47
N GLU A 371 -28.53 32.87 -0.97
CA GLU A 371 -28.88 33.53 -2.22
C GLU A 371 -28.97 32.51 -3.35
N PRO A 372 -29.90 32.66 -4.29
CA PRO A 372 -30.09 31.63 -5.33
C PRO A 372 -28.88 31.47 -6.25
N ILE A 373 -28.47 32.56 -6.88
CA ILE A 373 -27.37 32.48 -7.84
C ILE A 373 -26.07 32.12 -7.13
N LEU A 374 -25.82 32.72 -5.96
CA LEU A 374 -24.60 32.40 -5.23
C LEU A 374 -24.63 30.96 -4.73
N ALA A 375 -25.80 30.48 -4.29
CA ALA A 375 -25.90 29.08 -3.88
C ALA A 375 -25.62 28.15 -5.04
N GLU A 376 -26.14 28.49 -6.23
CA GLU A 376 -25.87 27.66 -7.40
C GLU A 376 -24.39 27.68 -7.77
N ALA A 377 -23.75 28.84 -7.67
CA ALA A 377 -22.31 28.91 -7.95
C ALA A 377 -21.52 28.07 -6.95
N VAL A 378 -21.92 28.11 -5.69
CA VAL A 378 -21.23 27.32 -4.67
C VAL A 378 -21.44 25.83 -4.92
N LYS A 379 -22.64 25.45 -5.36
CA LYS A 379 -22.90 24.06 -5.73
C LYS A 379 -22.02 23.63 -6.89
N LYS A 380 -21.88 24.49 -7.90
CA LYS A 380 -21.00 24.19 -9.02
C LYS A 380 -19.57 24.01 -8.54
N PHE A 381 -19.13 24.86 -7.62
CA PHE A 381 -17.77 24.77 -7.10
C PHE A 381 -17.56 23.48 -6.32
N TRP A 382 -18.55 23.09 -5.51
CA TRP A 382 -18.46 21.84 -4.77
C TRP A 382 -18.38 20.65 -5.71
N GLN A 383 -19.21 20.67 -6.76
CA GLN A 383 -19.15 19.62 -7.77
C GLN A 383 -17.78 19.57 -8.44
N GLN A 384 -17.21 20.73 -8.76
CA GLN A 384 -15.89 20.78 -9.37
C GLN A 384 -14.84 20.19 -8.44
N LEU A 385 -14.90 20.53 -7.15
CA LEU A 385 -13.91 20.06 -6.20
C LEU A 385 -14.05 18.58 -5.87
N LEU A 386 -15.26 18.03 -6.00
CA LEU A 386 -15.45 16.62 -5.66
C LEU A 386 -14.57 15.70 -6.50
N VAL A 387 -14.18 16.14 -7.70
CA VAL A 387 -13.47 15.29 -8.64
C VAL A 387 -12.11 15.88 -8.98
N VAL A 388 -11.52 16.60 -8.03
CA VAL A 388 -10.24 17.26 -8.27
C VAL A 388 -9.11 16.27 -8.02
N ASP A 389 -8.17 16.20 -8.97
CA ASP A 389 -6.97 15.39 -8.82
C ASP A 389 -5.82 16.32 -8.42
N ALA A 390 -5.45 16.29 -7.16
CA ALA A 390 -4.51 17.26 -6.59
C ALA A 390 -3.12 16.67 -6.41
N ASP A 391 -3.00 15.40 -6.06
CA ASP A 391 -1.71 14.83 -5.73
C ASP A 391 -0.78 14.87 -6.93
N PHE A 392 0.50 15.14 -6.65
CA PHE A 392 1.52 15.22 -7.70
C PHE A 392 2.00 13.83 -8.05
N SER A 393 2.06 13.52 -9.35
CA SER A 393 2.45 12.21 -9.83
C SER A 393 3.82 12.29 -10.49
N ALA A 394 4.73 11.41 -10.07
CA ALA A 394 6.07 11.35 -10.65
C ALA A 394 6.06 10.29 -11.76
N CYS A 395 5.56 10.70 -12.92
CA CYS A 395 5.45 9.84 -14.10
C CYS A 395 4.56 8.64 -13.87
N GLY A 396 3.61 8.75 -12.93
CA GLY A 396 2.71 7.66 -12.61
C GLY A 396 3.29 6.59 -11.73
N LEU A 397 4.60 6.64 -11.43
CA LEU A 397 5.21 5.64 -10.58
C LEU A 397 4.77 5.79 -9.13
N CYS A 398 4.63 7.02 -8.65
CA CYS A 398 4.26 7.27 -7.27
C CYS A 398 3.65 8.65 -7.16
N ARG A 399 2.86 8.85 -6.11
CA ARG A 399 2.35 10.16 -5.76
C ARG A 399 3.26 10.79 -4.72
N VAL A 400 3.82 11.96 -5.04
CA VAL A 400 4.83 12.59 -4.21
C VAL A 400 4.12 13.27 -3.05
N ASN A 401 4.31 12.72 -1.85
CA ASN A 401 3.79 13.29 -0.63
C ASN A 401 4.68 12.83 0.52
N ARG A 402 4.27 13.11 1.75
CA ARG A 402 5.07 12.74 2.90
C ARG A 402 5.09 11.23 3.14
N THR A 403 4.05 10.52 2.70
CA THR A 403 4.05 9.06 2.83
C THR A 403 5.29 8.43 2.22
N ILE A 404 5.73 8.93 1.06
CA ILE A 404 6.97 8.46 0.46
C ILE A 404 8.07 8.34 1.52
N LEU A 405 8.25 9.37 2.34
CA LEU A 405 9.28 9.34 3.37
C LEU A 405 9.24 8.02 4.13
N THR A 406 8.07 7.68 4.69
CA THR A 406 7.94 6.41 5.39
C THR A 406 8.48 5.26 4.53
N SER A 407 7.93 5.09 3.33
CA SER A 407 8.43 4.05 2.44
C SER A 407 9.94 4.13 2.30
N PHE A 408 10.46 5.33 2.00
CA PHE A 408 11.90 5.50 1.88
C PHE A 408 12.61 4.92 3.11
N ALA A 409 12.16 5.31 4.30
CA ALA A 409 12.78 4.79 5.51
C ALA A 409 12.84 3.27 5.48
N SER A 410 11.71 2.63 5.18
CA SER A 410 11.70 1.17 5.10
C SER A 410 12.79 0.69 4.16
N ALA A 411 12.85 1.24 2.95
CA ALA A 411 13.91 0.85 2.02
C ALA A 411 15.28 1.13 2.63
N ILE A 412 15.46 2.32 3.20
CA ILE A 412 16.75 2.66 3.78
C ILE A 412 17.04 1.76 4.98
N ALA A 413 15.99 1.22 5.59
CA ALA A 413 16.20 0.29 6.69
C ALA A 413 16.57 -1.09 6.17
N THR A 414 16.06 -1.45 4.99
CA THR A 414 16.31 -2.79 4.46
C THR A 414 17.64 -2.86 3.71
N TYR A 415 17.76 -2.11 2.62
CA TYR A 415 18.95 -2.21 1.79
C TYR A 415 20.22 -2.00 2.59
N LEU A 416 20.29 -0.89 3.32
CA LEU A 416 21.46 -0.56 4.13
C LEU A 416 21.79 -1.71 5.07
N VAL A 417 20.80 -2.25 5.76
CA VAL A 417 21.05 -3.37 6.69
C VAL A 417 21.63 -4.54 5.91
N ALA A 418 21.10 -4.97 4.56
CA ALA A 418 21.65 -5.98 3.67
C ALA A 418 23.09 -5.66 3.30
N LEU A 419 23.23 -4.36 3.11
CA LEU A 419 24.57 -3.97 2.71
C LEU A 419 25.56 -4.23 3.85
N ILE A 420 25.13 -3.96 5.09
CA ILE A 420 25.97 -4.16 6.26
C ILE A 420 26.22 -5.64 6.41
N GLN A 421 25.17 -6.43 6.24
CA GLN A 421 25.33 -7.87 6.36
C GLN A 421 26.31 -8.37 5.30
N PHE A 422 26.24 -7.76 4.13
CA PHE A 422 27.13 -8.12 3.02
C PHE A 422 28.59 -7.88 3.36
N GLN A 423 28.85 -6.85 4.16
CA GLN A 423 30.23 -6.53 4.57
C GLN A 423 30.76 -7.67 5.42
N ARG A 424 29.95 -8.15 6.34
CA ARG A 424 30.34 -9.25 7.22
C ARG A 424 30.58 -10.51 6.40
N THR A 425 29.71 -10.75 5.41
CA THR A 425 29.82 -11.93 4.55
C THR A 425 30.87 -11.71 3.47
N MET B 1 -10.42 -9.82 -26.39
CA MET B 1 -9.44 -9.78 -27.50
C MET B 1 -9.98 -9.00 -28.69
N GLU B 2 -9.12 -8.21 -29.32
CA GLU B 2 -9.50 -7.39 -30.46
C GLU B 2 -9.04 -8.06 -31.75
N ILE B 3 -9.97 -8.24 -32.68
CA ILE B 3 -9.69 -8.83 -33.98
C ILE B 3 -10.26 -7.88 -35.02
N SER B 4 -9.43 -6.99 -35.54
CA SER B 4 -9.82 -6.01 -36.53
C SER B 4 -8.93 -6.12 -37.76
N GLN B 5 -9.43 -5.57 -38.87
CA GLN B 5 -8.73 -5.67 -40.15
C GLN B 5 -7.35 -5.01 -40.07
N PRO B 6 -7.23 -3.81 -39.49
CA PRO B 6 -5.90 -3.20 -39.38
C PRO B 6 -4.91 -4.07 -38.62
N SER B 7 -5.36 -4.74 -37.56
CA SER B 7 -4.52 -5.58 -36.73
C SER B 7 -4.74 -7.06 -36.99
N ILE B 8 -5.18 -7.42 -38.20
CA ILE B 8 -5.43 -8.83 -38.50
C ILE B 8 -4.13 -9.61 -38.56
N GLY B 9 -3.02 -8.94 -38.86
CA GLY B 9 -1.74 -9.62 -38.85
C GLY B 9 -1.36 -10.13 -37.48
N ILE B 10 -1.59 -9.31 -36.45
CA ILE B 10 -1.36 -9.75 -35.07
C ILE B 10 -2.26 -10.93 -34.75
N PHE B 11 -3.50 -10.90 -35.24
CA PHE B 11 -4.41 -12.01 -35.00
C PHE B 11 -3.87 -13.29 -35.62
N TYR B 12 -3.38 -13.22 -36.86
CA TYR B 12 -2.84 -14.41 -37.51
C TYR B 12 -1.60 -14.92 -36.79
N ILE B 13 -0.74 -14.00 -36.34
CA ILE B 13 0.44 -14.40 -35.57
C ILE B 13 0.03 -15.14 -34.31
N SER B 14 -0.96 -14.60 -33.59
CA SER B 14 -1.42 -15.27 -32.38
C SER B 14 -2.10 -16.59 -32.70
N LYS B 15 -2.74 -16.68 -33.86
CA LYS B 15 -3.44 -17.91 -34.25
C LYS B 15 -2.47 -19.04 -34.54
N VAL B 16 -1.44 -18.77 -35.35
CA VAL B 16 -0.43 -19.79 -35.61
C VAL B 16 0.38 -20.10 -34.37
N LEU B 17 0.43 -19.18 -33.41
CA LEU B 17 1.16 -19.38 -32.15
C LEU B 17 0.28 -19.99 -31.07
N ALA B 18 -0.89 -20.54 -31.42
CA ALA B 18 -1.77 -21.26 -30.51
C ALA B 18 -2.45 -20.37 -29.49
N LEU B 19 -2.70 -19.09 -29.81
CA LEU B 19 -3.28 -18.15 -28.86
C LEU B 19 -4.63 -17.61 -29.28
N ALA B 20 -4.98 -17.67 -30.56
CA ALA B 20 -6.26 -17.15 -31.06
C ALA B 20 -6.92 -18.21 -31.93
N PRO B 21 -7.49 -19.23 -31.31
CA PRO B 21 -8.14 -20.31 -32.08
C PRO B 21 -9.53 -19.92 -32.57
N TYR B 22 -9.57 -18.92 -33.46
CA TYR B 22 -10.81 -18.41 -34.00
C TYR B 22 -10.73 -18.34 -35.52
N ALA B 23 -11.87 -18.59 -36.16
CA ALA B 23 -12.02 -18.44 -37.60
C ALA B 23 -12.75 -17.13 -37.86
N THR B 24 -12.15 -16.27 -38.69
CA THR B 24 -12.70 -14.94 -38.96
C THR B 24 -12.96 -14.82 -40.45
N VAL B 25 -14.12 -14.28 -40.79
CA VAL B 25 -14.51 -14.03 -42.17
C VAL B 25 -14.86 -12.55 -42.31
N ARG B 26 -14.26 -11.90 -43.31
CA ARG B 26 -14.51 -10.48 -43.53
C ARG B 26 -15.76 -10.30 -44.39
N ASN B 27 -16.73 -9.57 -43.86
CA ASN B 27 -17.98 -9.33 -44.57
C ASN B 27 -17.76 -8.38 -45.74
N SER B 28 -18.77 -8.26 -46.61
CA SER B 28 -18.71 -7.26 -47.66
C SER B 28 -18.77 -5.84 -47.11
N LYS B 29 -19.21 -5.68 -45.86
CA LYS B 29 -19.23 -4.38 -45.20
C LYS B 29 -17.89 -4.02 -44.57
N GLY B 30 -16.89 -4.89 -44.66
CA GLY B 30 -15.62 -4.67 -44.00
C GLY B 30 -15.56 -5.17 -42.57
N ARG B 31 -16.64 -5.75 -42.07
CA ARG B 31 -16.69 -6.25 -40.70
C ARG B 31 -16.13 -7.66 -40.65
N VAL B 32 -15.54 -8.03 -39.52
CA VAL B 32 -14.87 -9.31 -39.33
C VAL B 32 -15.72 -10.13 -38.36
N GLU B 33 -16.47 -11.10 -38.89
CA GLU B 33 -17.23 -12.01 -38.06
C GLU B 33 -16.32 -13.11 -37.55
N ILE B 34 -16.45 -13.42 -36.27
CA ILE B 34 -15.55 -14.32 -35.56
C ILE B 34 -16.35 -15.51 -35.06
N GLY B 35 -15.75 -16.70 -35.14
CA GLY B 35 -16.36 -17.90 -34.60
C GLY B 35 -15.29 -18.86 -34.13
N ARG B 36 -15.73 -19.93 -33.48
CA ARG B 36 -14.78 -20.93 -33.01
C ARG B 36 -14.24 -21.75 -34.17
N SER B 37 -12.95 -22.05 -34.12
CA SER B 37 -12.27 -22.89 -35.11
C SER B 37 -11.76 -24.11 -34.37
N TRP B 38 -12.50 -25.22 -34.45
CA TRP B 38 -12.14 -26.42 -33.71
C TRP B 38 -10.81 -27.00 -34.17
N LEU B 39 -10.53 -26.93 -35.47
CA LEU B 39 -9.23 -27.37 -35.97
C LEU B 39 -8.11 -26.63 -35.26
N PHE B 40 -8.16 -25.30 -35.26
CA PHE B 40 -7.14 -24.52 -34.59
C PHE B 40 -7.24 -24.60 -33.08
N THR B 41 -8.42 -24.85 -32.53
CA THR B 41 -8.54 -25.08 -31.09
C THR B 41 -7.70 -26.29 -30.67
N VAL B 42 -7.93 -27.43 -31.32
CA VAL B 42 -7.17 -28.62 -30.98
C VAL B 42 -5.71 -28.47 -31.35
N TYR B 43 -5.40 -27.77 -32.44
CA TYR B 43 -4.01 -27.51 -32.79
C TYR B 43 -3.32 -26.72 -31.69
N SER B 44 -3.97 -25.66 -31.19
CA SER B 44 -3.38 -24.86 -30.14
C SER B 44 -3.15 -25.69 -28.87
N ALA B 45 -4.17 -26.44 -28.45
CA ALA B 45 -4.02 -27.24 -27.25
C ALA B 45 -2.90 -28.26 -27.39
N THR B 46 -2.88 -28.99 -28.52
CA THR B 46 -1.88 -30.02 -28.73
C THR B 46 -0.48 -29.42 -28.81
N LEU B 47 -0.34 -28.29 -29.51
CA LEU B 47 0.97 -27.65 -29.62
C LEU B 47 1.45 -27.18 -28.25
N THR B 48 0.57 -26.59 -27.45
CA THR B 48 0.96 -26.16 -26.12
C THR B 48 1.44 -27.33 -25.27
N VAL B 49 0.65 -28.41 -25.24
CA VAL B 49 1.04 -29.56 -24.43
C VAL B 49 2.35 -30.16 -24.93
N VAL B 50 2.48 -30.32 -26.24
CA VAL B 50 3.67 -30.95 -26.80
C VAL B 50 4.90 -30.13 -26.50
N MET B 51 4.81 -28.80 -26.68
CA MET B 51 5.99 -27.97 -26.48
C MET B 51 6.35 -27.85 -25.00
N VAL B 52 5.35 -27.82 -24.11
CA VAL B 52 5.67 -27.84 -22.68
C VAL B 52 6.36 -29.15 -22.32
N PHE B 53 5.86 -30.28 -22.82
CA PHE B 53 6.48 -31.57 -22.54
C PHE B 53 7.91 -31.60 -23.06
N LEU B 54 8.13 -31.11 -24.28
CA LEU B 54 9.47 -31.10 -24.85
C LEU B 54 10.40 -30.19 -24.07
N THR B 55 9.91 -29.03 -23.64
CA THR B 55 10.73 -28.11 -22.85
C THR B 55 11.18 -28.77 -21.55
N TYR B 56 10.24 -29.37 -20.82
CA TYR B 56 10.61 -30.01 -19.56
C TYR B 56 11.45 -31.26 -19.79
N ARG B 57 11.24 -31.97 -20.90
CA ARG B 57 12.08 -33.12 -21.22
C ARG B 57 13.51 -32.69 -21.48
N GLY B 58 13.71 -31.60 -22.23
CA GLY B 58 15.03 -31.07 -22.42
C GLY B 58 15.65 -30.59 -21.13
N LEU B 59 14.85 -29.98 -20.25
CA LEU B 59 15.35 -29.58 -18.94
C LEU B 59 15.88 -30.79 -18.17
N LEU B 60 15.08 -31.85 -18.10
CA LEU B 60 15.51 -33.05 -17.38
C LEU B 60 16.74 -33.66 -18.03
N PHE B 61 16.77 -33.69 -19.36
CA PHE B 61 17.92 -34.24 -20.07
C PHE B 61 19.19 -33.48 -19.73
N ASP B 62 19.12 -32.15 -19.71
CA ASP B 62 20.27 -31.35 -19.31
C ASP B 62 20.66 -31.66 -17.87
N ALA B 63 19.66 -31.75 -16.98
CA ALA B 63 19.96 -32.02 -15.58
C ALA B 63 20.55 -33.42 -15.38
N ASN B 64 20.14 -34.39 -16.20
CA ASN B 64 20.59 -35.76 -16.07
C ASN B 64 21.72 -36.11 -17.04
N SER B 65 22.27 -35.12 -17.74
CA SER B 65 23.33 -35.38 -18.70
C SER B 65 24.67 -35.54 -17.98
N GLU B 66 25.66 -36.05 -18.73
CA GLU B 66 26.98 -36.25 -18.17
C GLU B 66 27.63 -34.91 -17.82
N ILE B 67 27.55 -33.94 -18.74
CA ILE B 67 28.04 -32.59 -18.48
C ILE B 67 26.88 -31.61 -18.69
N PRO B 68 26.10 -31.30 -17.65
CA PRO B 68 25.05 -30.29 -17.81
C PRO B 68 25.61 -28.96 -18.26
N VAL B 69 24.87 -28.28 -19.14
CA VAL B 69 25.30 -26.99 -19.66
C VAL B 69 24.75 -25.86 -18.80
N ARG B 70 23.45 -25.89 -18.53
CA ARG B 70 22.77 -24.86 -17.76
C ARG B 70 22.37 -25.32 -16.36
N MET B 71 21.87 -26.55 -16.23
CA MET B 71 21.41 -27.08 -14.95
C MET B 71 22.55 -27.87 -14.33
N LYS B 72 23.51 -27.14 -13.76
CA LYS B 72 24.71 -27.72 -13.16
C LYS B 72 24.68 -27.65 -11.65
N SER B 73 24.57 -26.45 -11.09
CA SER B 73 24.55 -26.27 -9.65
C SER B 73 23.11 -26.21 -9.15
N ALA B 74 22.94 -26.56 -7.87
CA ALA B 74 21.61 -26.50 -7.27
C ALA B 74 20.98 -25.13 -7.47
N THR B 75 21.75 -24.06 -7.25
CA THR B 75 21.24 -22.72 -7.49
C THR B 75 20.91 -22.52 -8.96
N SER B 76 21.82 -22.92 -9.84
CA SER B 76 21.56 -22.80 -11.27
C SER B 76 20.38 -23.67 -11.69
N LYS B 77 20.30 -24.89 -11.18
CA LYS B 77 19.17 -25.76 -11.48
C LYS B 77 17.85 -25.10 -11.11
N VAL B 78 17.77 -24.58 -9.88
CA VAL B 78 16.52 -23.97 -9.41
C VAL B 78 16.19 -22.74 -10.23
N VAL B 79 17.18 -21.89 -10.51
CA VAL B 79 16.92 -20.66 -11.25
C VAL B 79 16.45 -20.98 -12.66
N THR B 80 17.13 -21.91 -13.34
CA THR B 80 16.71 -22.26 -14.70
C THR B 80 15.34 -22.93 -14.72
N ALA B 81 15.05 -23.77 -13.74
CA ALA B 81 13.73 -24.39 -13.67
C ALA B 81 12.65 -23.34 -13.46
N LEU B 82 12.90 -22.37 -12.58
CA LEU B 82 11.93 -21.29 -12.39
C LEU B 82 11.76 -20.47 -13.65
N ASP B 83 12.86 -20.18 -14.35
CA ASP B 83 12.79 -19.40 -15.59
C ASP B 83 11.95 -20.13 -16.63
N VAL B 84 12.15 -21.43 -16.77
CA VAL B 84 11.36 -22.19 -17.74
C VAL B 84 9.91 -22.31 -17.30
N SER B 85 9.67 -22.50 -15.99
CA SER B 85 8.31 -22.68 -15.50
C SER B 85 7.48 -21.41 -15.62
N VAL B 86 8.07 -20.24 -15.39
CA VAL B 86 7.30 -19.01 -15.55
C VAL B 86 6.85 -18.85 -16.99
N VAL B 87 7.74 -19.13 -17.95
CA VAL B 87 7.35 -19.05 -19.36
C VAL B 87 6.26 -20.06 -19.67
N VAL B 88 6.41 -21.29 -19.18
CA VAL B 88 5.42 -22.32 -19.45
C VAL B 88 4.05 -21.90 -18.91
N MET B 89 4.03 -21.39 -17.67
CA MET B 89 2.77 -20.99 -17.06
C MET B 89 2.16 -19.79 -17.79
N ALA B 90 2.99 -18.83 -18.21
CA ALA B 90 2.48 -17.68 -18.93
C ALA B 90 1.84 -18.10 -20.25
N ILE B 91 2.54 -18.93 -21.03
CA ILE B 91 1.98 -19.35 -22.32
C ILE B 91 0.76 -20.23 -22.12
N VAL B 92 0.74 -21.06 -21.08
CA VAL B 92 -0.41 -21.91 -20.83
C VAL B 92 -1.62 -21.07 -20.45
N SER B 93 -1.41 -20.06 -19.61
CA SER B 93 -2.51 -19.15 -19.27
C SER B 93 -3.00 -18.40 -20.49
N GLY B 94 -2.09 -17.94 -21.35
CA GLY B 94 -2.53 -17.27 -22.56
C GLY B 94 -3.33 -18.17 -23.48
N VAL B 95 -2.87 -19.41 -23.66
CA VAL B 95 -3.57 -20.36 -24.51
C VAL B 95 -4.95 -20.68 -23.93
N TYR B 96 -5.01 -20.91 -22.62
CA TYR B 96 -6.30 -21.18 -21.98
C TYR B 96 -7.24 -19.99 -22.12
N CYS B 97 -6.72 -18.78 -21.97
CA CYS B 97 -7.55 -17.59 -22.13
C CYS B 97 -8.09 -17.48 -23.55
N GLY B 98 -7.23 -17.70 -24.54
CA GLY B 98 -7.67 -17.68 -25.92
C GLY B 98 -8.64 -18.79 -26.27
N LEU B 99 -8.56 -19.91 -25.56
CA LEU B 99 -9.48 -21.02 -25.80
C LEU B 99 -10.88 -20.74 -25.27
N PHE B 100 -10.95 -20.13 -24.08
CA PHE B 100 -12.22 -19.93 -23.38
C PHE B 100 -12.58 -18.45 -23.26
N SER B 101 -12.34 -17.67 -24.31
CA SER B 101 -12.68 -16.24 -24.33
C SER B 101 -13.29 -15.86 -25.67
N LEU B 102 -14.08 -16.76 -26.25
CA LEU B 102 -14.74 -16.45 -27.52
C LEU B 102 -15.89 -15.48 -27.32
N ASN B 103 -16.71 -15.70 -26.29
CA ASN B 103 -17.84 -14.81 -26.04
C ASN B 103 -17.36 -13.42 -25.70
N ASP B 104 -16.32 -13.32 -24.85
CA ASP B 104 -15.76 -12.01 -24.52
C ASP B 104 -15.18 -11.34 -25.76
N THR B 105 -14.51 -12.12 -26.62
CA THR B 105 -13.96 -11.56 -27.84
C THR B 105 -15.07 -11.01 -28.73
N LEU B 106 -16.15 -11.76 -28.90
CA LEU B 106 -17.27 -11.30 -29.73
C LEU B 106 -17.87 -10.03 -29.16
N GLU B 107 -18.13 -10.00 -27.86
CA GLU B 107 -18.70 -8.82 -27.24
C GLU B 107 -17.77 -7.62 -27.40
N LEU B 108 -16.47 -7.82 -27.17
CA LEU B 108 -15.51 -6.73 -27.27
C LEU B 108 -15.46 -6.18 -28.68
N ASN B 109 -15.45 -7.06 -29.68
CA ASN B 109 -15.39 -6.60 -31.06
C ASN B 109 -16.67 -5.91 -31.50
N ASP B 110 -17.84 -6.38 -31.04
CA ASP B 110 -19.08 -5.67 -31.34
C ASP B 110 -19.05 -4.27 -30.73
N ARG B 111 -18.65 -4.17 -29.46
CA ARG B 111 -18.57 -2.88 -28.80
C ARG B 111 -17.59 -1.96 -29.51
N LEU B 112 -16.43 -2.49 -29.90
CA LEU B 112 -15.46 -1.68 -30.61
C LEU B 112 -15.99 -1.24 -31.96
N ASN B 113 -16.79 -2.08 -32.62
CA ASN B 113 -17.42 -1.67 -33.87
C ASN B 113 -18.34 -0.47 -33.66
N LYS B 114 -19.22 -0.55 -32.66
CA LYS B 114 -20.11 0.59 -32.43
C LYS B 114 -19.32 1.84 -32.03
N ILE B 115 -18.27 1.67 -31.22
CA ILE B 115 -17.47 2.81 -30.81
C ILE B 115 -16.78 3.45 -32.00
N ASP B 116 -16.20 2.63 -32.89
CA ASP B 116 -15.54 3.15 -34.07
C ASP B 116 -16.54 3.86 -34.99
N ASN B 117 -17.76 3.32 -35.11
CA ASN B 117 -18.80 4.03 -35.85
C ASN B 117 -19.06 5.39 -35.21
N THR B 118 -19.10 5.44 -33.88
CA THR B 118 -19.28 6.71 -33.19
C THR B 118 -18.08 7.63 -33.40
N LEU B 119 -16.87 7.07 -33.35
CA LEU B 119 -15.63 7.83 -33.52
C LEU B 119 -15.04 7.72 -34.91
N ASN B 120 -15.89 7.65 -35.95
CA ASN B 120 -15.39 7.50 -37.30
C ASN B 120 -14.54 8.69 -37.73
N ALA B 121 -14.72 9.84 -37.08
CA ALA B 121 -13.98 11.05 -37.46
C ALA B 121 -12.50 10.95 -37.15
N TYR B 122 -12.09 10.10 -36.20
CA TYR B 122 -10.70 10.00 -35.79
C TYR B 122 -10.09 8.63 -36.11
N ASN B 123 -10.79 7.79 -36.86
CA ASN B 123 -10.26 6.48 -37.22
C ASN B 123 -9.20 6.63 -38.31
N ASN B 124 -8.06 5.98 -38.11
CA ASN B 124 -6.95 5.99 -39.08
C ASN B 124 -6.59 4.53 -39.35
N PHE B 125 -7.19 3.96 -40.39
CA PHE B 125 -6.92 2.56 -40.72
C PHE B 125 -5.45 2.36 -41.04
N ARG B 126 -4.86 3.24 -41.85
CA ARG B 126 -3.47 3.07 -42.25
C ARG B 126 -2.54 3.17 -41.06
N ARG B 127 -2.71 4.22 -40.24
CA ARG B 127 -1.84 4.39 -39.08
C ARG B 127 -2.00 3.26 -38.08
N ASP B 128 -3.24 2.82 -37.82
CA ASP B 128 -3.44 1.73 -36.89
C ASP B 128 -2.81 0.44 -37.41
N ARG B 129 -3.01 0.13 -38.68
CA ARG B 129 -2.40 -1.07 -39.26
C ARG B 129 -0.90 -1.01 -39.16
N TRP B 130 -0.29 0.13 -39.49
CA TRP B 130 1.15 0.23 -39.45
C TRP B 130 1.70 0.16 -38.04
N ARG B 131 1.03 0.77 -37.07
CA ARG B 131 1.46 0.64 -35.68
C ARG B 131 1.38 -0.81 -35.21
N ALA B 132 0.28 -1.50 -35.53
CA ALA B 132 0.15 -2.90 -35.11
C ALA B 132 1.23 -3.77 -35.75
N LEU B 133 1.41 -3.64 -37.06
CA LEU B 133 2.44 -4.42 -37.74
C LEU B 133 3.84 -4.08 -37.23
N GLY B 134 4.11 -2.81 -36.96
CA GLY B 134 5.41 -2.43 -36.43
C GLY B 134 5.66 -3.03 -35.06
N MET B 135 4.66 -2.99 -34.18
CA MET B 135 4.82 -3.58 -32.86
C MET B 135 5.08 -5.07 -32.98
N ALA B 136 4.27 -5.77 -33.79
CA ALA B 136 4.45 -7.21 -33.95
C ALA B 136 5.82 -7.53 -34.52
N ALA B 137 6.22 -6.83 -35.58
CA ALA B 137 7.49 -7.11 -36.22
C ALA B 137 8.66 -6.81 -35.30
N VAL B 138 8.61 -5.69 -34.58
CA VAL B 138 9.69 -5.36 -33.65
C VAL B 138 9.79 -6.41 -32.55
N SER B 139 8.66 -6.82 -31.97
CA SER B 139 8.70 -7.83 -30.92
C SER B 139 9.26 -9.14 -31.44
N LEU B 140 8.77 -9.61 -32.59
CA LEU B 140 9.23 -10.89 -33.12
C LEU B 140 10.70 -10.83 -33.54
N LEU B 141 11.13 -9.74 -34.16
CA LEU B 141 12.53 -9.60 -34.53
C LEU B 141 13.43 -9.54 -33.31
N ALA B 142 12.99 -8.81 -32.27
CA ALA B 142 13.78 -8.74 -31.04
C ALA B 142 13.93 -10.10 -30.41
N ILE B 143 12.83 -10.84 -30.28
CA ILE B 143 12.92 -12.16 -29.66
C ILE B 143 13.73 -13.12 -30.52
N SER B 144 13.63 -13.01 -31.85
CA SER B 144 14.41 -13.87 -32.72
C SER B 144 15.89 -13.60 -32.59
N ILE B 145 16.27 -12.31 -32.64
CA ILE B 145 17.68 -11.94 -32.49
C ILE B 145 18.20 -12.39 -31.12
N LEU B 146 17.40 -12.18 -30.08
CA LEU B 146 17.83 -12.53 -28.73
C LEU B 146 17.98 -14.04 -28.57
N VAL B 147 17.06 -14.81 -29.15
CA VAL B 147 17.18 -16.26 -29.12
C VAL B 147 18.41 -16.72 -29.89
N GLY B 148 18.68 -16.11 -31.05
CA GLY B 148 19.88 -16.47 -31.79
C GLY B 148 21.14 -16.21 -31.00
N LEU B 149 21.22 -15.02 -30.39
CA LEU B 149 22.39 -14.68 -29.57
C LEU B 149 22.52 -15.65 -28.40
N ASP B 150 21.41 -15.94 -27.71
CA ASP B 150 21.46 -16.83 -26.55
C ASP B 150 21.91 -18.23 -26.96
N VAL B 151 21.36 -18.76 -28.06
CA VAL B 151 21.70 -20.11 -28.47
C VAL B 151 23.15 -20.17 -28.96
N GLY B 152 23.62 -19.15 -29.67
CA GLY B 152 25.02 -19.13 -30.05
C GLY B 152 25.95 -19.06 -28.86
N THR B 153 25.65 -18.19 -27.89
CA THR B 153 26.46 -18.09 -26.69
C THR B 153 26.49 -19.42 -25.94
N TRP B 154 25.32 -20.06 -25.79
CA TRP B 154 25.27 -21.32 -25.07
C TRP B 154 25.93 -22.46 -25.83
N MET B 155 25.91 -22.41 -27.16
CA MET B 155 26.62 -23.41 -27.95
C MET B 155 28.12 -23.26 -27.75
N ARG B 156 28.62 -22.02 -27.79
CA ARG B 156 30.04 -21.79 -27.51
C ARG B 156 30.39 -22.25 -26.11
N ILE B 157 29.55 -21.94 -25.12
CA ILE B 157 29.82 -22.32 -23.74
C ILE B 157 29.85 -23.83 -23.60
N ALA B 158 28.89 -24.53 -24.20
CA ALA B 158 28.87 -25.98 -24.17
C ALA B 158 30.07 -26.60 -24.86
N GLN B 159 30.49 -26.05 -26.00
CA GLN B 159 31.69 -26.55 -26.66
C GLN B 159 32.94 -26.29 -25.82
N ASP B 160 32.92 -25.24 -24.99
CA ASP B 160 34.05 -24.98 -24.12
C ASP B 160 34.19 -26.06 -23.04
N MET B 161 33.08 -26.65 -22.62
CA MET B 161 33.12 -27.72 -21.63
C MET B 161 33.10 -29.10 -22.27
N ASN B 162 33.14 -29.19 -23.60
CA ASN B 162 33.00 -30.46 -24.27
C ASN B 162 34.16 -31.39 -23.92
N ILE B 163 33.83 -32.60 -23.53
CA ILE B 163 34.81 -33.66 -23.28
C ILE B 163 34.63 -34.73 -24.33
N ALA B 164 35.73 -35.38 -24.71
CA ALA B 164 35.69 -36.31 -25.84
C ALA B 164 34.71 -37.44 -25.61
N GLN B 165 34.33 -37.70 -24.36
CA GLN B 165 33.44 -38.82 -24.02
C GLN B 165 31.99 -38.39 -23.92
N SER B 166 31.61 -37.25 -24.49
CA SER B 166 30.23 -36.80 -24.43
C SER B 166 30.06 -35.58 -25.32
N ASP B 167 28.82 -35.31 -25.71
CA ASP B 167 28.47 -34.16 -26.53
C ASP B 167 27.58 -33.22 -25.73
N THR B 168 28.03 -31.97 -25.56
CA THR B 168 27.28 -30.98 -24.81
C THR B 168 26.45 -30.05 -25.70
N GLU B 169 26.56 -30.19 -27.03
CA GLU B 169 25.77 -29.36 -27.94
C GLU B 169 24.32 -29.83 -28.03
N LEU B 170 24.09 -31.14 -27.92
CA LEU B 170 22.71 -31.63 -27.88
C LEU B 170 21.96 -31.08 -26.68
N ASN B 171 22.67 -30.80 -25.58
CA ASN B 171 22.03 -30.17 -24.43
C ASN B 171 21.46 -28.82 -24.81
N VAL B 172 22.20 -28.03 -25.58
CA VAL B 172 21.69 -26.74 -26.04
C VAL B 172 20.57 -26.94 -27.05
N HIS B 173 20.72 -27.90 -27.97
CA HIS B 173 19.67 -28.16 -28.94
C HIS B 173 18.35 -28.53 -28.27
N TRP B 174 18.40 -29.19 -27.12
CA TRP B 174 17.19 -29.58 -26.40
C TRP B 174 16.51 -28.41 -25.71
N TYR B 175 17.06 -27.20 -25.80
CA TYR B 175 16.45 -26.01 -25.22
C TYR B 175 15.70 -25.17 -26.25
N ILE B 176 15.49 -25.71 -27.45
CA ILE B 176 14.81 -25.00 -28.53
C ILE B 176 13.32 -24.87 -28.22
N PRO B 177 12.68 -25.90 -27.65
CA PRO B 177 11.27 -25.74 -27.26
C PRO B 177 11.05 -24.58 -26.29
N PHE B 178 12.03 -24.30 -25.43
CA PHE B 178 11.89 -23.16 -24.53
C PHE B 178 11.87 -21.85 -25.31
N TYR B 179 12.69 -21.75 -26.36
CA TYR B 179 12.67 -20.56 -27.20
C TYR B 179 11.37 -20.46 -28.00
N SER B 180 10.81 -21.60 -28.40
CA SER B 180 9.49 -21.59 -29.03
C SER B 180 8.44 -21.07 -28.07
N LEU B 181 8.52 -21.49 -26.80
CA LEU B 181 7.63 -20.94 -25.79
C LEU B 181 7.82 -19.44 -25.65
N TYR B 182 9.07 -18.98 -25.78
CA TYR B 182 9.33 -17.54 -25.76
C TYR B 182 8.65 -16.84 -26.92
N PHE B 183 8.69 -17.44 -28.11
CA PHE B 183 7.98 -16.84 -29.25
C PHE B 183 6.48 -16.77 -28.99
N ILE B 184 5.91 -17.85 -28.43
CA ILE B 184 4.48 -17.85 -28.12
C ILE B 184 4.17 -16.76 -27.09
N LEU B 185 5.02 -16.61 -26.08
CA LEU B 185 4.83 -15.56 -25.08
C LEU B 185 4.89 -14.18 -25.71
N THR B 186 5.84 -13.97 -26.63
CA THR B 186 5.94 -12.69 -27.32
C THR B 186 4.67 -12.40 -28.11
N GLY B 187 4.15 -13.41 -28.82
CA GLY B 187 2.91 -13.21 -29.55
C GLY B 187 1.73 -12.88 -28.66
N LEU B 188 1.62 -13.60 -27.53
CA LEU B 188 0.54 -13.33 -26.59
C LEU B 188 0.63 -11.92 -26.03
N GLN B 189 1.83 -11.50 -25.63
CA GLN B 189 2.02 -10.15 -25.12
C GLN B 189 1.71 -9.11 -26.18
N VAL B 190 2.10 -9.35 -27.43
CA VAL B 190 1.81 -8.42 -28.50
C VAL B 190 0.30 -8.29 -28.70
N ASN B 191 -0.42 -9.40 -28.66
CA ASN B 191 -1.87 -9.35 -28.83
C ASN B 191 -2.53 -8.58 -27.69
N ILE B 192 -2.16 -8.89 -26.45
CA ILE B 192 -2.74 -8.19 -25.30
C ILE B 192 -2.43 -6.71 -25.38
N ALA B 193 -1.20 -6.36 -25.74
CA ALA B 193 -0.81 -4.96 -25.83
C ALA B 193 -1.58 -4.25 -26.93
N ASN B 194 -1.78 -4.91 -28.07
CA ASN B 194 -2.56 -4.30 -29.14
C ASN B 194 -3.98 -4.02 -28.68
N THR B 195 -4.61 -4.98 -28.01
CA THR B 195 -5.98 -4.76 -27.53
C THR B 195 -6.04 -3.61 -26.53
N ALA B 196 -5.15 -3.62 -25.54
CA ALA B 196 -5.19 -2.59 -24.50
C ALA B 196 -4.86 -1.21 -25.08
N TYR B 197 -3.89 -1.14 -25.99
CA TYR B 197 -3.56 0.13 -26.63
C TYR B 197 -4.71 0.62 -27.49
N GLY B 198 -5.43 -0.29 -28.15
CA GLY B 198 -6.62 0.13 -28.89
C GLY B 198 -7.68 0.71 -27.98
N LEU B 199 -7.91 0.08 -26.83
CA LEU B 199 -8.87 0.62 -25.87
C LEU B 199 -8.45 2.01 -25.39
N GLY B 200 -7.18 2.18 -25.03
CA GLY B 200 -6.72 3.49 -24.59
C GLY B 200 -6.79 4.54 -25.69
N ARG B 201 -6.45 4.15 -26.92
CA ARG B 201 -6.52 5.07 -28.04
C ARG B 201 -7.95 5.49 -28.32
N ARG B 202 -8.90 4.57 -28.19
CA ARG B 202 -10.30 4.93 -28.36
C ARG B 202 -10.78 5.84 -27.24
N PHE B 203 -10.31 5.62 -26.02
CA PHE B 203 -10.60 6.56 -24.94
C PHE B 203 -10.08 7.95 -25.27
N GLY B 204 -8.85 8.03 -25.77
CA GLY B 204 -8.29 9.32 -26.14
C GLY B 204 -9.06 9.98 -27.26
N ARG B 205 -9.47 9.20 -28.26
CA ARG B 205 -10.28 9.75 -29.35
C ARG B 205 -11.62 10.27 -28.83
N LEU B 206 -12.23 9.54 -27.91
CA LEU B 206 -13.49 9.99 -27.31
C LEU B 206 -13.30 11.31 -26.56
N ASN B 207 -12.23 11.42 -25.80
CA ASN B 207 -11.96 12.67 -25.09
C ASN B 207 -11.69 13.82 -26.07
N ARG B 208 -10.94 13.54 -27.14
CA ARG B 208 -10.69 14.56 -28.15
C ARG B 208 -11.98 15.02 -28.80
N MET B 209 -12.88 14.08 -29.12
CA MET B 209 -14.17 14.44 -29.69
C MET B 209 -14.98 15.28 -28.71
N LEU B 210 -14.97 14.90 -27.43
CA LEU B 210 -15.66 15.69 -26.42
C LEU B 210 -15.14 17.13 -26.39
N SER B 211 -13.82 17.28 -26.37
CA SER B 211 -13.23 18.61 -26.28
C SER B 211 -13.43 19.43 -27.56
N SER B 212 -13.51 18.76 -28.72
CA SER B 212 -13.64 19.46 -29.99
C SER B 212 -15.08 19.77 -30.36
N SER B 213 -16.04 19.04 -29.81
CA SER B 213 -17.45 19.26 -30.11
C SER B 213 -18.18 20.02 -29.01
N PHE B 214 -17.55 20.22 -27.85
CA PHE B 214 -18.21 20.89 -26.75
C PHE B 214 -17.34 21.94 -26.06
N LEU B 215 -16.09 22.11 -26.48
CA LEU B 215 -15.23 23.16 -25.94
C LEU B 215 -14.41 23.85 -27.03
N ALA B 216 -14.82 23.75 -28.29
CA ALA B 216 -14.09 24.38 -29.39
C ALA B 216 -15.07 24.98 -30.39
N ALA B 262 -33.19 22.11 -32.05
CA ALA B 262 -32.77 21.68 -33.38
C ALA B 262 -31.30 21.24 -33.36
N ALA B 263 -30.39 22.21 -33.39
CA ALA B 263 -28.97 21.90 -33.36
C ALA B 263 -28.54 21.38 -32.00
N ALA B 264 -29.02 22.01 -30.93
CA ALA B 264 -28.71 21.53 -29.59
C ALA B 264 -29.21 20.11 -29.36
N LYS B 265 -30.33 19.74 -29.97
CA LYS B 265 -30.81 18.36 -29.87
C LYS B 265 -29.81 17.39 -30.47
N ASN B 266 -29.27 17.71 -31.65
CA ASN B 266 -28.27 16.85 -32.26
C ASN B 266 -26.99 16.83 -31.43
N LYS B 267 -26.62 17.96 -30.84
CA LYS B 267 -25.43 17.99 -29.98
C LYS B 267 -25.62 17.10 -28.76
N GLY B 268 -26.81 17.13 -28.16
CA GLY B 268 -27.10 16.24 -27.06
C GLY B 268 -27.13 14.78 -27.47
N LEU B 269 -27.63 14.50 -28.66
CA LEU B 269 -27.56 13.14 -29.19
C LEU B 269 -26.11 12.68 -29.31
N LEU B 270 -25.24 13.56 -29.80
CA LEU B 270 -23.82 13.25 -29.92
C LEU B 270 -23.21 12.99 -28.55
N LEU B 271 -23.57 13.81 -27.56
CA LEU B 271 -23.07 13.59 -26.21
C LEU B 271 -23.55 12.26 -25.64
N LYS B 272 -24.80 11.90 -25.90
CA LYS B 272 -25.30 10.60 -25.45
C LYS B 272 -24.52 9.47 -26.11
N SER B 273 -24.24 9.59 -27.41
CA SER B 273 -23.42 8.58 -28.07
C SER B 273 -22.03 8.50 -27.47
N LEU B 274 -21.43 9.64 -27.13
CA LEU B 274 -20.11 9.63 -26.52
C LEU B 274 -20.13 8.96 -25.15
N ALA B 275 -21.18 9.22 -24.36
CA ALA B 275 -21.30 8.57 -23.06
C ALA B 275 -21.46 7.06 -23.22
N ASP B 276 -22.28 6.64 -24.19
CA ASP B 276 -22.43 5.22 -24.46
C ASP B 276 -21.10 4.61 -24.88
N SER B 277 -20.33 5.32 -25.70
CA SER B 277 -19.02 4.81 -26.12
C SER B 277 -18.07 4.69 -24.93
N HIS B 278 -18.10 5.66 -24.02
CA HIS B 278 -17.25 5.58 -22.83
C HIS B 278 -17.63 4.37 -21.97
N GLU B 279 -18.93 4.16 -21.76
CA GLU B 279 -19.37 3.01 -20.98
C GLU B 279 -18.98 1.70 -21.67
N SER B 280 -19.13 1.64 -22.99
CA SER B 280 -18.74 0.46 -23.74
C SER B 280 -17.24 0.22 -23.69
N LEU B 281 -16.44 1.28 -23.68
CA LEU B 281 -14.99 1.11 -23.56
C LEU B 281 -14.61 0.60 -22.18
N GLY B 282 -15.28 1.10 -21.14
CA GLY B 282 -15.07 0.54 -19.81
C GLY B 282 -15.43 -0.94 -19.75
N LYS B 283 -16.56 -1.31 -20.34
CA LYS B 283 -16.94 -2.72 -20.38
C LYS B 283 -15.97 -3.54 -21.22
N CYS B 284 -15.40 -2.96 -22.27
CA CYS B 284 -14.39 -3.67 -23.04
C CYS B 284 -13.12 -3.90 -22.23
N VAL B 285 -12.71 -2.90 -21.44
CA VAL B 285 -11.59 -3.09 -20.54
C VAL B 285 -11.88 -4.21 -19.55
N HIS B 286 -13.09 -4.22 -19.01
CA HIS B 286 -13.46 -5.27 -18.06
C HIS B 286 -13.51 -6.64 -18.74
N LEU B 287 -13.93 -6.69 -20.01
CA LEU B 287 -13.91 -7.96 -20.74
C LEU B 287 -12.50 -8.45 -20.96
N LEU B 288 -11.61 -7.56 -21.41
CA LEU B 288 -10.21 -7.93 -21.57
C LEU B 288 -9.64 -8.43 -20.26
N SER B 289 -9.97 -7.77 -19.15
CA SER B 289 -9.54 -8.26 -17.84
C SER B 289 -10.08 -9.65 -17.57
N ASN B 290 -11.41 -9.82 -17.59
CA ASN B 290 -11.98 -11.12 -17.26
C ASN B 290 -11.46 -12.22 -18.17
N SER B 291 -10.96 -11.86 -19.35
CA SER B 291 -10.51 -12.89 -20.29
C SER B 291 -9.02 -13.21 -20.13
N PHE B 292 -8.17 -12.19 -19.93
CA PHE B 292 -6.72 -12.39 -19.94
C PHE B 292 -6.04 -11.88 -18.67
N GLY B 293 -6.76 -11.79 -17.56
CA GLY B 293 -6.14 -11.34 -16.33
C GLY B 293 -5.16 -12.34 -15.77
N ILE B 294 -5.49 -13.64 -15.83
CA ILE B 294 -4.56 -14.66 -15.39
C ILE B 294 -3.32 -14.65 -16.27
N ALA B 295 -3.51 -14.44 -17.58
CA ALA B 295 -2.37 -14.34 -18.49
C ALA B 295 -1.48 -13.15 -18.15
N VAL B 296 -2.10 -11.99 -17.88
CA VAL B 296 -1.32 -10.81 -17.52
C VAL B 296 -0.59 -11.02 -16.20
N LEU B 297 -1.25 -11.67 -15.24
CA LEU B 297 -0.62 -11.94 -13.96
C LEU B 297 0.59 -12.84 -14.11
N PHE B 298 0.46 -13.90 -14.90
CA PHE B 298 1.60 -14.78 -15.11
C PHE B 298 2.68 -14.10 -15.95
N ILE B 299 2.31 -13.20 -16.85
CA ILE B 299 3.31 -12.42 -17.58
C ILE B 299 4.09 -11.54 -16.62
N LEU B 300 3.41 -10.91 -15.67
CA LEU B 300 4.10 -10.07 -14.70
C LEU B 300 5.01 -10.89 -13.80
N VAL B 301 4.52 -12.04 -13.34
CA VAL B 301 5.35 -12.94 -12.54
C VAL B 301 6.59 -13.36 -13.33
N SER B 302 6.39 -13.69 -14.61
CA SER B 302 7.50 -14.09 -15.45
C SER B 302 8.50 -12.97 -15.61
N CYS B 303 8.02 -11.74 -15.82
CA CYS B 303 8.92 -10.60 -15.95
C CYS B 303 9.75 -10.42 -14.69
N LEU B 304 9.09 -10.46 -13.53
CA LEU B 304 9.81 -10.29 -12.26
C LEU B 304 10.88 -11.37 -12.09
N LEU B 305 10.48 -12.64 -12.22
CA LEU B 305 11.42 -13.72 -12.00
C LEU B 305 12.53 -13.72 -13.03
N HIS B 306 12.21 -13.37 -14.28
CA HIS B 306 13.22 -13.32 -15.32
C HIS B 306 14.23 -12.20 -15.05
N LEU B 307 13.75 -11.03 -14.65
CA LEU B 307 14.67 -9.96 -14.32
C LEU B 307 15.59 -10.38 -13.19
N VAL B 308 15.02 -10.97 -12.12
CA VAL B 308 15.86 -11.39 -11.00
C VAL B 308 16.89 -12.43 -11.44
N ALA B 309 16.45 -13.47 -12.14
CA ALA B 309 17.36 -14.55 -12.55
C ALA B 309 18.42 -14.06 -13.51
N THR B 310 18.05 -13.23 -14.48
CA THR B 310 19.01 -12.74 -15.46
C THR B 310 20.02 -11.82 -14.81
N ALA B 311 19.58 -10.98 -13.87
CA ALA B 311 20.53 -10.13 -13.15
C ALA B 311 21.47 -10.98 -12.29
N TYR B 312 20.95 -12.04 -11.69
CA TYR B 312 21.81 -12.94 -10.91
C TYR B 312 22.85 -13.61 -11.79
N PHE B 313 22.44 -14.09 -12.96
CA PHE B 313 23.39 -14.71 -13.88
C PHE B 313 24.42 -13.70 -14.38
N LEU B 314 23.97 -12.47 -14.66
CA LEU B 314 24.89 -11.42 -15.09
C LEU B 314 25.91 -11.12 -14.00
N PHE B 315 25.46 -11.06 -12.75
CA PHE B 315 26.38 -10.79 -11.65
C PHE B 315 27.38 -11.93 -11.49
N LEU B 316 26.91 -13.17 -11.63
CA LEU B 316 27.82 -14.31 -11.59
C LEU B 316 28.88 -14.22 -12.68
N GLU B 317 28.45 -13.97 -13.92
CA GLU B 317 29.40 -13.88 -15.02
C GLU B 317 30.32 -12.68 -14.86
N LEU B 318 29.84 -11.63 -14.19
CA LEU B 318 30.67 -10.45 -13.99
C LEU B 318 31.74 -10.71 -12.94
N LEU B 319 31.42 -11.52 -11.93
CA LEU B 319 32.45 -11.95 -10.98
C LEU B 319 33.45 -12.86 -11.66
N SER B 320 32.96 -13.91 -12.34
CA SER B 320 33.87 -14.86 -12.97
C SER B 320 34.49 -14.30 -14.24
N LYS B 321 33.72 -13.52 -15.00
CA LYS B 321 34.19 -12.94 -16.26
C LYS B 321 34.68 -14.01 -17.23
N ARG B 322 34.01 -15.17 -17.23
CA ARG B 322 34.40 -16.23 -18.16
C ARG B 322 34.12 -15.82 -19.60
N ASP B 323 33.02 -15.13 -19.85
CA ASP B 323 32.63 -14.72 -21.19
C ASP B 323 32.03 -13.32 -21.14
N ASN B 324 32.25 -12.56 -22.22
CA ASN B 324 31.68 -11.22 -22.31
C ASN B 324 30.40 -11.22 -23.15
N GLY B 325 30.37 -12.04 -24.20
CA GLY B 325 29.15 -12.18 -24.97
C GLY B 325 27.99 -12.64 -24.11
N TYR B 326 28.26 -13.52 -23.15
CA TYR B 326 27.23 -13.92 -22.20
C TYR B 326 26.72 -12.73 -21.41
N LEU B 327 27.63 -11.87 -20.94
CA LEU B 327 27.21 -10.68 -20.20
C LEU B 327 26.32 -9.79 -21.06
N TRP B 328 26.72 -9.54 -22.31
CA TRP B 328 25.93 -8.67 -23.17
C TRP B 328 24.57 -9.30 -23.50
N VAL B 329 24.53 -10.62 -23.66
CA VAL B 329 23.26 -11.30 -23.89
C VAL B 329 22.36 -11.17 -22.67
N GLN B 330 22.94 -11.24 -21.46
CA GLN B 330 22.13 -11.04 -20.26
C GLN B 330 21.62 -9.61 -20.17
N MET B 331 22.43 -8.63 -20.56
CA MET B 331 21.92 -7.25 -20.59
C MET B 331 20.78 -7.11 -21.58
N LEU B 332 20.92 -7.73 -22.75
CA LEU B 332 19.84 -7.68 -23.74
C LEU B 332 18.58 -8.36 -23.21
N TRP B 333 18.74 -9.46 -22.48
CA TRP B 333 17.59 -10.13 -21.88
C TRP B 333 16.92 -9.24 -20.84
N ILE B 334 17.72 -8.53 -20.03
CA ILE B 334 17.14 -7.59 -19.07
C ILE B 334 16.35 -6.52 -19.81
N CYS B 335 16.92 -5.97 -20.87
CA CYS B 335 16.22 -4.95 -21.65
C CYS B 335 14.92 -5.50 -22.23
N PHE B 336 14.96 -6.72 -22.76
CA PHE B 336 13.76 -7.32 -23.34
C PHE B 336 12.68 -7.55 -22.29
N HIS B 337 13.06 -8.07 -21.13
CA HIS B 337 12.09 -8.30 -20.06
C HIS B 337 11.49 -7.00 -19.56
N PHE B 338 12.32 -5.96 -19.37
CA PHE B 338 11.79 -4.66 -18.96
C PHE B 338 10.86 -4.08 -20.02
N LEU B 339 11.23 -4.23 -21.29
CA LEU B 339 10.41 -3.68 -22.36
C LEU B 339 9.07 -4.38 -22.45
N ARG B 340 9.03 -5.69 -22.25
CA ARG B 340 7.75 -6.40 -22.27
C ARG B 340 6.93 -6.14 -21.01
N LEU B 341 7.58 -5.96 -19.86
CA LEU B 341 6.87 -5.49 -18.68
C LEU B 341 6.18 -4.16 -18.96
N LEU B 342 6.91 -3.22 -19.58
CA LEU B 342 6.28 -1.97 -19.98
C LEU B 342 5.17 -2.21 -21.01
N MET B 343 5.39 -3.10 -21.96
CA MET B 343 4.39 -3.46 -22.95
C MET B 343 3.08 -3.91 -22.32
N VAL B 344 3.15 -4.62 -21.18
CA VAL B 344 1.95 -5.06 -20.49
C VAL B 344 1.43 -4.04 -19.49
N VAL B 345 2.28 -3.12 -19.03
CA VAL B 345 1.84 -2.17 -18.00
C VAL B 345 1.30 -0.87 -18.58
N GLU B 346 2.02 -0.26 -19.52
CA GLU B 346 1.68 1.05 -20.07
C GLU B 346 0.30 1.08 -20.73
N PRO B 347 -0.11 0.04 -21.45
CA PRO B 347 -1.44 0.08 -22.06
C PRO B 347 -2.56 0.30 -21.06
N CYS B 348 -2.58 -0.49 -19.98
CA CYS B 348 -3.63 -0.33 -18.97
C CYS B 348 -3.55 1.03 -18.29
N HIS B 349 -2.32 1.48 -18.00
CA HIS B 349 -2.15 2.79 -17.38
C HIS B 349 -2.70 3.89 -18.27
N LEU B 350 -2.39 3.84 -19.57
CA LEU B 350 -2.90 4.83 -20.51
C LEU B 350 -4.42 4.77 -20.60
N ALA B 351 -4.98 3.56 -20.65
CA ALA B 351 -6.43 3.44 -20.72
C ALA B 351 -7.10 4.08 -19.51
N ALA B 352 -6.61 3.74 -18.31
CA ALA B 352 -7.18 4.32 -17.10
C ALA B 352 -7.00 5.82 -17.06
N ARG B 353 -5.83 6.32 -17.45
CA ARG B 353 -5.57 7.75 -17.43
C ARG B 353 -6.49 8.49 -18.39
N GLU B 354 -6.72 7.93 -19.58
CA GLU B 354 -7.57 8.59 -20.56
C GLU B 354 -9.04 8.53 -20.14
N SER B 355 -9.44 7.43 -19.50
CA SER B 355 -10.83 7.34 -19.04
C SER B 355 -11.11 8.20 -17.83
N ARG B 356 -10.11 8.44 -16.98
CA ARG B 356 -10.30 9.22 -15.77
C ARG B 356 -10.16 10.73 -16.01
N LYS B 357 -9.69 11.15 -17.18
CA LYS B 357 -9.61 12.56 -17.50
C LYS B 357 -10.84 13.09 -18.24
N THR B 358 -11.83 12.21 -18.49
CA THR B 358 -13.03 12.66 -19.17
C THR B 358 -13.96 13.42 -18.22
N ILE B 359 -13.90 13.10 -16.93
CA ILE B 359 -14.79 13.75 -15.97
C ILE B 359 -14.45 15.24 -15.84
N GLN B 360 -13.18 15.60 -15.99
CA GLN B 360 -12.82 17.02 -15.95
C GLN B 360 -13.38 17.75 -17.17
N ILE B 361 -13.29 17.11 -18.34
CA ILE B 361 -13.89 17.70 -19.54
C ILE B 361 -15.38 17.87 -19.36
N VAL B 362 -16.05 16.87 -18.78
CA VAL B 362 -17.48 16.96 -18.56
C VAL B 362 -17.82 18.08 -17.57
N CYS B 363 -16.99 18.25 -16.53
CA CYS B 363 -17.18 19.38 -15.63
C CYS B 363 -17.05 20.70 -16.36
N GLU B 364 -16.09 20.79 -17.28
CA GLU B 364 -15.95 22.00 -18.08
C GLU B 364 -17.21 22.26 -18.91
N ILE B 365 -17.75 21.22 -19.54
CA ILE B 365 -18.99 21.39 -20.30
C ILE B 365 -20.11 21.86 -19.38
N GLU B 366 -20.24 21.23 -18.20
CA GLU B 366 -21.23 21.68 -17.23
C GLU B 366 -21.11 23.17 -16.96
N ARG B 367 -19.87 23.61 -16.69
CA ARG B 367 -19.61 25.00 -16.35
C ARG B 367 -19.86 25.92 -17.54
N LYS B 368 -19.85 25.37 -18.76
CA LYS B 368 -20.00 26.17 -19.95
C LYS B 368 -21.34 25.95 -20.65
N VAL B 369 -22.03 24.84 -20.37
CA VAL B 369 -23.29 24.51 -21.02
C VAL B 369 -24.43 25.22 -20.30
N HIS B 370 -25.46 25.59 -21.04
CA HIS B 370 -26.62 26.27 -20.48
C HIS B 370 -27.93 25.65 -20.97
N GLU B 371 -27.91 25.03 -22.14
CA GLU B 371 -29.13 24.48 -22.70
C GLU B 371 -29.73 23.45 -21.76
N PRO B 372 -31.06 23.37 -21.64
CA PRO B 372 -31.67 22.46 -20.66
C PRO B 372 -31.39 20.99 -20.93
N ILE B 373 -31.74 20.53 -22.12
CA ILE B 373 -31.58 19.11 -22.43
C ILE B 373 -30.11 18.74 -22.48
N LEU B 374 -29.27 19.60 -23.06
CA LEU B 374 -27.84 19.31 -23.12
C LEU B 374 -27.23 19.34 -21.73
N ALA B 375 -27.67 20.28 -20.88
CA ALA B 375 -27.17 20.31 -19.51
C ALA B 375 -27.56 19.05 -18.76
N GLU B 376 -28.79 18.57 -18.97
CA GLU B 376 -29.21 17.33 -18.32
C GLU B 376 -28.40 16.14 -18.82
N ALA B 377 -28.12 16.09 -20.12
CA ALA B 377 -27.29 15.01 -20.66
C ALA B 377 -25.89 15.05 -20.07
N VAL B 378 -25.33 16.25 -19.92
CA VAL B 378 -24.00 16.39 -19.35
C VAL B 378 -24.01 15.97 -17.88
N LYS B 379 -25.08 16.30 -17.17
CA LYS B 379 -25.22 15.85 -15.78
C LYS B 379 -25.27 14.33 -15.70
N LYS B 380 -26.03 13.70 -16.60
CA LYS B 380 -26.08 12.25 -16.65
C LYS B 380 -24.71 11.67 -16.91
N PHE B 381 -23.95 12.29 -17.82
CA PHE B 381 -22.62 11.80 -18.14
C PHE B 381 -21.67 11.94 -16.95
N TRP B 382 -21.76 13.07 -16.23
CA TRP B 382 -20.94 13.25 -15.04
C TRP B 382 -21.27 12.22 -13.98
N GLN B 383 -22.56 11.96 -13.78
CA GLN B 383 -22.97 10.92 -12.85
C GLN B 383 -22.43 9.56 -13.26
N GLN B 384 -22.48 9.24 -14.56
CA GLN B 384 -21.95 7.97 -15.05
C GLN B 384 -20.46 7.87 -14.79
N LEU B 385 -19.71 8.94 -15.04
CA LEU B 385 -18.27 8.93 -14.86
C LEU B 385 -17.84 8.90 -13.40
N LEU B 386 -18.67 9.42 -12.50
CA LEU B 386 -18.29 9.45 -11.09
C LEU B 386 -18.03 8.05 -10.54
N VAL B 387 -18.65 7.03 -11.12
CA VAL B 387 -18.59 5.68 -10.58
C VAL B 387 -17.97 4.72 -11.59
N VAL B 388 -17.06 5.24 -12.42
CA VAL B 388 -16.44 4.42 -13.46
C VAL B 388 -15.26 3.66 -12.88
N ASP B 389 -15.21 2.36 -13.14
CA ASP B 389 -14.08 1.52 -12.75
C ASP B 389 -13.19 1.32 -13.98
N ALA B 390 -12.08 2.03 -14.01
CA ALA B 390 -11.23 2.09 -15.20
C ALA B 390 -9.99 1.22 -15.09
N ASP B 391 -9.41 1.10 -13.89
CA ASP B 391 -8.15 0.40 -13.75
C ASP B 391 -8.29 -1.06 -14.14
N PHE B 392 -7.25 -1.59 -14.79
CA PHE B 392 -7.23 -2.98 -15.23
C PHE B 392 -6.83 -3.88 -14.08
N SER B 393 -7.59 -4.95 -13.87
CA SER B 393 -7.36 -5.88 -12.77
C SER B 393 -6.84 -7.20 -13.30
N ALA B 394 -5.72 -7.67 -12.74
CA ALA B 394 -5.14 -8.95 -13.13
C ALA B 394 -5.67 -10.02 -12.18
N CYS B 395 -6.89 -10.48 -12.46
CA CYS B 395 -7.58 -11.50 -11.66
C CYS B 395 -7.80 -11.05 -10.22
N GLY B 396 -7.88 -9.74 -9.99
CA GLY B 396 -8.08 -9.21 -8.66
C GLY B 396 -6.85 -9.17 -7.79
N LEU B 397 -5.73 -9.75 -8.24
CA LEU B 397 -4.52 -9.75 -7.45
C LEU B 397 -3.90 -8.35 -7.39
N CYS B 398 -3.93 -7.61 -8.49
CA CYS B 398 -3.33 -6.30 -8.55
C CYS B 398 -3.97 -5.50 -9.66
N ARG B 399 -3.88 -4.18 -9.56
CA ARG B 399 -4.29 -3.28 -10.62
C ARG B 399 -3.08 -2.93 -11.46
N VAL B 400 -3.13 -3.23 -12.76
CA VAL B 400 -1.98 -3.09 -13.64
C VAL B 400 -1.87 -1.62 -14.01
N ASN B 401 -0.81 -0.98 -13.50
CA ASN B 401 -0.49 0.40 -13.82
C ASN B 401 1.01 0.58 -13.61
N ARG B 402 1.48 1.82 -13.70
CA ARG B 402 2.90 2.09 -13.55
C ARG B 402 3.39 1.88 -12.12
N THR B 403 2.50 2.03 -11.13
CA THR B 403 2.89 1.78 -9.75
C THR B 403 3.51 0.39 -9.57
N ILE B 404 2.94 -0.62 -10.23
CA ILE B 404 3.53 -1.95 -10.21
C ILE B 404 5.03 -1.88 -10.39
N LEU B 405 5.50 -1.13 -11.40
CA LEU B 405 6.93 -1.02 -11.65
C LEU B 405 7.68 -0.75 -10.35
N THR B 406 7.29 0.31 -9.63
CA THR B 406 7.93 0.61 -8.36
C THR B 406 7.99 -0.64 -7.48
N SER B 407 6.82 -1.24 -7.20
CA SER B 407 6.80 -2.46 -6.41
C SER B 407 7.77 -3.49 -6.97
N PHE B 408 7.70 -3.74 -8.28
CA PHE B 408 8.62 -4.69 -8.90
C PHE B 408 10.05 -4.36 -8.53
N ALA B 409 10.45 -3.10 -8.71
CA ALA B 409 11.81 -2.71 -8.35
C ALA B 409 12.15 -3.14 -6.94
N SER B 410 11.27 -2.81 -5.98
CA SER B 410 11.52 -3.22 -4.60
C SER B 410 11.78 -4.71 -4.53
N ALA B 411 10.89 -5.52 -5.12
CA ALA B 411 11.11 -6.96 -5.13
C ALA B 411 12.44 -7.30 -5.80
N ILE B 412 12.70 -6.70 -6.96
CA ILE B 412 13.94 -6.99 -7.67
C ILE B 412 15.13 -6.49 -6.86
N ALA B 413 14.91 -5.51 -5.98
CA ALA B 413 15.98 -5.06 -5.12
C ALA B 413 16.19 -6.01 -3.96
N THR B 414 15.11 -6.66 -3.50
CA THR B 414 15.21 -7.53 -2.33
C THR B 414 15.68 -8.93 -2.72
N TYR B 415 14.89 -9.63 -3.52
CA TYR B 415 15.20 -11.02 -3.84
C TYR B 415 16.60 -11.16 -4.40
N LEU B 416 16.90 -10.40 -5.45
CA LEU B 416 18.21 -10.45 -6.10
C LEU B 416 19.32 -10.23 -5.07
N VAL B 417 19.18 -9.23 -4.21
CA VAL B 417 20.21 -8.97 -3.20
C VAL B 417 20.35 -10.19 -2.30
N ALA B 418 19.16 -10.97 -1.79
CA ALA B 418 19.17 -12.22 -1.04
C ALA B 418 19.89 -13.31 -1.82
N LEU B 419 19.59 -13.22 -3.10
CA LEU B 419 20.20 -14.26 -3.91
C LEU B 419 21.72 -14.09 -3.93
N ILE B 420 22.18 -12.84 -3.99
CA ILE B 420 23.60 -12.54 -4.03
C ILE B 420 24.19 -12.95 -2.69
N GLN B 421 23.50 -12.61 -1.62
CA GLN B 421 23.99 -12.97 -0.30
C GLN B 421 24.09 -14.48 -0.19
N PHE B 422 23.13 -15.17 -0.80
CA PHE B 422 23.10 -16.63 -0.78
C PHE B 422 24.33 -17.23 -1.46
N GLN B 423 24.83 -16.55 -2.48
CA GLN B 423 26.02 -17.03 -3.20
C GLN B 423 27.20 -17.01 -2.25
N ARG B 424 27.34 -15.93 -1.50
CA ARG B 424 28.43 -15.79 -0.54
C ARG B 424 28.32 -16.86 0.54
N THR B 425 27.10 -17.11 1.00
CA THR B 425 26.85 -18.10 2.04
C THR B 425 26.82 -19.50 1.45
N MET C 1 -23.01 -15.50 11.48
CA MET C 1 -23.06 -16.93 11.08
C MET C 1 -24.41 -17.29 10.46
N GLU C 2 -24.37 -18.10 9.41
CA GLU C 2 -25.57 -18.51 8.70
C GLU C 2 -25.97 -19.92 9.14
N ILE C 3 -27.21 -20.07 9.57
CA ILE C 3 -27.77 -21.37 9.98
C ILE C 3 -29.06 -21.54 9.22
N SER C 4 -29.00 -22.23 8.08
CA SER C 4 -30.14 -22.49 7.24
C SER C 4 -30.31 -23.99 7.01
N GLN C 5 -31.52 -24.37 6.59
CA GLN C 5 -31.85 -25.78 6.42
C GLN C 5 -30.96 -26.42 5.36
N PRO C 6 -30.73 -25.77 4.20
CA PRO C 6 -29.84 -26.37 3.21
C PRO C 6 -28.44 -26.64 3.76
N SER C 7 -27.91 -25.73 4.57
CA SER C 7 -26.58 -25.84 5.14
C SER C 7 -26.60 -26.25 6.60
N ILE C 8 -27.65 -26.96 7.03
CA ILE C 8 -27.74 -27.38 8.43
C ILE C 8 -26.68 -28.42 8.76
N GLY C 9 -26.23 -29.18 7.76
CA GLY C 9 -25.17 -30.13 8.00
C GLY C 9 -23.87 -29.47 8.42
N ILE C 10 -23.52 -28.36 7.76
CA ILE C 10 -22.34 -27.59 8.16
C ILE C 10 -22.53 -27.07 9.58
N PHE C 11 -23.74 -26.65 9.93
CA PHE C 11 -24.00 -26.18 11.28
C PHE C 11 -23.77 -27.29 12.30
N TYR C 12 -24.25 -28.50 12.01
CA TYR C 12 -24.06 -29.60 12.94
C TYR C 12 -22.58 -29.96 13.06
N ILE C 13 -21.86 -29.95 11.93
CA ILE C 13 -20.42 -30.21 11.97
C ILE C 13 -19.72 -29.19 12.86
N SER C 14 -20.06 -27.91 12.69
CA SER C 14 -19.44 -26.89 13.53
C SER C 14 -19.86 -27.02 14.98
N LYS C 15 -21.08 -27.51 15.22
CA LYS C 15 -21.58 -27.65 16.59
C LYS C 15 -20.84 -28.75 17.34
N VAL C 16 -20.70 -29.93 16.72
CA VAL C 16 -19.94 -31.00 17.36
C VAL C 16 -18.47 -30.66 17.45
N LEU C 17 -17.98 -29.75 16.60
CA LEU C 17 -16.59 -29.32 16.61
C LEU C 17 -16.36 -28.11 17.51
N ALA C 18 -17.31 -27.78 18.38
CA ALA C 18 -17.19 -26.73 19.39
C ALA C 18 -17.18 -25.33 18.81
N LEU C 19 -17.84 -25.11 17.66
CA LEU C 19 -17.81 -23.81 17.00
C LEU C 19 -19.17 -23.14 16.90
N ALA C 20 -20.26 -23.89 17.01
CA ALA C 20 -21.62 -23.35 16.90
C ALA C 20 -22.45 -23.83 18.07
N PRO C 21 -22.24 -23.27 19.25
CA PRO C 21 -22.99 -23.69 20.45
C PRO C 21 -24.39 -23.10 20.49
N TYR C 22 -25.21 -23.49 19.53
CA TYR C 22 -26.57 -22.99 19.41
C TYR C 22 -27.55 -24.16 19.25
N ALA C 23 -28.73 -23.99 19.82
CA ALA C 23 -29.83 -24.93 19.66
C ALA C 23 -30.81 -24.35 18.65
N THR C 24 -31.11 -25.12 17.61
CA THR C 24 -31.96 -24.66 16.51
C THR C 24 -33.17 -25.58 16.42
N VAL C 25 -34.34 -24.98 16.26
CA VAL C 25 -35.59 -25.70 16.08
C VAL C 25 -36.24 -25.23 14.78
N ARG C 26 -36.61 -26.19 13.94
CA ARG C 26 -37.24 -25.85 12.66
C ARG C 26 -38.74 -25.67 12.85
N ASN C 27 -39.23 -24.49 12.49
CA ASN C 27 -40.65 -24.19 12.63
C ASN C 27 -41.48 -24.96 11.60
N SER C 28 -42.80 -24.95 11.77
CA SER C 28 -43.67 -25.53 10.76
C SER C 28 -43.64 -24.73 9.47
N LYS C 29 -43.15 -23.49 9.50
CA LYS C 29 -43.00 -22.68 8.31
C LYS C 29 -41.70 -22.96 7.57
N GLY C 30 -40.86 -23.86 8.07
CA GLY C 30 -39.56 -24.10 7.49
C GLY C 30 -38.46 -23.20 8.00
N ARG C 31 -38.77 -22.29 8.92
CA ARG C 31 -37.78 -21.37 9.46
C ARG C 31 -37.06 -22.03 10.63
N VAL C 32 -35.81 -21.64 10.83
CA VAL C 32 -34.94 -22.22 11.84
C VAL C 32 -34.73 -21.17 12.93
N GLU C 33 -35.42 -21.33 14.07
CA GLU C 33 -35.21 -20.46 15.21
C GLU C 33 -33.99 -20.92 15.98
N ILE C 34 -33.16 -19.96 16.37
CA ILE C 34 -31.85 -20.21 16.97
C ILE C 34 -31.85 -19.63 18.38
N GLY C 35 -31.22 -20.35 19.31
CA GLY C 35 -31.05 -19.86 20.66
C GLY C 35 -29.77 -20.41 21.25
N ARG C 36 -29.42 -19.91 22.43
CA ARG C 36 -28.22 -20.39 23.10
C ARG C 36 -28.44 -21.79 23.66
N SER C 37 -27.42 -22.64 23.53
CA SER C 37 -27.42 -23.99 24.07
C SER C 37 -26.31 -24.06 25.10
N TRP C 38 -26.66 -23.93 26.38
CA TRP C 38 -25.66 -23.89 27.43
C TRP C 38 -24.90 -25.20 27.54
N LEU C 39 -25.57 -26.33 27.33
CA LEU C 39 -24.89 -27.61 27.31
C LEU C 39 -23.77 -27.61 26.29
N PHE C 40 -24.08 -27.25 25.05
CA PHE C 40 -23.07 -27.21 24.00
C PHE C 40 -22.11 -26.04 24.18
N THR C 41 -22.54 -24.96 24.82
CA THR C 41 -21.61 -23.87 25.14
C THR C 41 -20.48 -24.37 26.03
N VAL C 42 -20.84 -24.98 27.16
CA VAL C 42 -19.82 -25.49 28.06
C VAL C 42 -19.06 -26.64 27.44
N TYR C 43 -19.72 -27.48 26.63
CA TYR C 43 -19.00 -28.54 25.92
C TYR C 43 -17.95 -27.96 25.00
N SER C 44 -18.29 -26.93 24.23
CA SER C 44 -17.33 -26.32 23.32
C SER C 44 -16.16 -25.72 24.10
N ALA C 45 -16.44 -24.96 25.15
CA ALA C 45 -15.37 -24.35 25.91
C ALA C 45 -14.45 -25.41 26.52
N THR C 46 -15.04 -26.43 27.16
CA THR C 46 -14.25 -27.46 27.80
C THR C 46 -13.43 -28.25 26.79
N LEU C 47 -14.03 -28.59 25.64
CA LEU C 47 -13.30 -29.33 24.61
C LEU C 47 -12.14 -28.49 24.08
N THR C 48 -12.36 -27.21 23.83
CA THR C 48 -11.28 -26.35 23.35
C THR C 48 -10.13 -26.31 24.36
N VAL C 49 -10.45 -26.05 25.63
CA VAL C 49 -9.39 -25.97 26.63
C VAL C 49 -8.66 -27.30 26.76
N VAL C 50 -9.40 -28.40 26.81
CA VAL C 50 -8.80 -29.72 27.02
C VAL C 50 -7.89 -30.06 25.85
N MET C 51 -8.35 -29.81 24.62
CA MET C 51 -7.55 -30.19 23.46
C MET C 51 -6.33 -29.29 23.30
N VAL C 52 -6.46 -28.01 23.63
CA VAL C 52 -5.27 -27.14 23.61
C VAL C 52 -4.26 -27.62 24.64
N PHE C 53 -4.72 -27.96 25.85
CA PHE C 53 -3.82 -28.45 26.88
C PHE C 53 -3.13 -29.73 26.44
N LEU C 54 -3.90 -30.66 25.86
CA LEU C 54 -3.32 -31.91 25.40
C LEU C 54 -2.32 -31.69 24.27
N THR C 55 -2.63 -30.78 23.34
CA THR C 55 -1.71 -30.49 22.25
C THR C 55 -0.39 -29.96 22.78
N TYR C 56 -0.45 -28.98 23.68
CA TYR C 56 0.79 -28.43 24.23
C TYR C 56 1.50 -29.42 25.14
N ARG C 57 0.76 -30.29 25.83
CA ARG C 57 1.39 -31.33 26.64
C ARG C 57 2.15 -32.31 25.76
N GLY C 58 1.56 -32.73 24.64
CA GLY C 58 2.27 -33.57 23.70
C GLY C 58 3.48 -32.88 23.11
N LEU C 59 3.36 -31.58 22.83
CA LEU C 59 4.51 -30.82 22.34
C LEU C 59 5.65 -30.87 23.35
N LEU C 60 5.35 -30.57 24.62
CA LEU C 60 6.39 -30.59 25.65
C LEU C 60 6.96 -32.00 25.81
N PHE C 61 6.10 -33.01 25.77
CA PHE C 61 6.56 -34.39 25.90
C PHE C 61 7.54 -34.74 24.79
N ASP C 62 7.22 -34.37 23.55
CA ASP C 62 8.15 -34.59 22.45
C ASP C 62 9.45 -33.83 22.68
N ALA C 63 9.36 -32.57 23.12
CA ALA C 63 10.55 -31.78 23.34
C ALA C 63 11.40 -32.34 24.48
N ASN C 64 10.77 -32.93 25.50
CA ASN C 64 11.46 -33.45 26.66
C ASN C 64 11.69 -34.96 26.60
N SER C 65 11.41 -35.58 25.45
CA SER C 65 11.58 -37.02 25.32
C SER C 65 13.06 -37.36 25.08
N GLU C 66 13.37 -38.66 25.22
CA GLU C 66 14.73 -39.10 25.00
C GLU C 66 15.14 -38.93 23.55
N ILE C 67 14.27 -39.33 22.62
CA ILE C 67 14.51 -39.12 21.19
C ILE C 67 13.34 -38.31 20.62
N PRO C 68 13.41 -36.98 20.61
CA PRO C 68 12.34 -36.19 19.99
C PRO C 68 12.17 -36.56 18.53
N VAL C 69 10.91 -36.59 18.09
CA VAL C 69 10.60 -36.93 16.70
C VAL C 69 10.54 -35.67 15.85
N ARG C 70 9.79 -34.67 16.30
CA ARG C 70 9.61 -33.42 15.57
C ARG C 70 10.36 -32.25 16.19
N MET C 71 10.34 -32.14 17.52
CA MET C 71 10.98 -31.03 18.23
C MET C 71 12.37 -31.47 18.64
N LYS C 72 13.29 -31.46 17.67
CA LYS C 72 14.66 -31.91 17.86
C LYS C 72 15.64 -30.75 17.87
N SER C 73 15.69 -29.97 16.79
CA SER C 73 16.59 -28.84 16.69
C SER C 73 15.89 -27.56 17.11
N ALA C 74 16.69 -26.59 17.55
CA ALA C 74 16.13 -25.29 17.94
C ALA C 74 15.26 -24.72 16.83
N THR C 75 15.73 -24.78 15.59
CA THR C 75 14.93 -24.31 14.47
C THR C 75 13.67 -25.15 14.32
N SER C 76 13.81 -26.47 14.37
CA SER C 76 12.65 -27.34 14.29
C SER C 76 11.71 -27.13 15.46
N LYS C 77 12.25 -26.99 16.66
CA LYS C 77 11.42 -26.73 17.84
C LYS C 77 10.59 -25.47 17.64
N VAL C 78 11.24 -24.38 17.23
CA VAL C 78 10.53 -23.11 17.07
C VAL C 78 9.49 -23.21 15.97
N VAL C 79 9.84 -23.83 14.84
CA VAL C 79 8.90 -23.92 13.73
C VAL C 79 7.68 -24.75 14.12
N THR C 80 7.91 -25.91 14.75
CA THR C 80 6.78 -26.74 15.16
C THR C 80 5.93 -26.06 16.22
N ALA C 81 6.55 -25.35 17.16
CA ALA C 81 5.79 -24.63 18.17
C ALA C 81 4.93 -23.55 17.52
N LEU C 82 5.49 -22.81 16.56
CA LEU C 82 4.70 -21.81 15.85
C LEU C 82 3.57 -22.44 15.07
N ASP C 83 3.82 -23.57 14.42
CA ASP C 83 2.79 -24.26 13.66
C ASP C 83 1.65 -24.69 14.57
N VAL C 84 1.97 -25.23 15.74
CA VAL C 84 0.92 -25.65 16.66
C VAL C 84 0.20 -24.44 17.25
N SER C 85 0.93 -23.38 17.57
CA SER C 85 0.33 -22.20 18.19
C SER C 85 -0.61 -21.46 17.25
N VAL C 86 -0.28 -21.38 15.96
CA VAL C 86 -1.19 -20.71 15.03
C VAL C 86 -2.50 -21.46 14.95
N VAL C 87 -2.46 -22.80 14.90
CA VAL C 87 -3.69 -23.59 14.89
C VAL C 87 -4.47 -23.38 16.17
N VAL C 88 -3.77 -23.41 17.31
CA VAL C 88 -4.45 -23.25 18.60
C VAL C 88 -5.15 -21.89 18.65
N MET C 89 -4.45 -20.84 18.23
CA MET C 89 -5.03 -19.50 18.27
C MET C 89 -6.19 -19.37 17.30
N ALA C 90 -6.08 -19.97 16.11
CA ALA C 90 -7.17 -19.91 15.15
C ALA C 90 -8.42 -20.59 15.69
N ILE C 91 -8.27 -21.81 16.23
CA ILE C 91 -9.44 -22.52 16.74
C ILE C 91 -10.00 -21.82 17.97
N VAL C 92 -9.14 -21.24 18.81
CA VAL C 92 -9.62 -20.54 19.99
C VAL C 92 -10.41 -19.30 19.60
N SER C 93 -9.91 -18.56 18.61
CA SER C 93 -10.65 -17.40 18.11
C SER C 93 -11.97 -17.82 17.50
N GLY C 94 -12.00 -18.91 16.74
CA GLY C 94 -13.26 -19.38 16.19
C GLY C 94 -14.26 -19.79 17.26
N VAL C 95 -13.79 -20.50 18.28
CA VAL C 95 -14.66 -20.93 19.37
C VAL C 95 -15.19 -19.72 20.13
N TYR C 96 -14.31 -18.75 20.43
CA TYR C 96 -14.74 -17.54 21.11
C TYR C 96 -15.76 -16.77 20.29
N CYS C 97 -15.55 -16.69 18.98
CA CYS C 97 -16.49 -16.00 18.11
C CYS C 97 -17.85 -16.70 18.11
N GLY C 98 -17.85 -18.03 18.00
CA GLY C 98 -19.09 -18.77 18.06
C GLY C 98 -19.79 -18.69 19.41
N LEU C 99 -19.02 -18.48 20.48
CA LEU C 99 -19.61 -18.37 21.82
C LEU C 99 -20.31 -17.03 22.01
N PHE C 100 -19.70 -15.95 21.51
CA PHE C 100 -20.17 -14.59 21.75
C PHE C 100 -20.66 -13.91 20.47
N SER C 101 -21.35 -14.66 19.61
CA SER C 101 -21.91 -14.12 18.37
C SER C 101 -23.31 -14.64 18.14
N LEU C 102 -24.08 -14.80 19.22
CA LEU C 102 -25.46 -15.26 19.07
C LEU C 102 -26.36 -14.15 18.53
N ASN C 103 -26.21 -12.93 19.05
CA ASN C 103 -27.04 -11.83 18.57
C ASN C 103 -26.75 -11.53 17.11
N ASP C 104 -25.47 -11.52 16.72
CA ASP C 104 -25.12 -11.31 15.33
C ASP C 104 -25.67 -12.44 14.45
N THR C 105 -25.60 -13.68 14.94
CA THR C 105 -26.15 -14.79 14.18
C THR C 105 -27.65 -14.64 13.97
N LEU C 106 -28.38 -14.27 15.03
CA LEU C 106 -29.83 -14.08 14.91
C LEU C 106 -30.14 -12.97 13.91
N GLU C 107 -29.46 -11.83 14.03
CA GLU C 107 -29.71 -10.73 13.11
C GLU C 107 -29.40 -11.14 11.68
N LEU C 108 -28.27 -11.82 11.47
CA LEU C 108 -27.88 -12.23 10.13
C LEU C 108 -28.91 -13.18 9.53
N ASN C 109 -29.38 -14.15 10.32
CA ASN C 109 -30.36 -15.09 9.80
C ASN C 109 -31.71 -14.45 9.53
N ASP C 110 -32.14 -13.50 10.36
CA ASP C 110 -33.37 -12.77 10.08
C ASP C 110 -33.24 -12.00 8.77
N ARG C 111 -32.12 -11.29 8.60
CA ARG C 111 -31.90 -10.53 7.38
C ARG C 111 -31.86 -11.44 6.17
N LEU C 112 -31.18 -12.59 6.28
CA LEU C 112 -31.13 -13.53 5.18
C LEU C 112 -32.51 -14.09 4.88
N ASN C 113 -33.34 -14.28 5.89
CA ASN C 113 -34.71 -14.72 5.65
C ASN C 113 -35.47 -13.71 4.82
N LYS C 114 -35.42 -12.43 5.21
CA LYS C 114 -36.14 -11.43 4.43
C LYS C 114 -35.58 -11.32 3.00
N ILE C 115 -34.25 -11.41 2.87
CA ILE C 115 -33.63 -11.33 1.55
C ILE C 115 -34.08 -12.50 0.68
N ASP C 116 -34.07 -13.71 1.23
CA ASP C 116 -34.51 -14.88 0.48
C ASP C 116 -35.98 -14.76 0.09
N ASN C 117 -36.82 -14.23 0.98
CA ASN C 117 -38.20 -13.95 0.60
C ASN C 117 -38.25 -12.99 -0.58
N THR C 118 -37.40 -11.96 -0.55
CA THR C 118 -37.34 -11.02 -1.67
C THR C 118 -36.81 -11.70 -2.93
N LEU C 119 -35.80 -12.56 -2.78
CA LEU C 119 -35.17 -13.27 -3.91
C LEU C 119 -35.67 -14.70 -4.04
N ASN C 120 -36.95 -14.96 -3.75
CA ASN C 120 -37.47 -16.32 -3.83
C ASN C 120 -37.40 -16.88 -5.25
N ALA C 121 -37.33 -16.00 -6.25
CA ALA C 121 -37.31 -16.45 -7.64
C ALA C 121 -36.02 -17.17 -8.01
N TYR C 122 -34.92 -16.93 -7.29
CA TYR C 122 -33.63 -17.51 -7.61
C TYR C 122 -33.12 -18.46 -6.53
N ASN C 123 -33.94 -18.79 -5.54
CA ASN C 123 -33.54 -19.70 -4.49
C ASN C 123 -33.54 -21.14 -5.01
N ASN C 124 -32.45 -21.86 -4.74
CA ASN C 124 -32.30 -23.26 -5.15
C ASN C 124 -31.92 -24.04 -3.89
N PHE C 125 -32.93 -24.58 -3.21
CA PHE C 125 -32.67 -25.34 -1.98
C PHE C 125 -31.78 -26.54 -2.27
N ARG C 126 -32.09 -27.29 -3.33
CA ARG C 126 -31.33 -28.50 -3.62
C ARG C 126 -29.88 -28.17 -3.96
N ARG C 127 -29.67 -27.20 -4.87
CA ARG C 127 -28.32 -26.84 -5.25
C ARG C 127 -27.53 -26.27 -4.09
N ASP C 128 -28.15 -25.41 -3.27
CA ASP C 128 -27.44 -24.86 -2.13
C ASP C 128 -27.07 -25.95 -1.13
N ARG C 129 -28.00 -26.85 -0.83
CA ARG C 129 -27.70 -27.95 0.09
C ARG C 129 -26.57 -28.80 -0.44
N TRP C 130 -26.59 -29.14 -1.73
CA TRP C 130 -25.56 -29.99 -2.28
C TRP C 130 -24.21 -29.30 -2.32
N ARG C 131 -24.17 -28.01 -2.65
CA ARG C 131 -22.90 -27.28 -2.60
C ARG C 131 -22.35 -27.23 -1.19
N ALA C 132 -23.20 -26.95 -0.19
CA ALA C 132 -22.72 -26.89 1.19
C ALA C 132 -22.19 -28.25 1.65
N LEU C 133 -22.97 -29.31 1.41
CA LEU C 133 -22.52 -30.64 1.80
C LEU C 133 -21.26 -31.06 1.05
N GLY C 134 -21.15 -30.72 -0.23
CA GLY C 134 -19.95 -31.04 -0.98
C GLY C 134 -18.73 -30.32 -0.43
N MET C 135 -18.86 -29.04 -0.12
CA MET C 135 -17.74 -28.30 0.46
C MET C 135 -17.33 -28.92 1.78
N ALA C 136 -18.30 -29.18 2.66
CA ALA C 136 -17.97 -29.76 3.96
C ALA C 136 -17.31 -31.12 3.81
N ALA C 137 -17.88 -31.99 2.97
CA ALA C 137 -17.34 -33.32 2.80
C ALA C 137 -15.95 -33.29 2.19
N VAL C 138 -15.74 -32.45 1.17
CA VAL C 138 -14.42 -32.36 0.56
C VAL C 138 -13.39 -31.86 1.57
N SER C 139 -13.73 -30.82 2.34
CA SER C 139 -12.79 -30.30 3.33
C SER C 139 -12.46 -31.36 4.38
N LEU C 140 -13.48 -32.02 4.92
CA LEU C 140 -13.24 -33.02 5.96
C LEU C 140 -12.48 -34.22 5.43
N LEU C 141 -12.81 -34.70 4.23
CA LEU C 141 -12.09 -35.81 3.64
C LEU C 141 -10.64 -35.44 3.35
N ALA C 142 -10.41 -34.22 2.84
CA ALA C 142 -9.05 -33.79 2.57
C ALA C 142 -8.23 -33.74 3.85
N ILE C 143 -8.78 -33.13 4.90
CA ILE C 143 -8.02 -33.05 6.15
C ILE C 143 -7.82 -34.43 6.76
N SER C 144 -8.80 -35.32 6.64
CA SER C 144 -8.65 -36.67 7.17
C SER C 144 -7.55 -37.43 6.44
N ILE C 145 -7.58 -37.39 5.10
CA ILE C 145 -6.55 -38.07 4.31
C ILE C 145 -5.18 -37.49 4.63
N LEU C 146 -5.10 -36.17 4.73
CA LEU C 146 -3.82 -35.51 4.98
C LEU C 146 -3.29 -35.85 6.37
N VAL C 147 -4.17 -35.90 7.37
CA VAL C 147 -3.76 -36.30 8.70
C VAL C 147 -3.30 -37.75 8.72
N GLY C 148 -4.01 -38.63 8.01
CA GLY C 148 -3.57 -40.02 7.94
C GLY C 148 -2.19 -40.15 7.31
N LEU C 149 -1.98 -39.46 6.20
CA LEU C 149 -0.67 -39.50 5.54
C LEU C 149 0.41 -38.94 6.47
N ASP C 150 0.13 -37.82 7.13
CA ASP C 150 1.13 -37.20 8.00
C ASP C 150 1.47 -38.12 9.17
N VAL C 151 0.45 -38.72 9.79
CA VAL C 151 0.71 -39.57 10.95
C VAL C 151 1.43 -40.85 10.53
N GLY C 152 1.08 -41.42 9.37
CA GLY C 152 1.82 -42.58 8.90
C GLY C 152 3.27 -42.26 8.59
N THR C 153 3.51 -41.13 7.90
CA THR C 153 4.88 -40.72 7.61
C THR C 153 5.67 -40.50 8.89
N TRP C 154 5.07 -39.82 9.87
CA TRP C 154 5.78 -39.56 11.11
C TRP C 154 5.98 -40.81 11.94
N MET C 155 5.07 -41.77 11.85
CA MET C 155 5.26 -43.04 12.54
C MET C 155 6.44 -43.80 11.93
N ARG C 156 6.50 -43.84 10.59
CA ARG C 156 7.66 -44.45 9.94
C ARG C 156 8.94 -43.74 10.33
N ILE C 157 8.94 -42.41 10.33
CA ILE C 157 10.13 -41.64 10.67
C ILE C 157 10.57 -41.92 12.10
N ALA C 158 9.62 -41.94 13.04
CA ALA C 158 9.92 -42.26 14.43
C ALA C 158 10.46 -43.68 14.60
N GLN C 159 9.88 -44.65 13.90
CA GLN C 159 10.40 -46.01 13.95
C GLN C 159 11.80 -46.10 13.36
N ASP C 160 12.12 -45.22 12.41
CA ASP C 160 13.46 -45.21 11.83
C ASP C 160 14.50 -44.76 12.86
N MET C 161 14.11 -43.89 13.79
CA MET C 161 15.03 -43.45 14.83
C MET C 161 14.87 -44.25 16.12
N ASN C 162 14.03 -45.28 16.13
CA ASN C 162 13.75 -46.00 17.35
C ASN C 162 15.01 -46.69 17.88
N ILE C 163 15.29 -46.48 19.15
CA ILE C 163 16.37 -47.17 19.85
C ILE C 163 15.76 -48.09 20.88
N ALA C 164 16.43 -49.22 21.13
CA ALA C 164 15.85 -50.26 21.97
C ALA C 164 15.53 -49.75 23.37
N GLN C 165 16.15 -48.65 23.79
CA GLN C 165 15.98 -48.11 25.14
C GLN C 165 14.92 -47.03 25.21
N SER C 166 14.03 -46.94 24.21
CA SER C 166 12.99 -45.92 24.23
C SER C 166 12.02 -46.18 23.09
N ASP C 167 10.81 -45.63 23.21
CA ASP C 167 9.78 -45.75 22.19
C ASP C 167 9.48 -44.37 21.62
N THR C 168 9.65 -44.22 20.31
CA THR C 168 9.41 -42.95 19.63
C THR C 168 8.02 -42.89 18.98
N GLU C 169 7.25 -43.97 19.02
CA GLU C 169 5.90 -43.95 18.44
C GLU C 169 4.91 -43.22 19.34
N LEU C 170 5.08 -43.32 20.66
CA LEU C 170 4.23 -42.55 21.57
C LEU C 170 4.38 -41.06 21.34
N ASN C 171 5.56 -40.62 20.90
CA ASN C 171 5.74 -39.21 20.55
C ASN C 171 4.80 -38.80 19.43
N VAL C 172 4.65 -39.64 18.41
CA VAL C 172 3.71 -39.36 17.34
C VAL C 172 2.28 -39.46 17.84
N HIS C 173 1.97 -40.47 18.66
CA HIS C 173 0.63 -40.60 19.20
C HIS C 173 0.20 -39.37 20.00
N TRP C 174 1.15 -38.70 20.66
CA TRP C 174 0.85 -37.52 21.44
C TRP C 174 0.58 -36.29 20.58
N TYR C 175 0.65 -36.41 19.26
CA TYR C 175 0.36 -35.31 18.35
C TYR C 175 -1.04 -35.40 17.74
N ILE C 176 -1.88 -36.30 18.27
CA ILE C 176 -3.23 -36.50 17.77
C ILE C 176 -4.12 -35.31 18.13
N PRO C 177 -3.99 -34.74 19.33
CA PRO C 177 -4.76 -33.52 19.64
C PRO C 177 -4.52 -32.40 18.66
N PHE C 178 -3.30 -32.29 18.11
CA PHE C 178 -3.04 -31.26 17.12
C PHE C 178 -3.84 -31.51 15.85
N TYR C 179 -3.98 -32.78 15.45
CA TYR C 179 -4.80 -33.10 14.30
C TYR C 179 -6.29 -32.87 14.58
N SER C 180 -6.72 -33.08 15.82
CA SER C 180 -8.08 -32.73 16.19
C SER C 180 -8.30 -31.23 16.08
N LEU C 181 -7.31 -30.44 16.51
CA LEU C 181 -7.38 -29.00 16.31
C LEU C 181 -7.47 -28.66 14.83
N TYR C 182 -6.76 -29.42 13.99
CA TYR C 182 -6.86 -29.22 12.55
C TYR C 182 -8.27 -29.49 12.06
N PHE C 183 -8.91 -30.54 12.56
CA PHE C 183 -10.31 -30.81 12.18
C PHE C 183 -11.22 -29.66 12.59
N ILE C 184 -11.03 -29.14 13.82
CA ILE C 184 -11.84 -28.02 14.28
C ILE C 184 -11.61 -26.80 13.39
N LEU C 185 -10.35 -26.54 13.02
CA LEU C 185 -10.04 -25.43 12.13
C LEU C 185 -10.70 -25.60 10.78
N THR C 186 -10.68 -26.82 10.24
CA THR C 186 -11.34 -27.08 8.97
C THR C 186 -12.84 -26.82 9.06
N GLY C 187 -13.47 -27.26 10.15
CA GLY C 187 -14.89 -26.98 10.32
C GLY C 187 -15.20 -25.51 10.42
N LEU C 188 -14.38 -24.77 11.19
CA LEU C 188 -14.58 -23.33 11.31
C LEU C 188 -14.43 -22.63 9.97
N GLN C 189 -13.40 -22.98 9.22
CA GLN C 189 -13.21 -22.39 7.90
C GLN C 189 -14.35 -22.73 6.97
N VAL C 190 -14.85 -23.97 7.01
CA VAL C 190 -15.97 -24.36 6.18
C VAL C 190 -17.21 -23.53 6.52
N ASN C 191 -17.46 -23.32 7.81
CA ASN C 191 -18.63 -22.53 8.22
C ASN C 191 -18.50 -21.08 7.74
N ILE C 192 -17.34 -20.47 7.97
CA ILE C 192 -17.14 -19.08 7.54
C ILE C 192 -17.28 -18.98 6.03
N ALA C 193 -16.70 -19.93 5.30
CA ALA C 193 -16.78 -19.90 3.84
C ALA C 193 -18.21 -20.06 3.37
N ASN C 194 -18.98 -20.95 4.01
CA ASN C 194 -20.38 -21.11 3.64
C ASN C 194 -21.15 -19.81 3.84
N THR C 195 -20.94 -19.16 4.98
CA THR C 195 -21.65 -17.90 5.22
C THR C 195 -21.27 -16.83 4.20
N ALA C 196 -19.97 -16.65 3.96
CA ALA C 196 -19.53 -15.61 3.04
C ALA C 196 -19.96 -15.90 1.61
N TYR C 197 -19.89 -17.17 1.19
CA TYR C 197 -20.35 -17.54 -0.13
C TYR C 197 -21.84 -17.35 -0.27
N GLY C 198 -22.61 -17.61 0.79
CA GLY C 198 -24.04 -17.32 0.74
C GLY C 198 -24.32 -15.84 0.56
N LEU C 199 -23.57 -14.99 1.28
CA LEU C 199 -23.73 -13.55 1.11
C LEU C 199 -23.41 -13.12 -0.32
N GLY C 200 -22.30 -13.60 -0.86
CA GLY C 200 -21.95 -13.25 -2.24
C GLY C 200 -22.95 -13.77 -3.25
N ARG C 201 -23.44 -14.98 -3.04
CA ARG C 201 -24.43 -15.55 -3.94
C ARG C 201 -25.73 -14.76 -3.90
N ARG C 202 -26.13 -14.30 -2.72
CA ARG C 202 -27.32 -13.46 -2.62
C ARG C 202 -27.11 -12.11 -3.29
N PHE C 203 -25.91 -11.55 -3.18
CA PHE C 203 -25.60 -10.34 -3.93
C PHE C 203 -25.73 -10.57 -5.42
N GLY C 204 -25.20 -11.69 -5.91
CA GLY C 204 -25.32 -12.01 -7.32
C GLY C 204 -26.76 -12.20 -7.76
N ARG C 205 -27.55 -12.87 -6.92
CA ARG C 205 -28.98 -13.04 -7.23
C ARG C 205 -29.69 -11.70 -7.28
N LEU C 206 -29.36 -10.80 -6.37
CA LEU C 206 -29.96 -9.47 -6.36
C LEU C 206 -29.60 -8.72 -7.64
N ASN C 207 -28.34 -8.79 -8.05
CA ASN C 207 -27.94 -8.13 -9.29
C ASN C 207 -28.64 -8.75 -10.50
N ARG C 208 -28.77 -10.07 -10.53
CA ARG C 208 -29.47 -10.74 -11.61
C ARG C 208 -30.92 -10.30 -11.67
N MET C 209 -31.58 -10.20 -10.51
CA MET C 209 -32.96 -9.73 -10.47
C MET C 209 -33.06 -8.30 -10.96
N LEU C 210 -32.12 -7.45 -10.55
CA LEU C 210 -32.10 -6.07 -11.04
C LEU C 210 -32.02 -6.03 -12.56
N SER C 211 -31.09 -6.80 -13.13
CA SER C 211 -30.89 -6.78 -14.57
C SER C 211 -32.05 -7.41 -15.33
N SER C 212 -32.75 -8.37 -14.73
CA SER C 212 -33.83 -9.07 -15.40
C SER C 212 -35.17 -8.38 -15.25
N SER C 213 -35.34 -7.54 -14.24
CA SER C 213 -36.59 -6.84 -14.01
C SER C 213 -36.54 -5.38 -14.45
N PHE C 214 -35.36 -4.86 -14.79
CA PHE C 214 -35.23 -3.47 -15.17
C PHE C 214 -34.37 -3.24 -16.41
N LEU C 215 -33.79 -4.30 -16.99
CA LEU C 215 -33.04 -4.17 -18.23
C LEU C 215 -33.32 -5.33 -19.19
N ALA C 216 -34.44 -6.03 -19.02
CA ALA C 216 -34.78 -7.15 -19.89
C ALA C 216 -36.27 -7.14 -20.20
N ALA C 262 -49.73 2.22 -11.80
CA ALA C 262 -50.23 0.87 -11.58
C ALA C 262 -49.08 -0.14 -11.63
N ALA C 263 -48.65 -0.49 -12.84
CA ALA C 263 -47.55 -1.44 -12.99
C ALA C 263 -46.22 -0.82 -12.58
N ALA C 264 -45.99 0.43 -12.98
CA ALA C 264 -44.77 1.12 -12.56
C ALA C 264 -44.68 1.27 -11.05
N LYS C 265 -45.81 1.42 -10.37
CA LYS C 265 -45.79 1.45 -8.91
C LYS C 265 -45.27 0.15 -8.33
N ASN C 266 -45.75 -0.99 -8.86
CA ASN C 266 -45.26 -2.27 -8.39
C ASN C 266 -43.79 -2.46 -8.74
N LYS C 267 -43.36 -1.97 -9.90
CA LYS C 267 -41.94 -2.08 -10.26
C LYS C 267 -41.08 -1.26 -9.31
N GLY C 268 -41.54 -0.07 -8.94
CA GLY C 268 -40.82 0.72 -7.96
C GLY C 268 -40.81 0.08 -6.58
N LEU C 269 -41.91 -0.57 -6.20
CA LEU C 269 -41.92 -1.34 -4.96
C LEU C 269 -40.88 -2.44 -4.99
N LEU C 270 -40.77 -3.13 -6.13
CA LEU C 270 -39.77 -4.18 -6.28
C LEU C 270 -38.36 -3.60 -6.17
N LEU C 271 -38.13 -2.45 -6.80
CA LEU C 271 -36.82 -1.81 -6.68
C LEU C 271 -36.51 -1.41 -5.25
N LYS C 272 -37.50 -0.91 -4.52
CA LYS C 272 -37.29 -0.58 -3.11
C LYS C 272 -36.93 -1.83 -2.32
N SER C 273 -37.62 -2.94 -2.57
CA SER C 273 -37.27 -4.19 -1.90
C SER C 273 -35.86 -4.62 -2.25
N LEU C 274 -35.44 -4.47 -3.50
CA LEU C 274 -34.08 -4.84 -3.88
C LEU C 274 -33.05 -3.97 -3.18
N ALA C 275 -33.32 -2.67 -3.06
CA ALA C 275 -32.40 -1.79 -2.35
C ALA C 275 -32.32 -2.17 -0.88
N ASP C 276 -33.45 -2.48 -0.27
CA ASP C 276 -33.45 -2.93 1.12
C ASP C 276 -32.65 -4.22 1.26
N SER C 277 -32.80 -5.14 0.30
CA SER C 277 -32.04 -6.39 0.35
C SER C 277 -30.54 -6.13 0.21
N HIS C 278 -30.15 -5.20 -0.65
CA HIS C 278 -28.74 -4.86 -0.80
C HIS C 278 -28.18 -4.28 0.51
N GLU C 279 -28.93 -3.37 1.13
CA GLU C 279 -28.48 -2.79 2.39
C GLU C 279 -28.39 -3.86 3.48
N SER C 280 -29.36 -4.77 3.52
CA SER C 280 -29.34 -5.85 4.48
C SER C 280 -28.18 -6.81 4.24
N LEU C 281 -27.82 -7.04 2.98
CA LEU C 281 -26.67 -7.90 2.69
C LEU C 281 -25.37 -7.23 3.11
N GLY C 282 -25.26 -5.92 2.89
CA GLY C 282 -24.11 -5.20 3.42
C GLY C 282 -24.01 -5.29 4.93
N LYS C 283 -25.14 -5.11 5.62
CA LYS C 283 -25.13 -5.24 7.07
C LYS C 283 -24.83 -6.67 7.51
N CYS C 284 -25.25 -7.67 6.73
CA CYS C 284 -24.90 -9.05 7.05
C CYS C 284 -23.40 -9.29 6.90
N VAL C 285 -22.79 -8.72 5.86
CA VAL C 285 -21.35 -8.80 5.72
C VAL C 285 -20.66 -8.15 6.91
N HIS C 286 -21.16 -6.99 7.33
CA HIS C 286 -20.57 -6.32 8.49
C HIS C 286 -20.77 -7.12 9.77
N LEU C 287 -21.90 -7.81 9.89
CA LEU C 287 -22.12 -8.67 11.06
C LEU C 287 -21.16 -9.83 11.07
N LEU C 288 -21.01 -10.51 9.93
CA LEU C 288 -20.04 -11.59 9.82
C LEU C 288 -18.65 -11.10 10.18
N SER C 289 -18.28 -9.90 9.70
CA SER C 289 -17.00 -9.32 10.08
C SER C 289 -16.91 -9.11 11.58
N ASN C 290 -17.84 -8.34 12.17
CA ASN C 290 -17.76 -8.05 13.59
C ASN C 290 -17.76 -9.33 14.43
N SER C 291 -18.27 -10.43 13.89
CA SER C 291 -18.36 -11.66 14.67
C SER C 291 -17.12 -12.54 14.51
N PHE C 292 -16.59 -12.68 13.29
CA PHE C 292 -15.52 -13.63 13.02
C PHE C 292 -14.29 -12.99 12.37
N GLY C 293 -14.09 -11.69 12.56
CA GLY C 293 -12.92 -11.06 11.99
C GLY C 293 -11.63 -11.50 12.65
N ILE C 294 -11.65 -11.65 13.98
CA ILE C 294 -10.47 -12.15 14.67
C ILE C 294 -10.17 -13.58 14.23
N ALA C 295 -11.23 -14.38 14.04
CA ALA C 295 -11.04 -15.74 13.55
C ALA C 295 -10.43 -15.75 12.15
N VAL C 296 -10.93 -14.89 11.26
CA VAL C 296 -10.38 -14.83 9.91
C VAL C 296 -8.93 -14.34 9.94
N LEU C 297 -8.63 -13.38 10.80
CA LEU C 297 -7.27 -12.88 10.91
C LEU C 297 -6.31 -13.97 11.37
N PHE C 298 -6.71 -14.73 12.38
CA PHE C 298 -5.86 -15.81 12.84
C PHE C 298 -5.78 -16.94 11.82
N ILE C 299 -6.84 -17.17 11.05
CA ILE C 299 -6.78 -18.14 9.96
C ILE C 299 -5.76 -17.70 8.93
N LEU C 300 -5.74 -16.42 8.58
CA LEU C 300 -4.78 -15.92 7.61
C LEU C 300 -3.36 -16.02 8.14
N VAL C 301 -3.16 -15.65 9.40
CA VAL C 301 -1.83 -15.79 10.02
C VAL C 301 -1.39 -17.25 10.00
N SER C 302 -2.32 -18.16 10.31
CA SER C 302 -2.01 -19.58 10.31
C SER C 302 -1.63 -20.05 8.92
N CYS C 303 -2.38 -19.61 7.90
CA CYS C 303 -2.06 -19.99 6.53
C CYS C 303 -0.66 -19.52 6.15
N LEU C 304 -0.35 -18.26 6.45
CA LEU C 304 0.97 -17.72 6.12
C LEU C 304 2.08 -18.52 6.80
N LEU C 305 1.97 -18.68 8.13
CA LEU C 305 3.02 -19.37 8.87
C LEU C 305 3.12 -20.82 8.46
N HIS C 306 1.99 -21.47 8.19
CA HIS C 306 2.00 -22.86 7.77
C HIS C 306 2.67 -23.02 6.40
N LEU C 307 2.35 -22.14 5.46
CA LEU C 307 3.01 -22.20 4.17
C LEU C 307 4.51 -22.03 4.32
N VAL C 308 4.94 -21.03 5.11
CA VAL C 308 6.37 -20.82 5.29
C VAL C 308 7.03 -22.04 5.93
N ALA C 309 6.47 -22.55 7.02
CA ALA C 309 7.07 -23.67 7.74
C ALA C 309 7.08 -24.94 6.90
N THR C 310 6.00 -25.22 6.19
CA THR C 310 5.92 -26.43 5.38
C THR C 310 6.89 -26.36 4.21
N ALA C 311 7.03 -25.18 3.60
CA ALA C 311 8.01 -25.03 2.53
C ALA C 311 9.43 -25.18 3.07
N TYR C 312 9.69 -24.67 4.27
CA TYR C 312 11.01 -24.84 4.87
C TYR C 312 11.31 -26.31 5.14
N PHE C 313 10.33 -27.04 5.67
CA PHE C 313 10.53 -28.46 5.92
C PHE C 313 10.72 -29.23 4.62
N LEU C 314 9.95 -28.86 3.59
CA LEU C 314 10.10 -29.50 2.28
C LEU C 314 11.50 -29.26 1.72
N PHE C 315 12.00 -28.03 1.85
CA PHE C 315 13.33 -27.72 1.35
C PHE C 315 14.39 -28.50 2.13
N LEU C 316 14.22 -28.62 3.45
CA LEU C 316 15.14 -29.43 4.24
C LEU C 316 15.15 -30.88 3.77
N GLU C 317 13.96 -31.47 3.62
CA GLU C 317 13.89 -32.86 3.18
C GLU C 317 14.40 -33.03 1.76
N LEU C 318 14.29 -31.97 0.95
CA LEU C 318 14.76 -32.06 -0.42
C LEU C 318 16.29 -32.00 -0.47
N LEU C 319 16.90 -31.25 0.44
CA LEU C 319 18.36 -31.29 0.56
C LEU C 319 18.81 -32.64 1.08
N SER C 320 18.23 -33.10 2.19
CA SER C 320 18.66 -34.36 2.78
C SER C 320 18.13 -35.56 2.01
N LYS C 321 16.91 -35.45 1.48
CA LYS C 321 16.29 -36.53 0.72
C LYS C 321 16.21 -37.82 1.54
N ARG C 322 15.97 -37.69 2.85
CA ARG C 322 15.86 -38.87 3.69
C ARG C 322 14.61 -39.68 3.33
N ASP C 323 13.51 -39.00 3.01
CA ASP C 323 12.25 -39.66 2.69
C ASP C 323 11.57 -38.91 1.55
N ASN C 324 10.84 -39.66 0.72
CA ASN C 324 10.09 -39.05 -0.38
C ASN C 324 8.62 -38.88 -0.01
N GLY C 325 8.07 -39.84 0.73
CA GLY C 325 6.71 -39.69 1.23
C GLY C 325 6.55 -38.44 2.07
N TYR C 326 7.57 -38.10 2.85
CA TYR C 326 7.55 -36.85 3.60
C TYR C 326 7.46 -35.66 2.66
N LEU C 327 8.24 -35.67 1.58
CA LEU C 327 8.19 -34.58 0.63
C LEU C 327 6.80 -34.44 0.02
N TRP C 328 6.20 -35.56 -0.39
CA TRP C 328 4.88 -35.49 -1.00
C TRP C 328 3.82 -35.04 0.01
N VAL C 329 3.96 -35.46 1.27
CA VAL C 329 3.04 -35.00 2.30
C VAL C 329 3.18 -33.50 2.52
N GLN C 330 4.42 -32.98 2.45
CA GLN C 330 4.60 -31.54 2.57
C GLN C 330 4.00 -30.80 1.39
N MET C 331 4.11 -31.35 0.18
CA MET C 331 3.44 -30.73 -0.97
C MET C 331 1.94 -30.72 -0.78
N LEU C 332 1.38 -31.83 -0.29
CA LEU C 332 -0.06 -31.88 -0.03
C LEU C 332 -0.46 -30.86 1.04
N TRP C 333 0.37 -30.69 2.06
CA TRP C 333 0.09 -29.69 3.08
C TRP C 333 0.12 -28.28 2.49
N ILE C 334 1.07 -28.00 1.61
CA ILE C 334 1.11 -26.70 0.94
C ILE C 334 -0.17 -26.50 0.14
N CYS C 335 -0.59 -27.51 -0.61
CA CYS C 335 -1.82 -27.41 -1.38
C CYS C 335 -3.02 -27.16 -0.47
N PHE C 336 -3.10 -27.87 0.65
CA PHE C 336 -4.22 -27.70 1.57
C PHE C 336 -4.24 -26.30 2.18
N HIS C 337 -3.08 -25.80 2.60
CA HIS C 337 -3.02 -24.46 3.16
C HIS C 337 -3.38 -23.40 2.15
N PHE C 338 -2.88 -23.53 0.92
CA PHE C 338 -3.25 -22.58 -0.13
C PHE C 338 -4.74 -22.64 -0.44
N LEU C 339 -5.30 -23.86 -0.47
CA LEU C 339 -6.72 -24.01 -0.78
C LEU C 339 -7.59 -23.40 0.31
N ARG C 340 -7.21 -23.56 1.58
CA ARG C 340 -7.99 -22.94 2.65
C ARG C 340 -7.79 -21.42 2.71
N LEU C 341 -6.59 -20.93 2.39
CA LEU C 341 -6.41 -19.50 2.22
C LEU C 341 -7.37 -18.96 1.16
N LEU C 342 -7.46 -19.64 0.02
CA LEU C 342 -8.44 -19.25 -0.98
C LEU C 342 -9.86 -19.37 -0.46
N MET C 343 -10.15 -20.43 0.29
CA MET C 343 -11.46 -20.63 0.90
C MET C 343 -11.88 -19.46 1.77
N VAL C 344 -10.92 -18.83 2.47
CA VAL C 344 -11.23 -17.68 3.30
C VAL C 344 -11.15 -16.36 2.53
N VAL C 345 -10.42 -16.32 1.42
CA VAL C 345 -10.24 -15.05 0.70
C VAL C 345 -11.29 -14.84 -0.39
N GLU C 346 -11.53 -15.83 -1.23
CA GLU C 346 -12.41 -15.71 -2.39
C GLU C 346 -13.85 -15.34 -2.01
N PRO C 347 -14.40 -15.87 -0.92
CA PRO C 347 -15.78 -15.48 -0.57
C PRO C 347 -15.95 -13.99 -0.37
N CYS C 348 -15.08 -13.36 0.42
CA CYS C 348 -15.19 -11.92 0.65
C CYS C 348 -14.96 -11.14 -0.64
N HIS C 349 -13.98 -11.57 -1.45
CA HIS C 349 -13.72 -10.90 -2.71
C HIS C 349 -14.94 -10.96 -3.62
N LEU C 350 -15.57 -12.13 -3.72
CA LEU C 350 -16.77 -12.26 -4.54
C LEU C 350 -17.91 -11.41 -4.01
N ALA C 351 -18.09 -11.39 -2.69
CA ALA C 351 -19.15 -10.56 -2.11
C ALA C 351 -18.95 -9.09 -2.45
N ALA C 352 -17.73 -8.59 -2.24
CA ALA C 352 -17.45 -7.19 -2.55
C ALA C 352 -17.61 -6.90 -4.03
N ARG C 353 -17.14 -7.81 -4.88
CA ARG C 353 -17.23 -7.61 -6.33
C ARG C 353 -18.68 -7.57 -6.77
N GLU C 354 -19.53 -8.44 -6.22
CA GLU C 354 -20.93 -8.48 -6.62
C GLU C 354 -21.69 -7.27 -6.08
N SER C 355 -21.32 -6.80 -4.89
CA SER C 355 -21.98 -5.63 -4.33
C SER C 355 -21.56 -4.34 -5.02
N ARG C 356 -20.32 -4.27 -5.52
CA ARG C 356 -19.81 -3.07 -6.15
C ARG C 356 -20.19 -2.96 -7.63
N LYS C 357 -20.72 -4.03 -8.23
CA LYS C 357 -21.17 -3.98 -9.61
C LYS C 357 -22.65 -3.63 -9.75
N THR C 358 -23.35 -3.41 -8.62
CA THR C 358 -24.76 -3.06 -8.68
C THR C 358 -24.94 -1.59 -9.07
N ILE C 359 -23.97 -0.74 -8.73
CA ILE C 359 -24.10 0.68 -9.03
C ILE C 359 -24.09 0.92 -10.53
N GLN C 360 -23.35 0.11 -11.29
CA GLN C 360 -23.37 0.26 -12.74
C GLN C 360 -24.73 -0.12 -13.31
N ILE C 361 -25.32 -1.20 -12.79
CA ILE C 361 -26.67 -1.58 -13.20
C ILE C 361 -27.65 -0.47 -12.88
N VAL C 362 -27.53 0.13 -11.70
CA VAL C 362 -28.43 1.21 -11.32
C VAL C 362 -28.24 2.43 -12.23
N CYS C 363 -26.99 2.73 -12.61
CA CYS C 363 -26.76 3.79 -13.58
C CYS C 363 -27.43 3.48 -14.90
N GLU C 364 -27.37 2.22 -15.33
CA GLU C 364 -28.07 1.84 -16.57
C GLU C 364 -29.57 2.07 -16.45
N ILE C 365 -30.17 1.68 -15.32
CA ILE C 365 -31.59 1.94 -15.12
C ILE C 365 -31.87 3.42 -15.16
N GLU C 366 -31.05 4.23 -14.48
CA GLU C 366 -31.21 5.68 -14.55
C GLU C 366 -31.25 6.16 -15.99
N ARG C 367 -30.28 5.71 -16.79
CA ARG C 367 -30.15 6.13 -18.17
C ARG C 367 -31.32 5.63 -19.01
N LYS C 368 -32.00 4.58 -18.55
CA LYS C 368 -33.08 3.98 -19.31
C LYS C 368 -34.46 4.24 -18.70
N VAL C 369 -34.53 4.61 -17.42
CA VAL C 369 -35.80 4.84 -16.74
C VAL C 369 -36.28 6.25 -17.02
N HIS C 370 -37.59 6.43 -17.08
CA HIS C 370 -38.19 7.74 -17.33
C HIS C 370 -39.32 8.04 -16.35
N GLU C 371 -39.95 7.01 -15.82
CA GLU C 371 -41.09 7.22 -14.93
C GLU C 371 -40.67 8.04 -13.72
N PRO C 372 -41.53 8.93 -13.22
CA PRO C 372 -41.12 9.83 -12.13
C PRO C 372 -40.79 9.10 -10.83
N ILE C 373 -41.74 8.32 -10.33
CA ILE C 373 -41.54 7.64 -9.05
C ILE C 373 -40.43 6.60 -9.17
N LEU C 374 -40.41 5.85 -10.27
CA LEU C 374 -39.36 4.85 -10.46
C LEU C 374 -38.00 5.51 -10.62
N ALA C 375 -37.95 6.65 -11.34
CA ALA C 375 -36.69 7.36 -11.46
C ALA C 375 -36.20 7.85 -10.11
N GLU C 376 -37.12 8.35 -9.28
CA GLU C 376 -36.72 8.80 -7.94
C GLU C 376 -36.23 7.63 -7.09
N ALA C 377 -36.89 6.47 -7.19
CA ALA C 377 -36.43 5.30 -6.45
C ALA C 377 -35.04 4.87 -6.91
N VAL C 378 -34.80 4.92 -8.22
CA VAL C 378 -33.49 4.55 -8.75
C VAL C 378 -32.43 5.54 -8.28
N LYS C 379 -32.79 6.83 -8.22
CA LYS C 379 -31.87 7.83 -7.70
C LYS C 379 -31.54 7.56 -6.24
N LYS C 380 -32.55 7.21 -5.44
CA LYS C 380 -32.32 6.86 -4.05
C LYS C 380 -31.38 5.66 -3.95
N PHE C 381 -31.59 4.66 -4.81
CA PHE C 381 -30.74 3.48 -4.79
C PHE C 381 -29.30 3.81 -5.17
N TRP C 382 -29.12 4.67 -6.18
CA TRP C 382 -27.78 5.08 -6.56
C TRP C 382 -27.09 5.82 -5.43
N GLN C 383 -27.82 6.72 -4.77
CA GLN C 383 -27.27 7.41 -3.61
C GLN C 383 -26.88 6.44 -2.51
N GLN C 384 -27.72 5.43 -2.25
CA GLN C 384 -27.40 4.43 -1.24
C GLN C 384 -26.14 3.67 -1.60
N LEU C 385 -25.99 3.28 -2.87
CA LEU C 385 -24.85 2.51 -3.30
C LEU C 385 -23.56 3.32 -3.35
N LEU C 386 -23.66 4.63 -3.54
CA LEU C 386 -22.45 5.45 -3.63
C LEU C 386 -21.60 5.36 -2.36
N VAL C 387 -22.22 5.06 -1.22
CA VAL C 387 -21.54 5.10 0.06
C VAL C 387 -21.56 3.73 0.73
N VAL C 388 -21.58 2.67 -0.08
CA VAL C 388 -21.66 1.31 0.45
C VAL C 388 -20.27 0.83 0.82
N ASP C 389 -20.14 0.29 2.03
CA ASP C 389 -18.89 -0.33 2.48
C ASP C 389 -19.04 -1.85 2.33
N ALA C 390 -18.41 -2.39 1.31
CA ALA C 390 -18.61 -3.79 0.93
C ALA C 390 -17.47 -4.69 1.37
N ASP C 391 -16.23 -4.20 1.34
CA ASP C 391 -15.09 -5.05 1.62
C ASP C 391 -15.14 -5.60 3.03
N PHE C 392 -14.72 -6.86 3.17
CA PHE C 392 -14.71 -7.54 4.46
C PHE C 392 -13.47 -7.15 5.23
N SER C 393 -13.65 -6.78 6.51
CA SER C 393 -12.55 -6.33 7.36
C SER C 393 -12.26 -7.37 8.42
N ALA C 394 -10.99 -7.76 8.54
CA ALA C 394 -10.57 -8.72 9.55
C ALA C 394 -10.09 -7.94 10.77
N CYS C 395 -11.05 -7.51 11.58
CA CYS C 395 -10.80 -6.73 12.79
C CYS C 395 -10.09 -5.41 12.51
N GLY C 396 -10.26 -4.88 11.30
CA GLY C 396 -9.63 -3.63 10.92
C GLY C 396 -8.18 -3.74 10.53
N LEU C 397 -7.56 -4.92 10.70
CA LEU C 397 -6.16 -5.08 10.35
C LEU C 397 -5.97 -5.09 8.83
N CYS C 398 -6.89 -5.71 8.10
CA CYS C 398 -6.77 -5.81 6.66
C CYS C 398 -8.14 -6.04 6.06
N ARG C 399 -8.28 -5.70 4.78
CA ARG C 399 -9.47 -6.02 4.02
C ARG C 399 -9.24 -7.31 3.26
N VAL C 400 -10.08 -8.31 3.50
CA VAL C 400 -9.88 -9.65 2.97
C VAL C 400 -10.35 -9.64 1.53
N ASN C 401 -9.39 -9.76 0.61
CA ASN C 401 -9.66 -9.87 -0.81
C ASN C 401 -8.49 -10.61 -1.45
N ARG C 402 -8.47 -10.66 -2.78
CA ARG C 402 -7.41 -11.37 -3.48
C ARG C 402 -6.06 -10.66 -3.38
N THR C 403 -6.07 -9.34 -3.20
CA THR C 403 -4.81 -8.62 -3.02
C THR C 403 -3.96 -9.20 -1.90
N ILE C 404 -4.60 -9.58 -0.79
CA ILE C 404 -3.89 -10.26 0.29
C ILE C 404 -2.95 -11.32 -0.26
N LEU C 405 -3.44 -12.18 -1.16
CA LEU C 405 -2.61 -13.22 -1.73
C LEU C 405 -1.26 -12.66 -2.17
N THR C 406 -1.28 -11.63 -3.02
CA THR C 406 -0.03 -11.01 -3.45
C THR C 406 0.85 -10.70 -2.25
N SER C 407 0.33 -9.90 -1.30
CA SER C 407 1.10 -9.60 -0.10
C SER C 407 1.63 -10.87 0.54
N PHE C 408 0.76 -11.86 0.75
CA PHE C 408 1.20 -13.12 1.33
C PHE C 408 2.40 -13.66 0.57
N ALA C 409 2.30 -13.74 -0.75
CA ALA C 409 3.43 -14.23 -1.54
C ALA C 409 4.71 -13.49 -1.18
N SER C 410 4.65 -12.15 -1.17
CA SER C 410 5.83 -11.38 -0.80
C SER C 410 6.38 -11.85 0.53
N ALA C 411 5.52 -11.94 1.55
CA ALA C 411 5.97 -12.43 2.85
C ALA C 411 6.54 -13.84 2.72
N ILE C 412 5.82 -14.71 2.02
CA ILE C 412 6.30 -16.09 1.87
C ILE C 412 7.59 -16.11 1.06
N ALA C 413 7.81 -15.08 0.24
CA ALA C 413 9.06 -15.00 -0.50
C ALA C 413 10.19 -14.49 0.39
N THR C 414 9.85 -13.64 1.37
CA THR C 414 10.89 -13.04 2.21
C THR C 414 11.25 -13.96 3.37
N TYR C 415 10.30 -14.23 4.25
CA TYR C 415 10.60 -15.00 5.46
C TYR C 415 11.26 -16.32 5.12
N LEU C 416 10.61 -17.11 4.26
CA LEU C 416 11.13 -18.42 3.86
C LEU C 416 12.56 -18.30 3.35
N VAL C 417 12.83 -17.33 2.48
CA VAL C 417 14.18 -17.15 1.95
C VAL C 417 15.14 -16.87 3.10
N ALA C 418 14.79 -15.93 4.24
CA ALA C 418 15.56 -15.68 5.45
C ALA C 418 15.78 -16.98 6.22
N LEU C 419 14.69 -17.72 6.18
CA LEU C 419 14.81 -18.96 6.94
C LEU C 419 15.85 -19.88 6.30
N ILE C 420 15.87 -19.91 4.96
CA ILE C 420 16.80 -20.75 4.23
C ILE C 420 18.20 -20.22 4.48
N GLN C 421 18.35 -18.91 4.42
CA GLN C 421 19.66 -18.32 4.66
C GLN C 421 20.12 -18.67 6.08
N PHE C 422 19.17 -18.69 7.01
CA PHE C 422 19.47 -19.01 8.40
C PHE C 422 20.01 -20.42 8.55
N GLN C 423 19.55 -21.34 7.70
CA GLN C 423 20.02 -22.73 7.75
C GLN C 423 21.50 -22.76 7.39
N ARG C 424 21.87 -22.02 6.36
CA ARG C 424 23.26 -21.96 5.92
C ARG C 424 24.13 -21.34 7.01
N THR C 425 23.61 -20.30 7.66
CA THR C 425 24.33 -19.61 8.72
C THR C 425 24.21 -20.37 10.04
N MET D 1 -5.55 19.12 22.48
CA MET D 1 -5.55 18.51 23.83
C MET D 1 -6.85 18.80 24.57
N GLU D 2 -7.35 17.80 25.28
CA GLU D 2 -8.60 17.93 26.02
C GLU D 2 -8.30 18.15 27.50
N ILE D 3 -8.87 19.21 28.06
CA ILE D 3 -8.71 19.55 29.48
C ILE D 3 -10.12 19.75 30.02
N SER D 4 -10.68 18.70 30.61
CA SER D 4 -12.01 18.72 31.17
C SER D 4 -11.97 18.29 32.64
N GLN D 5 -13.03 18.65 33.36
CA GLN D 5 -13.09 18.38 34.80
C GLN D 5 -13.03 16.88 35.08
N PRO D 6 -13.78 16.04 34.34
CA PRO D 6 -13.67 14.59 34.59
C PRO D 6 -12.25 14.07 34.42
N SER D 7 -11.52 14.57 33.42
CA SER D 7 -10.17 14.13 33.13
C SER D 7 -9.12 15.12 33.59
N ILE D 8 -9.43 15.93 34.62
CA ILE D 8 -8.47 16.92 35.09
C ILE D 8 -7.29 16.26 35.76
N GLY D 9 -7.47 15.05 36.29
CA GLY D 9 -6.35 14.33 36.87
C GLY D 9 -5.29 14.00 35.85
N ILE D 10 -5.70 13.56 34.66
CA ILE D 10 -4.75 13.31 33.57
C ILE D 10 -4.05 14.61 33.21
N PHE D 11 -4.77 15.72 33.21
CA PHE D 11 -4.16 17.00 32.90
C PHE D 11 -3.08 17.35 33.92
N TYR D 12 -3.36 17.14 35.21
CA TYR D 12 -2.37 17.44 36.23
C TYR D 12 -1.16 16.53 36.11
N ILE D 13 -1.40 15.24 35.81
CA ILE D 13 -0.30 14.30 35.61
C ILE D 13 0.59 14.78 34.46
N SER D 14 -0.03 15.18 33.35
CA SER D 14 0.75 15.66 32.22
C SER D 14 1.45 16.97 32.54
N LYS D 15 0.84 17.79 33.40
CA LYS D 15 1.43 19.08 33.75
C LYS D 15 2.68 18.91 34.59
N VAL D 16 2.62 18.08 35.64
CA VAL D 16 3.81 17.82 36.44
C VAL D 16 4.85 17.05 35.65
N LEU D 17 4.45 16.34 34.60
CA LEU D 17 5.36 15.58 33.75
C LEU D 17 5.87 16.40 32.57
N ALA D 18 5.70 17.73 32.59
CA ALA D 18 6.24 18.66 31.61
C ALA D 18 5.57 18.55 30.26
N LEU D 19 4.28 18.17 30.20
CA LEU D 19 3.59 17.97 28.94
C LEU D 19 2.41 18.91 28.73
N ALA D 20 1.86 19.49 29.79
CA ALA D 20 0.70 20.38 29.70
C ALA D 20 1.00 21.65 30.47
N PRO D 21 1.82 22.54 29.92
CA PRO D 21 2.17 23.79 30.61
C PRO D 21 1.07 24.84 30.50
N TYR D 22 -0.08 24.54 31.09
CA TYR D 22 -1.23 25.42 31.05
C TYR D 22 -1.79 25.63 32.46
N ALA D 23 -2.29 26.84 32.69
CA ALA D 23 -2.99 27.17 33.92
C ALA D 23 -4.49 27.16 33.64
N THR D 24 -5.23 26.39 34.42
CA THR D 24 -6.67 26.22 34.21
C THR D 24 -7.40 26.68 35.46
N VAL D 25 -8.47 27.44 35.25
CA VAL D 25 -9.33 27.91 36.33
C VAL D 25 -10.76 27.47 36.03
N ARG D 26 -11.39 26.84 37.02
CA ARG D 26 -12.76 26.36 36.85
C ARG D 26 -13.75 27.48 37.16
N ASN D 27 -14.59 27.81 36.18
CA ASN D 27 -15.57 28.87 36.35
C ASN D 27 -16.68 28.44 37.30
N SER D 28 -17.52 29.39 37.72
CA SER D 28 -18.69 29.04 38.49
C SER D 28 -19.70 28.25 37.67
N LYS D 29 -19.59 28.27 36.35
CA LYS D 29 -20.45 27.48 35.47
C LYS D 29 -19.96 26.06 35.30
N GLY D 30 -18.83 25.69 35.91
CA GLY D 30 -18.23 24.39 35.70
C GLY D 30 -17.30 24.30 34.52
N ARG D 31 -17.10 25.39 33.79
CA ARG D 31 -16.22 25.41 32.63
C ARG D 31 -14.79 25.67 33.08
N VAL D 32 -13.84 25.13 32.32
CA VAL D 32 -12.42 25.20 32.64
C VAL D 32 -11.76 26.13 31.63
N GLU D 33 -11.47 27.37 32.05
CA GLU D 33 -10.74 28.30 31.20
C GLU D 33 -9.25 28.00 31.28
N ILE D 34 -8.60 28.00 30.13
CA ILE D 34 -7.21 27.58 29.98
C ILE D 34 -6.39 28.76 29.49
N GLY D 35 -5.17 28.89 30.01
CA GLY D 35 -4.25 29.90 29.55
C GLY D 35 -2.83 29.40 29.69
N ARG D 36 -1.90 30.19 29.16
CA ARG D 36 -0.49 29.83 29.26
C ARG D 36 0.02 30.04 30.68
N SER D 37 0.84 29.10 31.15
CA SER D 37 1.48 29.18 32.46
C SER D 37 2.98 29.23 32.22
N TRP D 38 3.55 30.43 32.26
CA TRP D 38 4.97 30.60 31.95
C TRP D 38 5.85 29.88 32.96
N LEU D 39 5.47 29.88 34.23
CA LEU D 39 6.22 29.13 35.23
C LEU D 39 6.33 27.67 34.82
N PHE D 40 5.20 27.03 34.53
CA PHE D 40 5.22 25.63 34.13
C PHE D 40 5.78 25.45 32.72
N THR D 41 5.67 26.45 31.86
CA THR D 41 6.31 26.37 30.55
C THR D 41 7.83 26.21 30.70
N VAL D 42 8.45 27.13 31.45
CA VAL D 42 9.89 27.04 31.64
C VAL D 42 10.26 25.82 32.46
N TYR D 43 9.42 25.43 33.43
CA TYR D 43 9.69 24.20 34.18
C TYR D 43 9.71 23.00 33.26
N SER D 44 8.73 22.89 32.36
CA SER D 44 8.68 21.77 31.43
C SER D 44 9.91 21.75 30.53
N ALA D 45 10.25 22.90 29.94
CA ALA D 45 11.40 22.94 29.06
C ALA D 45 12.68 22.56 29.79
N THR D 46 12.90 23.16 30.98
CA THR D 46 14.11 22.89 31.73
C THR D 46 14.19 21.44 32.17
N LEU D 47 13.06 20.88 32.63
CA LEU D 47 13.05 19.48 33.06
C LEU D 47 13.35 18.56 31.88
N THR D 48 12.76 18.82 30.72
CA THR D 48 13.03 18.01 29.55
C THR D 48 14.52 18.04 29.18
N VAL D 49 15.09 19.25 29.10
CA VAL D 49 16.49 19.36 28.72
C VAL D 49 17.38 18.67 29.76
N VAL D 50 17.11 18.91 31.04
CA VAL D 50 17.95 18.37 32.11
C VAL D 50 17.90 16.85 32.09
N MET D 51 16.69 16.28 31.95
CA MET D 51 16.58 14.83 32.01
C MET D 51 17.15 14.17 30.76
N VAL D 52 17.01 14.80 29.59
CA VAL D 52 17.66 14.26 28.40
C VAL D 52 19.18 14.28 28.58
N PHE D 53 19.72 15.38 29.09
CA PHE D 53 21.16 15.47 29.32
C PHE D 53 21.62 14.40 30.30
N LEU D 54 20.88 14.22 31.39
CA LEU D 54 21.25 13.22 32.38
C LEU D 54 21.16 11.81 31.80
N THR D 55 20.13 11.53 31.00
CA THR D 55 20.00 10.21 30.39
C THR D 55 21.19 9.92 29.49
N TYR D 56 21.54 10.86 28.61
CA TYR D 56 22.68 10.62 27.72
C TYR D 56 24.00 10.62 28.48
N ARG D 57 24.11 11.39 29.56
CA ARG D 57 25.32 11.34 30.38
C ARG D 57 25.49 9.98 31.04
N GLY D 58 24.40 9.41 31.58
CA GLY D 58 24.46 8.07 32.10
C GLY D 58 24.78 7.04 31.04
N LEU D 59 24.24 7.22 29.83
CA LEU D 59 24.58 6.33 28.73
C LEU D 59 26.08 6.35 28.46
N LEU D 60 26.65 7.55 28.32
CA LEU D 60 28.08 7.67 28.06
C LEU D 60 28.89 7.09 29.22
N PHE D 61 28.46 7.36 30.45
CA PHE D 61 29.16 6.83 31.61
C PHE D 61 29.20 5.31 31.59
N ASP D 62 28.06 4.67 31.28
CA ASP D 62 28.03 3.22 31.15
C ASP D 62 28.96 2.76 30.03
N ALA D 63 28.92 3.46 28.89
CA ALA D 63 29.76 3.07 27.77
C ALA D 63 31.25 3.25 28.08
N ASN D 64 31.60 4.26 28.88
CA ASN D 64 32.98 4.57 29.20
C ASN D 64 33.41 4.01 30.56
N SER D 65 32.58 3.18 31.18
CA SER D 65 32.92 2.63 32.49
C SER D 65 33.88 1.45 32.33
N GLU D 66 34.46 1.04 33.47
CA GLU D 66 35.39 -0.08 33.45
C GLU D 66 34.67 -1.37 33.09
N ILE D 67 33.51 -1.62 33.71
CA ILE D 67 32.69 -2.77 33.37
C ILE D 67 31.31 -2.27 32.95
N PRO D 68 31.07 -2.00 31.67
CA PRO D 68 29.73 -1.60 31.24
C PRO D 68 28.70 -2.67 31.57
N VAL D 69 27.52 -2.22 31.98
CA VAL D 69 26.44 -3.14 32.34
C VAL D 69 25.57 -3.44 31.14
N ARG D 70 25.13 -2.39 30.44
CA ARG D 70 24.25 -2.52 29.28
C ARG D 70 24.95 -2.24 27.96
N MET D 71 25.80 -1.21 27.92
CA MET D 71 26.50 -0.82 26.69
C MET D 71 27.86 -1.48 26.69
N LYS D 72 27.86 -2.78 26.35
CA LYS D 72 29.07 -3.59 26.35
C LYS D 72 29.53 -3.92 24.94
N SER D 73 28.68 -4.56 24.15
CA SER D 73 29.03 -4.93 22.78
C SER D 73 28.54 -3.86 21.81
N ALA D 74 29.20 -3.80 20.65
CA ALA D 74 28.79 -2.85 19.62
C ALA D 74 27.30 -2.99 19.31
N THR D 75 26.83 -4.22 19.15
CA THR D 75 25.41 -4.44 18.92
C THR D 75 24.59 -3.97 20.11
N SER D 76 25.00 -4.34 21.31
CA SER D 76 24.29 -3.89 22.51
C SER D 76 24.35 -2.38 22.66
N LYS D 77 25.52 -1.79 22.40
CA LYS D 77 25.65 -0.34 22.47
C LYS D 77 24.67 0.34 21.53
N VAL D 78 24.63 -0.11 20.27
CA VAL D 78 23.75 0.52 19.28
C VAL D 78 22.29 0.33 19.67
N VAL D 79 21.92 -0.88 20.09
CA VAL D 79 20.52 -1.14 20.43
C VAL D 79 20.09 -0.30 21.62
N THR D 80 20.91 -0.24 22.67
CA THR D 80 20.55 0.56 23.84
C THR D 80 20.51 2.04 23.51
N ALA D 81 21.43 2.52 22.68
CA ALA D 81 21.41 3.93 22.28
C ALA D 81 20.14 4.24 21.50
N LEU D 82 19.75 3.36 20.58
CA LEU D 82 18.50 3.57 19.85
C LEU D 82 17.30 3.54 20.78
N ASP D 83 17.28 2.62 21.74
CA ASP D 83 16.18 2.53 22.69
C ASP D 83 16.06 3.82 23.49
N VAL D 84 17.18 4.36 23.96
CA VAL D 84 17.14 5.60 24.72
C VAL D 84 16.77 6.78 23.83
N SER D 85 17.28 6.81 22.61
CA SER D 85 17.01 7.93 21.71
C SER D 85 15.56 8.00 21.27
N VAL D 86 14.92 6.86 21.02
CA VAL D 86 13.51 6.90 20.65
C VAL D 86 12.68 7.48 21.77
N VAL D 87 12.95 7.08 23.02
CA VAL D 87 12.23 7.65 24.16
C VAL D 87 12.49 9.14 24.27
N VAL D 88 13.75 9.55 24.12
CA VAL D 88 14.09 10.96 24.23
C VAL D 88 13.34 11.77 23.18
N MET D 89 13.34 11.27 21.93
CA MET D 89 12.68 11.99 20.85
C MET D 89 11.17 12.03 21.06
N ALA D 90 10.58 10.93 21.54
CA ALA D 90 9.15 10.91 21.78
C ALA D 90 8.76 11.93 22.85
N ILE D 91 9.48 11.94 23.98
CA ILE D 91 9.14 12.87 25.04
C ILE D 91 9.41 14.30 24.62
N VAL D 92 10.46 14.53 23.83
CA VAL D 92 10.76 15.88 23.37
C VAL D 92 9.68 16.38 22.43
N SER D 93 9.22 15.51 21.52
CA SER D 93 8.11 15.89 20.64
C SER D 93 6.85 16.16 21.43
N GLY D 94 6.55 15.34 22.44
CA GLY D 94 5.38 15.60 23.26
C GLY D 94 5.47 16.93 24.01
N VAL D 95 6.63 17.21 24.58
CA VAL D 95 6.83 18.47 25.31
C VAL D 95 6.70 19.65 24.37
N TYR D 96 7.32 19.56 23.18
CA TYR D 96 7.22 20.64 22.20
C TYR D 96 5.78 20.84 21.77
N CYS D 97 5.04 19.75 21.56
CA CYS D 97 3.64 19.86 21.17
C CYS D 97 2.82 20.55 22.26
N GLY D 98 3.03 20.14 23.51
CA GLY D 98 2.34 20.78 24.62
C GLY D 98 2.72 22.24 24.82
N LEU D 99 3.94 22.60 24.42
CA LEU D 99 4.39 23.99 24.56
C LEU D 99 3.74 24.90 23.52
N PHE D 100 3.61 24.40 22.28
CA PHE D 100 3.15 25.21 21.15
C PHE D 100 1.81 24.73 20.61
N SER D 101 0.89 24.34 21.50
CA SER D 101 -0.45 23.89 21.11
C SER D 101 -1.50 24.47 22.04
N LEU D 102 -1.29 25.71 22.48
CA LEU D 102 -2.28 26.36 23.35
C LEU D 102 -3.51 26.78 22.56
N ASN D 103 -3.32 27.37 21.38
CA ASN D 103 -4.45 27.79 20.58
C ASN D 103 -5.29 26.60 20.14
N ASP D 104 -4.63 25.52 19.71
CA ASP D 104 -5.36 24.31 19.34
C ASP D 104 -6.09 23.74 20.54
N THR D 105 -5.47 23.75 21.72
CA THR D 105 -6.13 23.26 22.91
C THR D 105 -7.38 24.08 23.23
N LEU D 106 -7.27 25.40 23.16
CA LEU D 106 -8.42 26.26 23.44
C LEU D 106 -9.55 25.99 22.44
N GLU D 107 -9.22 25.93 21.15
CA GLU D 107 -10.24 25.67 20.15
C GLU D 107 -10.89 24.31 20.38
N LEU D 108 -10.08 23.28 20.66
CA LEU D 108 -10.61 21.95 20.86
C LEU D 108 -11.55 21.91 22.06
N ASN D 109 -11.15 22.55 23.16
CA ASN D 109 -12.00 22.55 24.35
C ASN D 109 -13.28 23.35 24.16
N ASP D 110 -13.23 24.47 23.43
CA ASP D 110 -14.45 25.20 23.12
C ASP D 110 -15.40 24.33 22.29
N ARG D 111 -14.85 23.68 21.25
CA ARG D 111 -15.67 22.82 20.41
C ARG D 111 -16.26 21.67 21.21
N LEU D 112 -15.46 21.06 22.08
CA LEU D 112 -15.96 19.98 22.91
C LEU D 112 -17.03 20.48 23.87
N ASN D 113 -16.91 21.71 24.35
CA ASN D 113 -17.96 22.27 25.20
C ASN D 113 -19.27 22.37 24.44
N LYS D 114 -19.24 22.94 23.23
CA LYS D 114 -20.49 23.06 22.48
C LYS D 114 -21.05 21.68 22.13
N ILE D 115 -20.18 20.72 21.80
CA ILE D 115 -20.63 19.38 21.47
C ILE D 115 -21.29 18.72 22.68
N ASP D 116 -20.67 18.84 23.84
CA ASP D 116 -21.24 18.27 25.06
C ASP D 116 -22.57 18.92 25.40
N ASN D 117 -22.69 20.24 25.20
CA ASN D 117 -23.99 20.88 25.35
C ASN D 117 -25.01 20.27 24.41
N THR D 118 -24.60 20.01 23.17
CA THR D 118 -25.49 19.37 22.21
C THR D 118 -25.82 17.93 22.64
N LEU D 119 -24.82 17.20 23.14
CA LEU D 119 -24.97 15.81 23.55
C LEU D 119 -25.12 15.67 25.07
N ASN D 120 -25.79 16.62 25.73
CA ASN D 120 -25.92 16.56 27.17
C ASN D 120 -26.70 15.32 27.62
N ALA D 121 -27.51 14.74 26.73
CA ALA D 121 -28.32 13.59 27.09
C ALA D 121 -27.50 12.34 27.35
N TYR D 122 -26.28 12.25 26.80
CA TYR D 122 -25.46 11.06 26.93
C TYR D 122 -24.17 11.32 27.71
N ASN D 123 -24.03 12.49 28.32
CA ASN D 123 -22.85 12.79 29.11
C ASN D 123 -22.90 12.06 30.44
N ASN D 124 -21.79 11.41 30.80
CA ASN D 124 -21.66 10.67 32.06
C ASN D 124 -20.39 11.18 32.73
N PHE D 125 -20.55 12.18 33.60
CA PHE D 125 -19.38 12.75 34.28
C PHE D 125 -18.68 11.70 35.12
N ARG D 126 -19.45 10.92 35.89
CA ARG D 126 -18.85 9.93 36.78
C ARG D 126 -18.11 8.86 35.99
N ARG D 127 -18.77 8.29 34.97
CA ARG D 127 -18.14 7.24 34.18
C ARG D 127 -16.91 7.75 33.45
N ASP D 128 -16.99 8.96 32.86
CA ASP D 128 -15.84 9.50 32.16
C ASP D 128 -14.68 9.75 33.12
N ARG D 129 -14.95 10.33 34.28
CA ARG D 129 -13.90 10.56 35.27
C ARG D 129 -13.26 9.26 35.69
N TRP D 130 -14.07 8.23 35.97
CA TRP D 130 -13.52 6.97 36.42
C TRP D 130 -12.73 6.27 35.33
N ARG D 131 -13.19 6.31 34.08
CA ARG D 131 -12.41 5.74 32.99
C ARG D 131 -11.07 6.45 32.83
N ALA D 132 -11.08 7.79 32.88
CA ALA D 132 -9.83 8.53 32.74
C ALA D 132 -8.86 8.21 33.87
N LEU D 133 -9.35 8.26 35.12
CA LEU D 133 -8.50 7.95 36.25
C LEU D 133 -8.00 6.50 36.21
N GLY D 134 -8.85 5.57 35.80
CA GLY D 134 -8.42 4.19 35.69
C GLY D 134 -7.34 4.00 34.65
N MET D 135 -7.49 4.63 33.48
CA MET D 135 -6.46 4.54 32.46
C MET D 135 -5.15 5.12 32.97
N ALA D 136 -5.20 6.32 33.56
CA ALA D 136 -3.98 6.94 34.06
C ALA D 136 -3.33 6.08 35.13
N ALA D 137 -4.11 5.60 36.10
CA ALA D 137 -3.56 4.82 37.19
C ALA D 137 -2.98 3.51 36.69
N VAL D 138 -3.68 2.82 35.79
CA VAL D 138 -3.17 1.56 35.25
C VAL D 138 -1.87 1.80 34.50
N SER D 139 -1.81 2.83 33.65
CA SER D 139 -0.59 3.10 32.91
C SER D 139 0.57 3.42 33.85
N LEU D 140 0.34 4.30 34.82
CA LEU D 140 1.42 4.69 35.73
C LEU D 140 1.86 3.52 36.61
N LEU D 141 0.91 2.72 37.12
CA LEU D 141 1.27 1.56 37.92
C LEU D 141 2.04 0.53 37.10
N ALA D 142 1.61 0.31 35.85
CA ALA D 142 2.31 -0.63 34.99
C ALA D 142 3.73 -0.18 34.74
N ILE D 143 3.92 1.09 34.38
CA ILE D 143 5.28 1.56 34.12
C ILE D 143 6.12 1.56 35.39
N SER D 144 5.52 1.86 36.54
CA SER D 144 6.27 1.84 37.79
C SER D 144 6.72 0.43 38.13
N ILE D 145 5.80 -0.54 38.05
CA ILE D 145 6.15 -1.94 38.33
C ILE D 145 7.22 -2.41 37.36
N LEU D 146 7.07 -2.07 36.08
CA LEU D 146 8.01 -2.53 35.07
C LEU D 146 9.39 -1.90 35.28
N VAL D 147 9.44 -0.62 35.65
CA VAL D 147 10.71 0.02 35.96
C VAL D 147 11.35 -0.61 37.18
N GLY D 148 10.55 -0.91 38.21
CA GLY D 148 11.11 -1.57 39.39
C GLY D 148 11.70 -2.93 39.05
N LEU D 149 10.97 -3.72 38.28
CA LEU D 149 11.47 -5.03 37.87
C LEU D 149 12.75 -4.88 37.04
N ASP D 150 12.76 -3.95 36.09
CA ASP D 150 13.92 -3.77 35.23
C ASP D 150 15.13 -3.34 36.04
N VAL D 151 14.95 -2.39 36.96
CA VAL D 151 16.08 -1.89 37.74
C VAL D 151 16.58 -2.96 38.70
N GLY D 152 15.68 -3.74 39.30
CA GLY D 152 16.14 -4.84 40.14
C GLY D 152 16.90 -5.89 39.37
N THR D 153 16.38 -6.28 38.20
CA THR D 153 17.07 -7.26 37.36
C THR D 153 18.45 -6.75 36.96
N TRP D 154 18.53 -5.47 36.54
CA TRP D 154 19.82 -4.93 36.12
C TRP D 154 20.78 -4.74 37.28
N MET D 155 20.26 -4.47 38.48
CA MET D 155 21.12 -4.39 39.65
C MET D 155 21.71 -5.76 39.97
N ARG D 156 20.88 -6.81 39.93
CA ARG D 156 21.39 -8.16 40.11
C ARG D 156 22.43 -8.50 39.05
N ILE D 157 22.15 -8.17 37.79
CA ILE D 157 23.06 -8.47 36.70
C ILE D 157 24.39 -7.75 36.88
N ALA D 158 24.35 -6.47 37.25
CA ALA D 158 25.55 -5.71 37.51
C ALA D 158 26.34 -6.25 38.69
N GLN D 159 25.67 -6.65 39.77
CA GLN D 159 26.36 -7.26 40.90
C GLN D 159 26.98 -8.60 40.51
N ASP D 160 26.38 -9.30 39.53
CA ASP D 160 26.96 -10.55 39.08
C ASP D 160 28.30 -10.33 38.36
N MET D 161 28.46 -9.18 37.70
CA MET D 161 29.72 -8.87 37.03
C MET D 161 30.63 -8.01 37.90
N ASN D 162 30.25 -7.73 39.14
CA ASN D 162 31.02 -6.82 39.97
C ASN D 162 32.41 -7.38 40.24
N ILE D 163 33.42 -6.56 40.01
CA ILE D 163 34.81 -6.88 40.35
C ILE D 163 35.25 -5.96 41.46
N ALA D 164 36.13 -6.47 42.33
CA ALA D 164 36.50 -5.73 43.54
C ALA D 164 37.09 -4.37 43.22
N GLN D 165 37.59 -4.18 41.99
CA GLN D 165 38.26 -2.94 41.59
C GLN D 165 37.31 -1.96 40.91
N SER D 166 36.00 -2.12 41.06
CA SER D 166 35.05 -1.21 40.43
C SER D 166 33.65 -1.52 40.93
N ASP D 167 32.76 -0.55 40.80
CA ASP D 167 31.36 -0.68 41.20
C ASP D 167 30.48 -0.59 39.96
N THR D 168 29.69 -1.64 39.71
CA THR D 168 28.80 -1.68 38.56
C THR D 168 27.36 -1.28 38.90
N GLU D 169 27.06 -1.04 40.17
CA GLU D 169 25.71 -0.62 40.56
C GLU D 169 25.45 0.84 40.23
N LEU D 170 26.48 1.69 40.32
CA LEU D 170 26.31 3.08 39.90
C LEU D 170 25.95 3.18 38.43
N ASN D 171 26.41 2.23 37.62
CA ASN D 171 26.01 2.19 36.21
C ASN D 171 24.50 2.04 36.08
N VAL D 172 23.90 1.17 36.87
CA VAL D 172 22.45 1.04 36.86
C VAL D 172 21.78 2.28 37.43
N HIS D 173 22.32 2.83 38.52
CA HIS D 173 21.75 4.04 39.09
C HIS D 173 21.72 5.20 38.09
N TRP D 174 22.70 5.26 37.19
CA TRP D 174 22.75 6.32 36.20
C TRP D 174 21.73 6.14 35.08
N TYR D 175 20.93 5.08 35.11
CA TYR D 175 19.88 4.86 34.12
C TYR D 175 18.50 5.26 34.63
N ILE D 176 18.44 5.96 35.77
CA ILE D 176 17.18 6.38 36.37
C ILE D 176 16.53 7.49 35.54
N PRO D 177 17.31 8.44 35.01
CA PRO D 177 16.71 9.45 34.11
C PRO D 177 15.99 8.84 32.93
N PHE D 178 16.48 7.71 32.41
CA PHE D 178 15.78 7.04 31.32
C PHE D 178 14.41 6.54 31.75
N TYR D 179 14.32 6.02 32.98
CA TYR D 179 13.02 5.60 33.50
C TYR D 179 12.11 6.79 33.76
N SER D 180 12.67 7.93 34.15
CA SER D 180 11.87 9.14 34.27
C SER D 180 11.32 9.56 32.91
N LEU D 181 12.16 9.45 31.87
CA LEU D 181 11.67 9.70 30.52
C LEU D 181 10.55 8.74 30.15
N TYR D 182 10.66 7.50 30.61
CA TYR D 182 9.58 6.53 30.39
C TYR D 182 8.30 6.97 31.08
N PHE D 183 8.40 7.49 32.30
CA PHE D 183 7.20 8.01 32.98
C PHE D 183 6.59 9.17 32.19
N ILE D 184 7.43 10.08 31.70
CA ILE D 184 6.93 11.20 30.91
C ILE D 184 6.24 10.69 29.64
N LEU D 185 6.84 9.70 28.99
CA LEU D 185 6.24 9.11 27.80
C LEU D 185 4.89 8.48 28.11
N THR D 186 4.81 7.77 29.24
CA THR D 186 3.54 7.17 29.64
C THR D 186 2.48 8.24 29.87
N GLY D 187 2.84 9.33 30.53
CA GLY D 187 1.89 10.42 30.73
C GLY D 187 1.42 11.04 29.43
N LEU D 188 2.36 11.27 28.51
CA LEU D 188 2.01 11.84 27.21
C LEU D 188 1.07 10.93 26.44
N GLN D 189 1.38 9.64 26.42
CA GLN D 189 0.51 8.68 25.74
C GLN D 189 -0.85 8.62 26.39
N VAL D 190 -0.93 8.67 27.72
CA VAL D 190 -2.21 8.65 28.41
C VAL D 190 -3.03 9.87 28.03
N ASN D 191 -2.39 11.04 27.97
CA ASN D 191 -3.12 12.26 27.60
C ASN D 191 -3.65 12.18 26.17
N ILE D 192 -2.80 11.78 25.23
CA ILE D 192 -3.23 11.67 23.84
C ILE D 192 -4.35 10.66 23.72
N ALA D 193 -4.24 9.53 24.40
CA ALA D 193 -5.27 8.50 24.34
C ALA D 193 -6.57 9.00 24.93
N ASN D 194 -6.51 9.74 26.04
CA ASN D 194 -7.73 10.29 26.62
C ASN D 194 -8.42 11.24 25.64
N THR D 195 -7.64 12.12 25.00
CA THR D 195 -8.25 13.05 24.05
C THR D 195 -8.88 12.30 22.87
N ALA D 196 -8.15 11.36 22.28
CA ALA D 196 -8.66 10.65 21.11
C ALA D 196 -9.87 9.79 21.46
N TYR D 197 -9.83 9.12 22.62
CA TYR D 197 -10.97 8.33 23.07
C TYR D 197 -12.17 9.21 23.35
N GLY D 198 -11.96 10.41 23.89
CA GLY D 198 -13.07 11.34 24.06
C GLY D 198 -13.69 11.74 22.74
N LEU D 199 -12.86 12.01 21.74
CA LEU D 199 -13.39 12.34 20.41
C LEU D 199 -14.20 11.18 19.84
N GLY D 200 -13.67 9.96 19.92
CA GLY D 200 -14.41 8.81 19.41
C GLY D 200 -15.69 8.55 20.18
N ARG D 201 -15.66 8.72 21.50
CA ARG D 201 -16.84 8.53 22.31
C ARG D 201 -17.91 9.56 21.98
N ARG D 202 -17.50 10.81 21.72
CA ARG D 202 -18.46 11.83 21.31
C ARG D 202 -19.04 11.52 19.93
N PHE D 203 -18.22 10.99 19.02
CA PHE D 203 -18.75 10.53 17.74
C PHE D 203 -19.80 9.45 17.94
N GLY D 204 -19.51 8.49 18.82
CA GLY D 204 -20.48 7.44 19.09
C GLY D 204 -21.75 7.96 19.71
N ARG D 205 -21.62 8.91 20.63
CA ARG D 205 -22.81 9.52 21.24
C ARG D 205 -23.64 10.26 20.19
N LEU D 206 -22.98 10.95 19.27
CA LEU D 206 -23.68 11.65 18.20
C LEU D 206 -24.43 10.66 17.32
N ASN D 207 -23.79 9.56 16.97
CA ASN D 207 -24.48 8.54 16.16
C ASN D 207 -25.65 7.93 16.92
N ARG D 208 -25.48 7.67 18.21
CA ARG D 208 -26.57 7.14 19.02
C ARG D 208 -27.74 8.11 19.06
N MET D 209 -27.45 9.40 19.23
CA MET D 209 -28.51 10.41 19.22
C MET D 209 -29.21 10.45 17.88
N LEU D 210 -28.44 10.38 16.79
CA LEU D 210 -29.04 10.34 15.46
C LEU D 210 -30.01 9.17 15.33
N SER D 211 -29.56 7.98 15.74
CA SER D 211 -30.38 6.78 15.59
C SER D 211 -31.59 6.79 16.53
N SER D 212 -31.48 7.44 17.69
CA SER D 212 -32.56 7.44 18.66
C SER D 212 -33.57 8.56 18.43
N SER D 213 -33.18 9.62 17.74
CA SER D 213 -34.08 10.74 17.48
C SER D 213 -34.63 10.74 16.06
N PHE D 214 -34.13 9.87 15.18
CA PHE D 214 -34.58 9.85 13.81
C PHE D 214 -34.84 8.44 13.27
N LEU D 215 -34.59 7.40 14.06
CA LEU D 215 -34.91 6.03 13.65
C LEU D 215 -35.51 5.22 14.79
N ALA D 216 -36.05 5.87 15.82
CA ALA D 216 -36.63 5.17 16.94
C ALA D 216 -37.91 5.87 17.40
N ALA D 262 -43.88 22.77 13.16
CA ALA D 262 -43.81 22.92 14.61
C ALA D 262 -42.81 21.92 15.20
N ALA D 263 -43.23 20.66 15.34
CA ALA D 263 -42.36 19.64 15.88
C ALA D 263 -41.26 19.27 14.89
N ALA D 264 -41.62 19.13 13.62
CA ALA D 264 -40.62 18.84 12.59
C ALA D 264 -39.57 19.94 12.49
N LYS D 265 -39.96 21.19 12.74
CA LYS D 265 -38.98 22.28 12.76
C LYS D 265 -37.95 22.07 13.86
N ASN D 266 -38.40 21.70 15.06
CA ASN D 266 -37.47 21.43 16.15
C ASN D 266 -36.61 20.20 15.84
N LYS D 267 -37.18 19.19 15.19
CA LYS D 267 -36.39 18.01 14.83
C LYS D 267 -35.31 18.38 13.82
N GLY D 268 -35.64 19.23 12.86
CA GLY D 268 -34.64 19.71 11.92
C GLY D 268 -33.57 20.57 12.58
N LEU D 269 -33.97 21.38 13.56
CA LEU D 269 -32.99 22.13 14.34
C LEU D 269 -32.04 21.18 15.06
N LEU D 270 -32.58 20.10 15.63
CA LEU D 270 -31.74 19.11 16.30
C LEU D 270 -30.78 18.45 15.31
N LEU D 271 -31.27 18.12 14.12
CA LEU D 271 -30.40 17.55 13.10
C LEU D 271 -29.30 18.52 12.69
N LYS D 272 -29.63 19.80 12.56
CA LYS D 272 -28.60 20.80 12.24
C LYS D 272 -27.56 20.87 13.34
N SER D 273 -27.99 20.83 14.60
CA SER D 273 -27.03 20.81 15.70
C SER D 273 -26.16 19.57 15.66
N LEU D 274 -26.73 18.41 15.33
CA LEU D 274 -25.94 17.19 15.23
C LEU D 274 -24.91 17.27 14.10
N ALA D 275 -25.30 17.85 12.96
CA ALA D 275 -24.36 18.02 11.87
C ALA D 275 -23.23 18.97 12.26
N ASP D 276 -23.57 20.05 12.95
CA ASP D 276 -22.55 20.97 13.43
C ASP D 276 -21.61 20.27 14.40
N SER D 277 -22.16 19.42 15.28
CA SER D 277 -21.33 18.68 16.23
C SER D 277 -20.40 17.71 15.50
N HIS D 278 -20.90 17.05 14.46
CA HIS D 278 -20.05 16.14 13.69
C HIS D 278 -18.91 16.91 13.02
N GLU D 279 -19.22 18.06 12.41
CA GLU D 279 -18.17 18.86 11.78
C GLU D 279 -17.16 19.35 12.81
N SER D 280 -17.64 19.76 13.98
CA SER D 280 -16.75 20.21 15.04
C SER D 280 -15.89 19.07 15.57
N LEU D 281 -16.42 17.85 15.62
CA LEU D 281 -15.62 16.71 16.05
C LEU D 281 -14.55 16.38 15.03
N GLY D 282 -14.89 16.46 13.75
CA GLY D 282 -13.86 16.31 12.72
C GLY D 282 -12.76 17.35 12.84
N LYS D 283 -13.15 18.61 13.06
CA LYS D 283 -12.15 19.65 13.24
C LYS D 283 -11.34 19.45 14.52
N CYS D 284 -11.95 18.89 15.56
CA CYS D 284 -11.20 18.57 16.77
C CYS D 284 -10.18 17.47 16.52
N VAL D 285 -10.56 16.45 15.74
CA VAL D 285 -9.60 15.43 15.35
C VAL D 285 -8.45 16.04 14.58
N HIS D 286 -8.77 16.95 13.65
CA HIS D 286 -7.72 17.60 12.87
C HIS D 286 -6.83 18.49 13.74
N LEU D 287 -7.42 19.12 14.77
CA LEU D 287 -6.62 19.91 15.71
C LEU D 287 -5.68 19.03 16.50
N LEU D 288 -6.20 17.93 17.05
CA LEU D 288 -5.35 16.99 17.76
C LEU D 288 -4.22 16.50 16.87
N SER D 289 -4.53 16.21 15.59
CA SER D 289 -3.47 15.83 14.65
C SER D 289 -2.45 16.94 14.49
N ASN D 290 -2.88 18.15 14.08
CA ASN D 290 -1.94 19.22 13.84
C ASN D 290 -1.11 19.54 15.09
N SER D 291 -1.61 19.19 16.28
CA SER D 291 -0.90 19.52 17.50
C SER D 291 0.07 18.42 17.93
N PHE D 292 -0.34 17.15 17.84
CA PHE D 292 0.44 16.05 18.40
C PHE D 292 0.76 14.96 17.37
N GLY D 293 0.76 15.29 16.08
CA GLY D 293 1.08 14.29 15.09
C GLY D 293 2.53 13.87 15.12
N ILE D 294 3.44 14.83 15.33
CA ILE D 294 4.85 14.49 15.46
C ILE D 294 5.07 13.63 16.70
N ALA D 295 4.35 13.95 17.79
CA ALA D 295 4.44 13.14 19.00
C ALA D 295 3.95 11.72 18.75
N VAL D 296 2.82 11.57 18.05
CA VAL D 296 2.29 10.24 17.76
C VAL D 296 3.24 9.48 16.85
N LEU D 297 3.84 10.17 15.88
CA LEU D 297 4.78 9.52 14.97
C LEU D 297 6.00 9.00 15.73
N PHE D 298 6.55 9.82 16.62
CA PHE D 298 7.69 9.36 17.39
C PHE D 298 7.30 8.28 18.39
N ILE D 299 6.07 8.32 18.91
CA ILE D 299 5.60 7.23 19.76
C ILE D 299 5.54 5.93 18.98
N LEU D 300 5.05 5.98 17.75
CA LEU D 300 4.99 4.78 16.93
C LEU D 300 6.38 4.26 16.59
N VAL D 301 7.29 5.16 16.23
CA VAL D 301 8.67 4.76 15.97
C VAL D 301 9.28 4.12 17.22
N SER D 302 9.02 4.71 18.38
CA SER D 302 9.54 4.17 19.63
C SER D 302 8.97 2.79 19.90
N CYS D 303 7.67 2.61 19.67
CA CYS D 303 7.07 1.29 19.87
C CYS D 303 7.71 0.25 18.97
N LEU D 304 7.87 0.58 17.69
CA LEU D 304 8.48 -0.36 16.75
C LEU D 304 9.90 -0.73 17.18
N LEU D 305 10.74 0.28 17.42
CA LEU D 305 12.12 0.01 17.77
C LEU D 305 12.23 -0.70 19.10
N HIS D 306 11.37 -0.36 20.06
CA HIS D 306 11.39 -1.02 21.35
C HIS D 306 10.99 -2.48 21.24
N LEU D 307 9.95 -2.77 20.46
CA LEU D 307 9.57 -4.16 20.26
C LEU D 307 10.71 -4.94 19.63
N VAL D 308 11.33 -4.38 18.58
CA VAL D 308 12.44 -5.09 17.94
C VAL D 308 13.59 -5.32 18.91
N ALA D 309 14.02 -4.28 19.61
CA ALA D 309 15.17 -4.39 20.52
C ALA D 309 14.88 -5.33 21.68
N THR D 310 13.68 -5.25 22.26
CA THR D 310 13.35 -6.10 23.39
C THR D 310 13.25 -7.55 22.96
N ALA D 311 12.69 -7.81 21.78
CA ALA D 311 12.64 -9.18 21.28
C ALA D 311 14.05 -9.70 21.00
N TYR D 312 14.92 -8.85 20.48
CA TYR D 312 16.31 -9.26 20.25
C TYR D 312 17.01 -9.60 21.56
N PHE D 313 16.82 -8.77 22.59
CA PHE D 313 17.42 -9.06 23.88
C PHE D 313 16.85 -10.33 24.49
N LEU D 314 15.54 -10.53 24.34
CA LEU D 314 14.91 -11.75 24.84
C LEU D 314 15.47 -12.98 24.15
N PHE D 315 15.67 -12.89 22.83
CA PHE D 315 16.22 -14.02 22.09
C PHE D 315 17.66 -14.30 22.53
N LEU D 316 18.45 -13.24 22.75
CA LEU D 316 19.80 -13.42 23.26
C LEU D 316 19.79 -14.12 24.61
N GLU D 317 18.97 -13.64 25.54
CA GLU D 317 18.92 -14.25 26.87
C GLU D 317 18.37 -15.67 26.80
N LEU D 318 17.52 -15.96 25.81
CA LEU D 318 16.97 -17.29 25.67
C LEU D 318 18.01 -18.26 25.14
N LEU D 319 18.90 -17.78 24.26
CA LEU D 319 20.03 -18.61 23.85
C LEU D 319 20.98 -18.84 25.01
N SER D 320 21.41 -17.75 25.67
CA SER D 320 22.37 -17.89 26.76
C SER D 320 21.73 -18.43 28.02
N LYS D 321 20.48 -18.04 28.29
CA LYS D 321 19.76 -18.48 29.47
C LYS D 321 20.52 -18.13 30.76
N ARG D 322 21.19 -16.97 30.76
CA ARG D 322 21.92 -16.57 31.96
C ARG D 322 20.96 -16.25 33.10
N ASP D 323 19.81 -15.64 32.80
CA ASP D 323 18.84 -15.25 33.80
C ASP D 323 17.43 -15.49 33.26
N ASN D 324 16.51 -15.84 34.17
CA ASN D 324 15.12 -16.03 33.78
C ASN D 324 14.28 -14.80 34.11
N GLY D 325 14.58 -14.14 35.22
CA GLY D 325 13.91 -12.89 35.52
C GLY D 325 14.09 -11.86 34.43
N TYR D 326 15.27 -11.83 33.82
CA TYR D 326 15.51 -10.96 32.67
C TYR D 326 14.57 -11.31 31.53
N LEU D 327 14.40 -12.61 31.25
CA LEU D 327 13.50 -13.02 30.19
C LEU D 327 12.07 -12.57 30.48
N TRP D 328 11.60 -12.77 31.71
CA TRP D 328 10.23 -12.38 32.04
C TRP D 328 10.06 -10.87 31.99
N VAL D 329 11.09 -10.12 32.39
CA VAL D 329 11.02 -8.66 32.30
C VAL D 329 10.96 -8.23 30.84
N GLN D 330 11.68 -8.92 29.95
CA GLN D 330 11.59 -8.60 28.53
C GLN D 330 10.22 -8.92 27.97
N MET D 331 9.61 -10.03 28.41
CA MET D 331 8.23 -10.31 27.98
C MET D 331 7.28 -9.23 28.45
N LEU D 332 7.45 -8.79 29.70
CA LEU D 332 6.60 -7.71 30.22
C LEU D 332 6.80 -6.43 29.44
N TRP D 333 8.05 -6.14 29.04
CA TRP D 333 8.32 -4.96 28.23
C TRP D 333 7.66 -5.07 26.86
N ILE D 334 7.69 -6.26 26.26
CA ILE D 334 7.00 -6.47 24.99
C ILE D 334 5.51 -6.21 25.16
N CYS D 335 4.92 -6.75 26.23
CA CYS D 335 3.50 -6.53 26.49
C CYS D 335 3.20 -5.05 26.67
N PHE D 336 4.04 -4.34 27.42
CA PHE D 336 3.82 -2.91 27.65
C PHE D 336 3.92 -2.11 26.36
N HIS D 337 4.92 -2.40 25.53
CA HIS D 337 5.07 -1.69 24.27
C HIS D 337 3.91 -1.97 23.33
N PHE D 338 3.47 -3.22 23.25
CA PHE D 338 2.30 -3.54 22.41
C PHE D 338 1.05 -2.86 22.94
N LEU D 339 0.88 -2.83 24.26
CA LEU D 339 -0.30 -2.20 24.84
C LEU D 339 -0.33 -0.71 24.59
N ARG D 340 0.82 -0.04 24.67
CA ARG D 340 0.85 1.39 24.38
C ARG D 340 0.72 1.68 22.88
N LEU D 341 1.25 0.81 22.03
CA LEU D 341 0.97 0.92 20.60
C LEU D 341 -0.53 0.86 20.34
N LEU D 342 -1.21 -0.09 20.98
CA LEU D 342 -2.67 -0.14 20.88
C LEU D 342 -3.30 1.11 21.46
N MET D 343 -2.79 1.59 22.59
CA MET D 343 -3.28 2.81 23.22
C MET D 343 -3.24 4.00 22.28
N VAL D 344 -2.23 4.08 21.41
CA VAL D 344 -2.13 5.17 20.45
C VAL D 344 -2.86 4.87 19.14
N VAL D 345 -3.09 3.60 18.83
CA VAL D 345 -3.71 3.26 17.54
C VAL D 345 -5.23 3.16 17.62
N GLU D 346 -5.76 2.43 18.61
CA GLU D 346 -7.18 2.16 18.72
C GLU D 346 -8.04 3.42 18.84
N PRO D 347 -7.59 4.45 19.56
CA PRO D 347 -8.42 5.66 19.65
C PRO D 347 -8.73 6.27 18.30
N CYS D 348 -7.70 6.48 17.46
CA CYS D 348 -7.93 7.06 16.14
C CYS D 348 -8.79 6.15 15.27
N HIS D 349 -8.54 4.84 15.33
CA HIS D 349 -9.34 3.90 14.57
C HIS D 349 -10.80 3.97 14.96
N LEU D 350 -11.08 4.00 16.27
CA LEU D 350 -12.45 4.11 16.74
C LEU D 350 -13.09 5.42 16.31
N ALA D 351 -12.34 6.52 16.41
CA ALA D 351 -12.88 7.81 15.99
C ALA D 351 -13.28 7.79 14.52
N ALA D 352 -12.37 7.31 13.66
CA ALA D 352 -12.67 7.25 12.23
C ALA D 352 -13.83 6.31 11.95
N ARG D 353 -13.88 5.16 12.62
CA ARG D 353 -14.95 4.19 12.40
C ARG D 353 -16.29 4.78 12.80
N GLU D 354 -16.35 5.51 13.93
CA GLU D 354 -17.61 6.07 14.39
C GLU D 354 -18.04 7.24 13.50
N SER D 355 -17.07 8.01 13.00
CA SER D 355 -17.43 9.12 12.12
C SER D 355 -17.85 8.66 10.74
N ARG D 356 -17.32 7.53 10.26
CA ARG D 356 -17.63 7.03 8.93
C ARG D 356 -18.91 6.20 8.88
N LYS D 357 -19.46 5.83 10.03
CA LYS D 357 -20.71 5.10 10.07
C LYS D 357 -21.94 6.00 10.20
N THR D 358 -21.73 7.32 10.27
CA THR D 358 -22.85 8.24 10.37
C THR D 358 -23.55 8.43 9.03
N ILE D 359 -22.81 8.28 7.93
CA ILE D 359 -23.40 8.48 6.61
C ILE D 359 -24.44 7.42 6.32
N GLN D 360 -24.25 6.19 6.81
CA GLN D 360 -25.26 5.16 6.62
C GLN D 360 -26.53 5.49 7.39
N ILE D 361 -26.38 5.99 8.62
CA ILE D 361 -27.54 6.43 9.38
C ILE D 361 -28.26 7.55 8.66
N VAL D 362 -27.51 8.50 8.10
CA VAL D 362 -28.12 9.60 7.38
C VAL D 362 -28.85 9.10 6.13
N CYS D 363 -28.28 8.11 5.43
CA CYS D 363 -28.98 7.51 4.31
C CYS D 363 -30.28 6.87 4.76
N GLU D 364 -30.26 6.20 5.92
CA GLU D 364 -31.50 5.63 6.45
C GLU D 364 -32.54 6.71 6.71
N ILE D 365 -32.13 7.83 7.32
CA ILE D 365 -33.07 8.93 7.54
C ILE D 365 -33.62 9.43 6.21
N GLU D 366 -32.74 9.62 5.22
CA GLU D 366 -33.20 10.02 3.88
C GLU D 366 -34.29 9.09 3.38
N ARG D 367 -34.04 7.78 3.47
CA ARG D 367 -34.96 6.77 2.97
C ARG D 367 -36.25 6.75 3.79
N LYS D 368 -36.21 7.27 5.01
CA LYS D 368 -37.36 7.23 5.89
C LYS D 368 -38.00 8.61 6.11
N VAL D 369 -37.27 9.69 5.83
CA VAL D 369 -37.77 11.05 6.05
C VAL D 369 -38.59 11.48 4.85
N HIS D 370 -39.61 12.30 5.09
CA HIS D 370 -40.48 12.80 4.03
C HIS D 370 -40.69 14.31 4.15
N GLU D 371 -40.58 14.85 5.35
CA GLU D 371 -40.84 16.26 5.55
C GLU D 371 -39.90 17.10 4.69
N PRO D 372 -40.37 18.23 4.14
CA PRO D 372 -39.54 19.00 3.20
C PRO D 372 -38.28 19.58 3.85
N ILE D 373 -38.47 20.36 4.91
CA ILE D 373 -37.33 21.02 5.54
C ILE D 373 -36.40 19.99 6.17
N LEU D 374 -36.96 18.97 6.83
CA LEU D 374 -36.13 17.94 7.44
C LEU D 374 -35.40 17.13 6.37
N ALA D 375 -36.08 16.84 5.25
CA ALA D 375 -35.41 16.13 4.17
C ALA D 375 -34.26 16.95 3.61
N GLU D 376 -34.47 18.27 3.46
CA GLU D 376 -33.39 19.12 2.97
C GLU D 376 -32.22 19.16 3.96
N ALA D 377 -32.52 19.22 5.26
CA ALA D 377 -31.45 19.20 6.26
C ALA D 377 -30.67 17.89 6.20
N VAL D 378 -31.38 16.78 6.02
CA VAL D 378 -30.72 15.48 5.93
C VAL D 378 -29.87 15.40 4.68
N LYS D 379 -30.35 15.98 3.58
CA LYS D 379 -29.55 16.05 2.36
C LYS D 379 -28.28 16.85 2.57
N LYS D 380 -28.40 17.99 3.26
CA LYS D 380 -27.23 18.80 3.58
C LYS D 380 -26.24 18.00 4.42
N PHE D 381 -26.75 17.25 5.39
CA PHE D 381 -25.89 16.45 6.25
C PHE D 381 -25.18 15.35 5.46
N TRP D 382 -25.91 14.69 4.55
CA TRP D 382 -25.29 13.67 3.71
C TRP D 382 -24.20 14.26 2.84
N GLN D 383 -24.47 15.43 2.25
CA GLN D 383 -23.45 16.12 1.47
C GLN D 383 -22.23 16.45 2.32
N GLN D 384 -22.45 16.92 3.55
CA GLN D 384 -21.34 17.23 4.44
C GLN D 384 -20.52 15.99 4.75
N LEU D 385 -21.18 14.87 5.01
CA LEU D 385 -20.49 13.64 5.36
C LEU D 385 -19.77 13.00 4.18
N LEU D 386 -20.24 13.24 2.96
CA LEU D 386 -19.61 12.62 1.80
C LEU D 386 -18.14 13.01 1.67
N VAL D 387 -17.76 14.17 2.20
CA VAL D 387 -16.42 14.71 2.00
C VAL D 387 -15.70 14.89 3.34
N VAL D 388 -16.04 14.04 4.31
CA VAL D 388 -15.45 14.15 5.64
C VAL D 388 -14.11 13.45 5.67
N ASP D 389 -13.10 14.13 6.20
CA ASP D 389 -11.78 13.54 6.41
C ASP D 389 -11.66 13.16 7.89
N ALA D 390 -11.78 11.87 8.16
CA ALA D 390 -11.89 11.37 9.53
C ALA D 390 -10.59 10.77 10.04
N ASP D 391 -9.82 10.10 9.18
CA ASP D 391 -8.65 9.38 9.64
C ASP D 391 -7.63 10.33 10.23
N PHE D 392 -6.98 9.87 11.30
CA PHE D 392 -5.96 10.66 12.00
C PHE D 392 -4.64 10.56 11.27
N SER D 393 -4.00 11.70 11.03
CA SER D 393 -2.74 11.76 10.29
C SER D 393 -1.60 12.12 11.23
N ALA D 394 -0.54 11.32 11.20
CA ALA D 394 0.64 11.57 12.03
C ALA D 394 1.64 12.37 11.19
N CYS D 395 1.40 13.68 11.11
CA CYS D 395 2.23 14.61 10.35
C CYS D 395 2.27 14.28 8.86
N GLY D 396 1.23 13.62 8.36
CA GLY D 396 1.16 13.24 6.96
C GLY D 396 1.96 12.02 6.59
N LEU D 397 2.77 11.48 7.51
CA LEU D 397 3.56 10.30 7.21
C LEU D 397 2.69 9.06 7.09
N CYS D 398 1.68 8.93 7.94
CA CYS D 398 0.82 7.76 7.93
C CYS D 398 -0.51 8.12 8.56
N ARG D 399 -1.53 7.34 8.23
CA ARG D 399 -2.83 7.43 8.88
C ARG D 399 -2.90 6.41 10.00
N VAL D 400 -3.13 6.88 11.22
CA VAL D 400 -3.06 6.03 12.41
C VAL D 400 -4.36 5.25 12.48
N ASN D 401 -4.26 3.94 12.25
CA ASN D 401 -5.38 3.02 12.38
C ASN D 401 -4.82 1.64 12.68
N ARG D 402 -5.68 0.63 12.67
CA ARG D 402 -5.24 -0.72 12.97
C ARG D 402 -4.36 -1.32 11.88
N THR D 403 -4.52 -0.86 10.64
CA THR D 403 -3.66 -1.33 9.56
C THR D 403 -2.18 -1.17 9.90
N ILE D 404 -1.81 -0.04 10.50
CA ILE D 404 -0.44 0.16 10.97
C ILE D 404 0.08 -1.10 11.65
N LEU D 405 -0.69 -1.67 12.58
CA LEU D 405 -0.26 -2.86 13.28
C LEU D 405 0.30 -3.90 12.30
N THR D 406 -0.50 -4.27 11.30
CA THR D 406 -0.03 -5.21 10.29
C THR D 406 1.34 -4.79 9.77
N SER D 407 1.44 -3.58 9.22
CA SER D 407 2.73 -3.09 8.74
C SER D 407 3.80 -3.25 9.81
N PHE D 408 3.52 -2.79 11.03
CA PHE D 408 4.48 -2.94 12.11
C PHE D 408 4.95 -4.38 12.21
N ALA D 409 4.02 -5.32 12.25
CA ALA D 409 4.40 -6.73 12.33
C ALA D 409 5.40 -7.08 11.24
N SER D 410 5.09 -6.72 9.99
CA SER D 410 6.01 -6.99 8.90
C SER D 410 7.39 -6.45 9.23
N ALA D 411 7.48 -5.18 9.62
CA ALA D 411 8.77 -4.62 10.01
C ALA D 411 9.38 -5.41 11.15
N ILE D 412 8.59 -5.70 12.18
CA ILE D 412 9.11 -6.44 13.33
C ILE D 412 9.50 -7.85 12.90
N ALA D 413 8.89 -8.35 11.82
CA ALA D 413 9.27 -9.65 11.31
C ALA D 413 10.57 -9.57 10.52
N THR D 414 10.80 -8.43 9.86
CA THR D 414 11.98 -8.31 9.00
C THR D 414 13.21 -7.89 9.80
N TYR D 415 13.18 -6.71 10.40
CA TYR D 415 14.35 -6.19 11.08
C TYR D 415 14.88 -7.17 12.11
N LEU D 416 14.00 -7.60 13.03
CA LEU D 416 14.38 -8.53 14.09
C LEU D 416 15.03 -9.77 13.50
N VAL D 417 14.44 -10.35 12.46
CA VAL D 417 15.02 -11.55 11.83
C VAL D 417 16.42 -11.22 11.32
N ALA D 418 16.73 -9.93 10.59
CA ALA D 418 18.04 -9.45 10.16
C ALA D 418 18.98 -9.33 11.35
N LEU D 419 18.33 -8.86 12.40
CA LEU D 419 19.17 -8.67 13.56
C LEU D 419 19.68 -10.02 14.08
N ILE D 420 18.81 -11.03 14.04
CA ILE D 420 19.17 -12.36 14.51
C ILE D 420 20.22 -12.91 13.58
N GLN D 421 20.02 -12.73 12.28
CA GLN D 421 20.99 -13.23 11.33
C GLN D 421 22.33 -12.55 11.57
N PHE D 422 22.28 -11.27 11.93
CA PHE D 422 23.49 -10.50 12.20
C PHE D 422 24.28 -11.07 13.37
N GLN D 423 23.57 -11.63 14.35
CA GLN D 423 24.23 -12.23 15.52
C GLN D 423 25.05 -13.42 15.06
N ARG D 424 24.48 -14.24 14.20
CA ARG D 424 25.16 -15.42 13.68
C ARG D 424 26.38 -15.00 12.87
N THR D 425 26.22 -13.94 12.07
CA THR D 425 27.30 -13.44 11.24
C THR D 425 28.26 -12.57 12.05
NA NA E . 21.71 -12.64 5.32
NA NA F . 11.45 -6.67 2.81
C1 FRU G . 29.89 13.07 -2.65
C2 FRU G . 29.32 11.69 -2.34
C3 FRU G . 27.85 11.79 -2.11
C4 FRU G . 27.55 10.92 -0.97
C5 FRU G . 28.82 10.79 -0.19
C6 FRU G . 29.02 9.40 0.30
O1 FRU G . 31.06 12.91 -3.40
O2 FRU G . 29.56 10.83 -3.37
O3 FRU G . 27.13 11.34 -3.28
O4 FRU G . 26.52 11.51 -0.14
O5 FRU G . 29.94 11.16 -1.10
O6 FRU G . 28.93 8.49 -0.76
H11 FRU G . 30.08 13.53 -1.82
H12 FRU G . 29.25 13.57 -3.17
H3 FRU G . 27.61 12.70 -1.88
H4 FRU G . 27.26 10.05 -1.29
H5 FRU G . 28.79 11.40 0.56
H61 FRU G . 29.91 9.32 0.70
H62 FRU G . 28.35 9.18 0.96
HO1 FRU G . 31.10 13.53 -3.99
HO2 FRU G . 29.38 10.03 -3.13
HO3 FRU G . 26.30 11.27 -3.08
HO4 FRU G . 26.41 11.05 0.55
HO6 FRU G . 29.64 8.51 -1.23
C1 FRU H . 16.87 -17.46 -21.97
C2 FRU H . 16.95 -17.20 -20.47
C3 FRU H . 16.06 -16.07 -20.10
C4 FRU H . 16.81 -15.24 -19.14
C5 FRU H . 18.25 -15.51 -19.39
C6 FRU H . 19.00 -15.61 -18.10
O1 FRU H . 17.25 -18.78 -22.23
O2 FRU H . 16.59 -18.32 -19.78
O3 FRU H . 14.86 -16.58 -19.49
O4 FRU H . 16.52 -13.84 -19.37
O5 FRU H . 18.35 -16.81 -20.11
O6 FRU H . 18.40 -16.55 -17.26
H11 FRU H . 17.47 -16.86 -22.43
H12 FRU H . 15.96 -17.32 -22.27
H3 FRU H . 15.84 -15.54 -20.88
H4 FRU H . 16.56 -15.49 -18.24
H5 FRU H . 18.62 -14.82 -19.93
H61 FRU H . 19.91 -15.87 -18.28
H62 FRU H . 19.00 -14.74 -17.67
HO1 FRU H . 16.76 -19.10 -22.84
HO2 FRU H . 16.80 -18.23 -18.96
HO3 FRU H . 14.42 -15.92 -19.16
HO4 FRU H . 16.39 -13.46 -18.64
HO6 FRU H . 18.60 -17.34 -17.52
C1 FRU I . 1.03 -31.07 10.23
C2 FRU I . 2.04 -29.95 10.02
C3 FRU I . 1.42 -28.82 9.27
C4 FRU I . 2.40 -28.36 8.31
C5 FRU I . 3.33 -29.51 8.07
C6 FRU I . 4.74 -29.06 7.98
O1 FRU I . 1.40 -31.81 11.36
O2 FRU I . 2.50 -29.49 11.23
O3 FRU I . 1.06 -27.76 10.19
O4 FRU I . 1.76 -27.98 7.08
O5 FRU I . 3.18 -30.45 9.22
O6 FRU I . 5.09 -28.30 9.10
H11 FRU I . 1.02 -31.64 9.45
H12 FRU I . 0.15 -30.69 10.38
H3 FRU I . 0.62 -29.14 8.80
H4 FRU I . 2.89 -27.61 8.68
H5 FRU I . 3.07 -29.96 7.25
H61 FRU I . 5.32 -29.84 7.94
H62 FRU I . 4.87 -28.53 7.18
HO1 FRU I . 0.69 -32.05 11.78
HO2 FRU I . 3.17 -28.98 11.11
HO3 FRU I . 0.83 -27.07 9.73
HO4 FRU I . 2.34 -27.79 6.50
HO6 FRU I . 5.21 -28.81 9.77
C1 FRU J . 14.06 -0.56 29.55
C2 FRU J . 14.41 -1.08 28.16
C3 FRU J . 13.22 -0.97 27.25
C4 FRU J . 13.19 -2.19 26.46
C5 FRU J . 13.93 -3.23 27.25
C6 FRU J . 14.78 -4.07 26.37
O1 FRU J . 15.23 -0.14 30.19
O2 FRU J . 15.44 -0.36 27.63
O3 FRU J . 13.36 0.18 26.40
O4 FRU J . 11.83 -2.62 26.25
O5 FRU J . 14.78 -2.51 28.24
O6 FRU J . 15.62 -3.26 25.59
H11 FRU J . 13.65 -1.28 30.06
H12 FRU J . 13.45 0.18 29.47
H3 FRU J . 12.41 -0.91 27.79
H4 FRU J . 13.63 -2.04 25.61
H5 FRU J . 13.29 -3.78 27.72
H61 FRU J . 15.34 -4.65 26.92
H62 FRU J . 14.23 -4.61 25.79
HO1 FRU J . 15.06 0.56 30.65
HO2 FRU J . 15.73 -0.74 26.93
HO3 FRU J . 12.75 0.16 25.80
HO4 FRU J . 11.82 -3.36 25.87
HO6 FRU J . 16.27 -2.97 26.06
#